data_7C7E
# 
_entry.id   7C7E 
# 
_audit_conform.dict_name       mmcif_pdbx.dic 
_audit_conform.dict_version    5.397 
_audit_conform.dict_location   http://mmcif.pdb.org/dictionaries/ascii/mmcif_pdbx.dic 
# 
loop_
_database_2.database_id 
_database_2.database_code 
_database_2.pdbx_database_accession 
_database_2.pdbx_DOI 
PDB   7C7E         pdb_00007c7e 10.2210/pdb7c7e/pdb 
WWPDB D_1300017132 ?            ?                   
# 
loop_
_pdbx_audit_revision_history.ordinal 
_pdbx_audit_revision_history.data_content_type 
_pdbx_audit_revision_history.major_revision 
_pdbx_audit_revision_history.minor_revision 
_pdbx_audit_revision_history.revision_date 
1 'Structure model' 1 0 2021-01-20 
2 'Structure model' 1 1 2024-10-23 
# 
_pdbx_audit_revision_details.ordinal             1 
_pdbx_audit_revision_details.revision_ordinal    1 
_pdbx_audit_revision_details.data_content_type   'Structure model' 
_pdbx_audit_revision_details.provider            repository 
_pdbx_audit_revision_details.type                'Initial release' 
_pdbx_audit_revision_details.description         ? 
_pdbx_audit_revision_details.details             ? 
# 
loop_
_pdbx_audit_revision_group.ordinal 
_pdbx_audit_revision_group.revision_ordinal 
_pdbx_audit_revision_group.data_content_type 
_pdbx_audit_revision_group.group 
1 2 'Structure model' 'Data collection'     
2 2 'Structure model' 'Database references' 
3 2 'Structure model' 'Structure summary'   
# 
loop_
_pdbx_audit_revision_category.ordinal 
_pdbx_audit_revision_category.revision_ordinal 
_pdbx_audit_revision_category.data_content_type 
_pdbx_audit_revision_category.category 
1 2 'Structure model' chem_comp_atom            
2 2 'Structure model' chem_comp_bond            
3 2 'Structure model' database_2                
4 2 'Structure model' pdbx_entry_details        
5 2 'Structure model' pdbx_modification_feature 
# 
loop_
_pdbx_audit_revision_item.ordinal 
_pdbx_audit_revision_item.revision_ordinal 
_pdbx_audit_revision_item.data_content_type 
_pdbx_audit_revision_item.item 
1 2 'Structure model' '_database_2.pdbx_DOI'                         
2 2 'Structure model' '_database_2.pdbx_database_accession'          
3 2 'Structure model' '_pdbx_entry_details.has_protein_modification' 
# 
_pdbx_database_status.status_code                     REL 
_pdbx_database_status.status_code_sf                  REL 
_pdbx_database_status.status_code_mr                  ? 
_pdbx_database_status.entry_id                        7C7E 
_pdbx_database_status.recvd_initial_deposition_date   2020-05-25 
_pdbx_database_status.SG_entry                        N 
_pdbx_database_status.deposit_site                    PDBJ 
_pdbx_database_status.process_site                    PDBJ 
_pdbx_database_status.status_code_cs                  ? 
_pdbx_database_status.status_code_nmr_data            ? 
_pdbx_database_status.methods_development_category    ? 
_pdbx_database_status.pdb_format_compatible           Y 
# 
_audit_author.name               'Lin, W.' 
_audit_author.pdbx_ordinal       1 
_audit_author.identifier_ORCID   ? 
# 
_citation.abstract                  ? 
_citation.abstract_id_CAS           ? 
_citation.book_id_ISBN              ? 
_citation.book_publisher            ? 
_citation.book_publisher_city       ? 
_citation.book_title                ? 
_citation.coordinate_linkage        ? 
_citation.country                   CH 
_citation.database_id_Medline       ? 
_citation.details                   ? 
_citation.id                        primary 
_citation.journal_abbrev            'Front Microbiol' 
_citation.journal_id_ASTM           ? 
_citation.journal_id_CSD            ? 
_citation.journal_id_ISSN           1664-302X 
_citation.journal_full              ? 
_citation.journal_issue             ? 
_citation.journal_volume            11 
_citation.language                  ? 
_citation.page_first                590330 
_citation.page_last                 590330 
_citation.title                     
;Structural and Functional Analyses of the Transcription Repressor DgoR From Escherichia coli Reveal a Divalent Metal-Containing D-Galactonate Binding Pocket.
;
_citation.year                      2020 
_citation.database_id_CSD           ? 
_citation.pdbx_database_id_DOI      10.3389/fmicb.2020.590330 
_citation.pdbx_database_id_PubMed   33224125 
_citation.unpublished_flag          ? 
# 
loop_
_citation_author.citation_id 
_citation_author.name 
_citation_author.ordinal 
_citation_author.identifier_ORCID 
primary 'Lin, Z.'   1 ? 
primary 'Sun, Y.'   2 ? 
primary 'Liu, Y.'   3 ? 
primary 'Tong, S.'  4 ? 
primary 'Shang, Z.' 5 ? 
primary 'Cai, Y.'   6 ? 
primary 'Lin, W.'   7 ? 
# 
loop_
_entity.id 
_entity.type 
_entity.src_method 
_entity.pdbx_description 
_entity.formula_weight 
_entity.pdbx_number_of_molecules 
_entity.pdbx_ec 
_entity.pdbx_mutation 
_entity.pdbx_fragment 
_entity.details 
1 polymer     man 'Putative DNA-binding transcriptional regulator' 26485.758 1  ? ? ? ? 
2 non-polymer syn 'ZINC ION'                                       65.409    1  ? ? ? ? 
3 non-polymer syn 'SULFATE ION'                                    96.063    1  ? ? ? ? 
4 non-polymer syn 'TRIETHYLENE GLYCOL'                             150.173   1  ? ? ? ? 
5 water       nat water                                            18.015    32 ? ? ? ? 
# 
_entity_poly.entity_id                      1 
_entity_poly.type                           'polypeptide(L)' 
_entity_poly.nstd_linkage                   no 
_entity_poly.nstd_monomer                   yes 
_entity_poly.pdbx_seq_one_letter_code       
;(MSE)TLNKTDRIVITLGKQIVHGKYVPGSPLPAEAELCEEFATSRNIIREVFRSL(MSE)AKRLIE(MSE)KRYRGAFV
APRNQWNYLDTDVLQWVLENDYDPRLISA(MSE)SEVRNLVEPAIARWAAERATSSDLAQIESALNE(MSE)IANNQDRE
AFNEADIRYHEAVLQSVHNPVLQQLSIAISSLQRAVFERTW(MSE)GDEAN(MSE)PQTLQEHKALFDAIRHQDGDAAEQ
AALT(MSE)IASSTRRLKEIT
;
_entity_poly.pdbx_seq_one_letter_code_can   
;MTLNKTDRIVITLGKQIVHGKYVPGSPLPAEAELCEEFATSRNIIREVFRSLMAKRLIEMKRYRGAFVAPRNQWNYLDTD
VLQWVLENDYDPRLISAMSEVRNLVEPAIARWAAERATSSDLAQIESALNEMIANNQDREAFNEADIRYHEAVLQSVHNP
VLQQLSIAISSLQRAVFERTWMGDEANMPQTLQEHKALFDAIRHQDGDAAEQAALTMIASSTRRLKEIT
;
_entity_poly.pdbx_strand_id                 A 
_entity_poly.pdbx_target_identifier         ? 
# 
loop_
_pdbx_entity_nonpoly.entity_id 
_pdbx_entity_nonpoly.name 
_pdbx_entity_nonpoly.comp_id 
2 'ZINC ION'           ZN  
3 'SULFATE ION'        SO4 
4 'TRIETHYLENE GLYCOL' PGE 
5 water                HOH 
# 
loop_
_entity_poly_seq.entity_id 
_entity_poly_seq.num 
_entity_poly_seq.mon_id 
_entity_poly_seq.hetero 
1 1   MSE n 
1 2   THR n 
1 3   LEU n 
1 4   ASN n 
1 5   LYS n 
1 6   THR n 
1 7   ASP n 
1 8   ARG n 
1 9   ILE n 
1 10  VAL n 
1 11  ILE n 
1 12  THR n 
1 13  LEU n 
1 14  GLY n 
1 15  LYS n 
1 16  GLN n 
1 17  ILE n 
1 18  VAL n 
1 19  HIS n 
1 20  GLY n 
1 21  LYS n 
1 22  TYR n 
1 23  VAL n 
1 24  PRO n 
1 25  GLY n 
1 26  SER n 
1 27  PRO n 
1 28  LEU n 
1 29  PRO n 
1 30  ALA n 
1 31  GLU n 
1 32  ALA n 
1 33  GLU n 
1 34  LEU n 
1 35  CYS n 
1 36  GLU n 
1 37  GLU n 
1 38  PHE n 
1 39  ALA n 
1 40  THR n 
1 41  SER n 
1 42  ARG n 
1 43  ASN n 
1 44  ILE n 
1 45  ILE n 
1 46  ARG n 
1 47  GLU n 
1 48  VAL n 
1 49  PHE n 
1 50  ARG n 
1 51  SER n 
1 52  LEU n 
1 53  MSE n 
1 54  ALA n 
1 55  LYS n 
1 56  ARG n 
1 57  LEU n 
1 58  ILE n 
1 59  GLU n 
1 60  MSE n 
1 61  LYS n 
1 62  ARG n 
1 63  TYR n 
1 64  ARG n 
1 65  GLY n 
1 66  ALA n 
1 67  PHE n 
1 68  VAL n 
1 69  ALA n 
1 70  PRO n 
1 71  ARG n 
1 72  ASN n 
1 73  GLN n 
1 74  TRP n 
1 75  ASN n 
1 76  TYR n 
1 77  LEU n 
1 78  ASP n 
1 79  THR n 
1 80  ASP n 
1 81  VAL n 
1 82  LEU n 
1 83  GLN n 
1 84  TRP n 
1 85  VAL n 
1 86  LEU n 
1 87  GLU n 
1 88  ASN n 
1 89  ASP n 
1 90  TYR n 
1 91  ASP n 
1 92  PRO n 
1 93  ARG n 
1 94  LEU n 
1 95  ILE n 
1 96  SER n 
1 97  ALA n 
1 98  MSE n 
1 99  SER n 
1 100 GLU n 
1 101 VAL n 
1 102 ARG n 
1 103 ASN n 
1 104 LEU n 
1 105 VAL n 
1 106 GLU n 
1 107 PRO n 
1 108 ALA n 
1 109 ILE n 
1 110 ALA n 
1 111 ARG n 
1 112 TRP n 
1 113 ALA n 
1 114 ALA n 
1 115 GLU n 
1 116 ARG n 
1 117 ALA n 
1 118 THR n 
1 119 SER n 
1 120 SER n 
1 121 ASP n 
1 122 LEU n 
1 123 ALA n 
1 124 GLN n 
1 125 ILE n 
1 126 GLU n 
1 127 SER n 
1 128 ALA n 
1 129 LEU n 
1 130 ASN n 
1 131 GLU n 
1 132 MSE n 
1 133 ILE n 
1 134 ALA n 
1 135 ASN n 
1 136 ASN n 
1 137 GLN n 
1 138 ASP n 
1 139 ARG n 
1 140 GLU n 
1 141 ALA n 
1 142 PHE n 
1 143 ASN n 
1 144 GLU n 
1 145 ALA n 
1 146 ASP n 
1 147 ILE n 
1 148 ARG n 
1 149 TYR n 
1 150 HIS n 
1 151 GLU n 
1 152 ALA n 
1 153 VAL n 
1 154 LEU n 
1 155 GLN n 
1 156 SER n 
1 157 VAL n 
1 158 HIS n 
1 159 ASN n 
1 160 PRO n 
1 161 VAL n 
1 162 LEU n 
1 163 GLN n 
1 164 GLN n 
1 165 LEU n 
1 166 SER n 
1 167 ILE n 
1 168 ALA n 
1 169 ILE n 
1 170 SER n 
1 171 SER n 
1 172 LEU n 
1 173 GLN n 
1 174 ARG n 
1 175 ALA n 
1 176 VAL n 
1 177 PHE n 
1 178 GLU n 
1 179 ARG n 
1 180 THR n 
1 181 TRP n 
1 182 MSE n 
1 183 GLY n 
1 184 ASP n 
1 185 GLU n 
1 186 ALA n 
1 187 ASN n 
1 188 MSE n 
1 189 PRO n 
1 190 GLN n 
1 191 THR n 
1 192 LEU n 
1 193 GLN n 
1 194 GLU n 
1 195 HIS n 
1 196 LYS n 
1 197 ALA n 
1 198 LEU n 
1 199 PHE n 
1 200 ASP n 
1 201 ALA n 
1 202 ILE n 
1 203 ARG n 
1 204 HIS n 
1 205 GLN n 
1 206 ASP n 
1 207 GLY n 
1 208 ASP n 
1 209 ALA n 
1 210 ALA n 
1 211 GLU n 
1 212 GLN n 
1 213 ALA n 
1 214 ALA n 
1 215 LEU n 
1 216 THR n 
1 217 MSE n 
1 218 ILE n 
1 219 ALA n 
1 220 SER n 
1 221 SER n 
1 222 THR n 
1 223 ARG n 
1 224 ARG n 
1 225 LEU n 
1 226 LYS n 
1 227 GLU n 
1 228 ILE n 
1 229 THR n 
# 
_entity_src_gen.entity_id                          1 
_entity_src_gen.pdbx_src_id                        1 
_entity_src_gen.pdbx_alt_source_flag               sample 
_entity_src_gen.pdbx_seq_type                      'Biological sequence' 
_entity_src_gen.pdbx_beg_seq_num                   1 
_entity_src_gen.pdbx_end_seq_num                   229 
_entity_src_gen.gene_src_common_name               ? 
_entity_src_gen.gene_src_genus                     ? 
_entity_src_gen.pdbx_gene_src_gene                 'dgoR, ECIAI39_4297' 
_entity_src_gen.gene_src_species                   ? 
_entity_src_gen.gene_src_strain                    ? 
_entity_src_gen.gene_src_tissue                    ? 
_entity_src_gen.gene_src_tissue_fraction           ? 
_entity_src_gen.gene_src_details                   ? 
_entity_src_gen.pdbx_gene_src_fragment             ? 
_entity_src_gen.pdbx_gene_src_scientific_name      'Escherichia coli O7:K1 (strain IAI39 / ExPEC)' 
_entity_src_gen.pdbx_gene_src_ncbi_taxonomy_id     585057 
_entity_src_gen.pdbx_gene_src_variant              ? 
_entity_src_gen.pdbx_gene_src_cell_line            ? 
_entity_src_gen.pdbx_gene_src_atcc                 ? 
_entity_src_gen.pdbx_gene_src_organ                ? 
_entity_src_gen.pdbx_gene_src_organelle            ? 
_entity_src_gen.pdbx_gene_src_cell                 ? 
_entity_src_gen.pdbx_gene_src_cellular_location    ? 
_entity_src_gen.host_org_common_name               ? 
_entity_src_gen.pdbx_host_org_scientific_name      
;Escherichia coli 'BL21-Gold(DE3)pLysS AG'
;
_entity_src_gen.pdbx_host_org_ncbi_taxonomy_id     866768 
_entity_src_gen.host_org_genus                     ? 
_entity_src_gen.pdbx_host_org_gene                 ? 
_entity_src_gen.pdbx_host_org_organ                ? 
_entity_src_gen.host_org_species                   ? 
_entity_src_gen.pdbx_host_org_tissue               ? 
_entity_src_gen.pdbx_host_org_tissue_fraction      ? 
_entity_src_gen.pdbx_host_org_strain               ? 
_entity_src_gen.pdbx_host_org_variant              ? 
_entity_src_gen.pdbx_host_org_cell_line            ? 
_entity_src_gen.pdbx_host_org_atcc                 ? 
_entity_src_gen.pdbx_host_org_culture_collection   ? 
_entity_src_gen.pdbx_host_org_cell                 ? 
_entity_src_gen.pdbx_host_org_organelle            ? 
_entity_src_gen.pdbx_host_org_cellular_location    ? 
_entity_src_gen.pdbx_host_org_vector_type          ? 
_entity_src_gen.pdbx_host_org_vector               ? 
_entity_src_gen.host_org_details                   ? 
_entity_src_gen.expression_system_id               ? 
_entity_src_gen.plasmid_name                       ? 
_entity_src_gen.plasmid_details                    ? 
_entity_src_gen.pdbx_description                   ? 
# 
loop_
_chem_comp.id 
_chem_comp.type 
_chem_comp.mon_nstd_flag 
_chem_comp.name 
_chem_comp.pdbx_synonyms 
_chem_comp.formula 
_chem_comp.formula_weight 
ALA 'L-peptide linking' y ALANINE              ? 'C3 H7 N O2'     89.093  
ARG 'L-peptide linking' y ARGININE             ? 'C6 H15 N4 O2 1' 175.209 
ASN 'L-peptide linking' y ASPARAGINE           ? 'C4 H8 N2 O3'    132.118 
ASP 'L-peptide linking' y 'ASPARTIC ACID'      ? 'C4 H7 N O4'     133.103 
CYS 'L-peptide linking' y CYSTEINE             ? 'C3 H7 N O2 S'   121.158 
GLN 'L-peptide linking' y GLUTAMINE            ? 'C5 H10 N2 O3'   146.144 
GLU 'L-peptide linking' y 'GLUTAMIC ACID'      ? 'C5 H9 N O4'     147.129 
GLY 'peptide linking'   y GLYCINE              ? 'C2 H5 N O2'     75.067  
HIS 'L-peptide linking' y HISTIDINE            ? 'C6 H10 N3 O2 1' 156.162 
HOH non-polymer         . WATER                ? 'H2 O'           18.015  
ILE 'L-peptide linking' y ISOLEUCINE           ? 'C6 H13 N O2'    131.173 
LEU 'L-peptide linking' y LEUCINE              ? 'C6 H13 N O2'    131.173 
LYS 'L-peptide linking' y LYSINE               ? 'C6 H15 N2 O2 1' 147.195 
MSE 'L-peptide linking' n SELENOMETHIONINE     ? 'C5 H11 N O2 Se' 196.106 
PGE non-polymer         . 'TRIETHYLENE GLYCOL' ? 'C6 H14 O4'      150.173 
PHE 'L-peptide linking' y PHENYLALANINE        ? 'C9 H11 N O2'    165.189 
PRO 'L-peptide linking' y PROLINE              ? 'C5 H9 N O2'     115.130 
SER 'L-peptide linking' y SERINE               ? 'C3 H7 N O3'     105.093 
SO4 non-polymer         . 'SULFATE ION'        ? 'O4 S -2'        96.063  
THR 'L-peptide linking' y THREONINE            ? 'C4 H9 N O3'     119.119 
TRP 'L-peptide linking' y TRYPTOPHAN           ? 'C11 H12 N2 O2'  204.225 
TYR 'L-peptide linking' y TYROSINE             ? 'C9 H11 N O3'    181.189 
VAL 'L-peptide linking' y VALINE               ? 'C5 H11 N O2'    117.146 
ZN  non-polymer         . 'ZINC ION'           ? 'Zn 2'           65.409  
# 
loop_
_pdbx_poly_seq_scheme.asym_id 
_pdbx_poly_seq_scheme.entity_id 
_pdbx_poly_seq_scheme.seq_id 
_pdbx_poly_seq_scheme.mon_id 
_pdbx_poly_seq_scheme.ndb_seq_num 
_pdbx_poly_seq_scheme.pdb_seq_num 
_pdbx_poly_seq_scheme.auth_seq_num 
_pdbx_poly_seq_scheme.pdb_mon_id 
_pdbx_poly_seq_scheme.auth_mon_id 
_pdbx_poly_seq_scheme.pdb_strand_id 
_pdbx_poly_seq_scheme.pdb_ins_code 
_pdbx_poly_seq_scheme.hetero 
A 1 1   MSE 1   1   ?   ?   ?   A . n 
A 1 2   THR 2   2   ?   ?   ?   A . n 
A 1 3   LEU 3   3   ?   ?   ?   A . n 
A 1 4   ASN 4   4   ?   ?   ?   A . n 
A 1 5   LYS 5   5   ?   ?   ?   A . n 
A 1 6   THR 6   6   ?   ?   ?   A . n 
A 1 7   ASP 7   7   ?   ?   ?   A . n 
A 1 8   ARG 8   8   ?   ?   ?   A . n 
A 1 9   ILE 9   9   ?   ?   ?   A . n 
A 1 10  VAL 10  10  ?   ?   ?   A . n 
A 1 11  ILE 11  11  ?   ?   ?   A . n 
A 1 12  THR 12  12  ?   ?   ?   A . n 
A 1 13  LEU 13  13  ?   ?   ?   A . n 
A 1 14  GLY 14  14  ?   ?   ?   A . n 
A 1 15  LYS 15  15  ?   ?   ?   A . n 
A 1 16  GLN 16  16  ?   ?   ?   A . n 
A 1 17  ILE 17  17  ?   ?   ?   A . n 
A 1 18  VAL 18  18  ?   ?   ?   A . n 
A 1 19  HIS 19  19  ?   ?   ?   A . n 
A 1 20  GLY 20  20  ?   ?   ?   A . n 
A 1 21  LYS 21  21  ?   ?   ?   A . n 
A 1 22  TYR 22  22  ?   ?   ?   A . n 
A 1 23  VAL 23  23  ?   ?   ?   A . n 
A 1 24  PRO 24  24  ?   ?   ?   A . n 
A 1 25  GLY 25  25  ?   ?   ?   A . n 
A 1 26  SER 26  26  ?   ?   ?   A . n 
A 1 27  PRO 27  27  ?   ?   ?   A . n 
A 1 28  LEU 28  28  ?   ?   ?   A . n 
A 1 29  PRO 29  29  ?   ?   ?   A . n 
A 1 30  ALA 30  30  ?   ?   ?   A . n 
A 1 31  GLU 31  31  ?   ?   ?   A . n 
A 1 32  ALA 32  32  ?   ?   ?   A . n 
A 1 33  GLU 33  33  ?   ?   ?   A . n 
A 1 34  LEU 34  34  ?   ?   ?   A . n 
A 1 35  CYS 35  35  ?   ?   ?   A . n 
A 1 36  GLU 36  36  ?   ?   ?   A . n 
A 1 37  GLU 37  37  ?   ?   ?   A . n 
A 1 38  PHE 38  38  ?   ?   ?   A . n 
A 1 39  ALA 39  39  ?   ?   ?   A . n 
A 1 40  THR 40  40  ?   ?   ?   A . n 
A 1 41  SER 41  41  ?   ?   ?   A . n 
A 1 42  ARG 42  42  ?   ?   ?   A . n 
A 1 43  ASN 43  43  ?   ?   ?   A . n 
A 1 44  ILE 44  44  ?   ?   ?   A . n 
A 1 45  ILE 45  45  ?   ?   ?   A . n 
A 1 46  ARG 46  46  ?   ?   ?   A . n 
A 1 47  GLU 47  47  ?   ?   ?   A . n 
A 1 48  VAL 48  48  ?   ?   ?   A . n 
A 1 49  PHE 49  49  ?   ?   ?   A . n 
A 1 50  ARG 50  50  ?   ?   ?   A . n 
A 1 51  SER 51  51  ?   ?   ?   A . n 
A 1 52  LEU 52  52  ?   ?   ?   A . n 
A 1 53  MSE 53  53  ?   ?   ?   A . n 
A 1 54  ALA 54  54  ?   ?   ?   A . n 
A 1 55  LYS 55  55  ?   ?   ?   A . n 
A 1 56  ARG 56  56  ?   ?   ?   A . n 
A 1 57  LEU 57  57  ?   ?   ?   A . n 
A 1 58  ILE 58  58  ?   ?   ?   A . n 
A 1 59  GLU 59  59  ?   ?   ?   A . n 
A 1 60  MSE 60  60  ?   ?   ?   A . n 
A 1 61  LYS 61  61  ?   ?   ?   A . n 
A 1 62  ARG 62  62  ?   ?   ?   A . n 
A 1 63  TYR 63  63  ?   ?   ?   A . n 
A 1 64  ARG 64  64  ?   ?   ?   A . n 
A 1 65  GLY 65  65  ?   ?   ?   A . n 
A 1 66  ALA 66  66  ?   ?   ?   A . n 
A 1 67  PHE 67  67  ?   ?   ?   A . n 
A 1 68  VAL 68  68  ?   ?   ?   A . n 
A 1 69  ALA 69  69  ?   ?   ?   A . n 
A 1 70  PRO 70  70  ?   ?   ?   A . n 
A 1 71  ARG 71  71  ?   ?   ?   A . n 
A 1 72  ASN 72  72  ?   ?   ?   A . n 
A 1 73  GLN 73  73  ?   ?   ?   A . n 
A 1 74  TRP 74  74  ?   ?   ?   A . n 
A 1 75  ASN 75  75  ?   ?   ?   A . n 
A 1 76  TYR 76  76  ?   ?   ?   A . n 
A 1 77  LEU 77  77  ?   ?   ?   A . n 
A 1 78  ASP 78  78  ?   ?   ?   A . n 
A 1 79  THR 79  79  79  THR THR A . n 
A 1 80  ASP 80  80  80  ASP ASP A . n 
A 1 81  VAL 81  81  81  VAL VAL A . n 
A 1 82  LEU 82  82  82  LEU LEU A . n 
A 1 83  GLN 83  83  83  GLN GLN A . n 
A 1 84  TRP 84  84  84  TRP TRP A . n 
A 1 85  VAL 85  85  85  VAL VAL A . n 
A 1 86  LEU 86  86  86  LEU LEU A . n 
A 1 87  GLU 87  87  87  GLU GLU A . n 
A 1 88  ASN 88  88  88  ASN ASN A . n 
A 1 89  ASP 89  89  89  ASP ASP A . n 
A 1 90  TYR 90  90  90  TYR TYR A . n 
A 1 91  ASP 91  91  91  ASP ASP A . n 
A 1 92  PRO 92  92  92  PRO PRO A . n 
A 1 93  ARG 93  93  93  ARG ARG A . n 
A 1 94  LEU 94  94  94  LEU LEU A . n 
A 1 95  ILE 95  95  95  ILE ILE A . n 
A 1 96  SER 96  96  96  SER SER A . n 
A 1 97  ALA 97  97  97  ALA ALA A . n 
A 1 98  MSE 98  98  98  MSE MSE A . n 
A 1 99  SER 99  99  99  SER SER A . n 
A 1 100 GLU 100 100 100 GLU GLU A . n 
A 1 101 VAL 101 101 101 VAL VAL A . n 
A 1 102 ARG 102 102 102 ARG ARG A . n 
A 1 103 ASN 103 103 103 ASN ASN A . n 
A 1 104 LEU 104 104 104 LEU LEU A . n 
A 1 105 VAL 105 105 105 VAL VAL A . n 
A 1 106 GLU 106 106 106 GLU GLU A . n 
A 1 107 PRO 107 107 107 PRO PRO A . n 
A 1 108 ALA 108 108 108 ALA ALA A . n 
A 1 109 ILE 109 109 109 ILE ILE A . n 
A 1 110 ALA 110 110 110 ALA ALA A . n 
A 1 111 ARG 111 111 111 ARG ARG A . n 
A 1 112 TRP 112 112 112 TRP TRP A . n 
A 1 113 ALA 113 113 113 ALA ALA A . n 
A 1 114 ALA 114 114 114 ALA ALA A . n 
A 1 115 GLU 115 115 115 GLU GLU A . n 
A 1 116 ARG 116 116 116 ARG ARG A . n 
A 1 117 ALA 117 117 117 ALA ALA A . n 
A 1 118 THR 118 118 118 THR THR A . n 
A 1 119 SER 119 119 119 SER SER A . n 
A 1 120 SER 120 120 120 SER SER A . n 
A 1 121 ASP 121 121 121 ASP ASP A . n 
A 1 122 LEU 122 122 122 LEU LEU A . n 
A 1 123 ALA 123 123 123 ALA ALA A . n 
A 1 124 GLN 124 124 124 GLN GLN A . n 
A 1 125 ILE 125 125 125 ILE ILE A . n 
A 1 126 GLU 126 126 126 GLU GLU A . n 
A 1 127 SER 127 127 127 SER SER A . n 
A 1 128 ALA 128 128 128 ALA ALA A . n 
A 1 129 LEU 129 129 129 LEU LEU A . n 
A 1 130 ASN 130 130 130 ASN ASN A . n 
A 1 131 GLU 131 131 131 GLU GLU A . n 
A 1 132 MSE 132 132 132 MSE MSE A . n 
A 1 133 ILE 133 133 133 ILE ILE A . n 
A 1 134 ALA 134 134 134 ALA ALA A . n 
A 1 135 ASN 135 135 135 ASN ASN A . n 
A 1 136 ASN 136 136 136 ASN ASN A . n 
A 1 137 GLN 137 137 137 GLN GLN A . n 
A 1 138 ASP 138 138 138 ASP ASP A . n 
A 1 139 ARG 139 139 139 ARG ARG A . n 
A 1 140 GLU 140 140 140 GLU GLU A . n 
A 1 141 ALA 141 141 141 ALA ALA A . n 
A 1 142 PHE 142 142 142 PHE PHE A . n 
A 1 143 ASN 143 143 143 ASN ASN A . n 
A 1 144 GLU 144 144 144 GLU GLU A . n 
A 1 145 ALA 145 145 145 ALA ALA A . n 
A 1 146 ASP 146 146 146 ASP ASP A . n 
A 1 147 ILE 147 147 147 ILE ILE A . n 
A 1 148 ARG 148 148 148 ARG ARG A . n 
A 1 149 TYR 149 149 149 TYR TYR A . n 
A 1 150 HIS 150 150 150 HIS HIS A . n 
A 1 151 GLU 151 151 151 GLU GLU A . n 
A 1 152 ALA 152 152 152 ALA ALA A . n 
A 1 153 VAL 153 153 153 VAL VAL A . n 
A 1 154 LEU 154 154 154 LEU LEU A . n 
A 1 155 GLN 155 155 155 GLN GLN A . n 
A 1 156 SER 156 156 156 SER SER A . n 
A 1 157 VAL 157 157 157 VAL VAL A . n 
A 1 158 HIS 158 158 158 HIS HIS A . n 
A 1 159 ASN 159 159 159 ASN ASN A . n 
A 1 160 PRO 160 160 160 PRO PRO A . n 
A 1 161 VAL 161 161 161 VAL VAL A . n 
A 1 162 LEU 162 162 162 LEU LEU A . n 
A 1 163 GLN 163 163 163 GLN GLN A . n 
A 1 164 GLN 164 164 164 GLN GLN A . n 
A 1 165 LEU 165 165 165 LEU LEU A . n 
A 1 166 SER 166 166 166 SER SER A . n 
A 1 167 ILE 167 167 167 ILE ILE A . n 
A 1 168 ALA 168 168 168 ALA ALA A . n 
A 1 169 ILE 169 169 169 ILE ILE A . n 
A 1 170 SER 170 170 170 SER SER A . n 
A 1 171 SER 171 171 171 SER SER A . n 
A 1 172 LEU 172 172 172 LEU LEU A . n 
A 1 173 GLN 173 173 173 GLN GLN A . n 
A 1 174 ARG 174 174 174 ARG ARG A . n 
A 1 175 ALA 175 175 175 ALA ALA A . n 
A 1 176 VAL 176 176 176 VAL VAL A . n 
A 1 177 PHE 177 177 177 PHE PHE A . n 
A 1 178 GLU 178 178 178 GLU GLU A . n 
A 1 179 ARG 179 179 ?   ?   ?   A . n 
A 1 180 THR 180 180 ?   ?   ?   A . n 
A 1 181 TRP 181 181 ?   ?   ?   A . n 
A 1 182 MSE 182 182 ?   ?   ?   A . n 
A 1 183 GLY 183 183 183 GLY GLY A . n 
A 1 184 ASP 184 184 184 ASP ASP A . n 
A 1 185 GLU 185 185 185 GLU GLU A . n 
A 1 186 ALA 186 186 186 ALA ALA A . n 
A 1 187 ASN 187 187 187 ASN ASN A . n 
A 1 188 MSE 188 188 188 MSE MSE A . n 
A 1 189 PRO 189 189 189 PRO PRO A . n 
A 1 190 GLN 190 190 190 GLN GLN A . n 
A 1 191 THR 191 191 191 THR THR A . n 
A 1 192 LEU 192 192 192 LEU LEU A . n 
A 1 193 GLN 193 193 193 GLN GLN A . n 
A 1 194 GLU 194 194 194 GLU GLU A . n 
A 1 195 HIS 195 195 195 HIS HIS A . n 
A 1 196 LYS 196 196 196 LYS LYS A . n 
A 1 197 ALA 197 197 197 ALA ALA A . n 
A 1 198 LEU 198 198 198 LEU LEU A . n 
A 1 199 PHE 199 199 199 PHE PHE A . n 
A 1 200 ASP 200 200 200 ASP ASP A . n 
A 1 201 ALA 201 201 201 ALA ALA A . n 
A 1 202 ILE 202 202 202 ILE ILE A . n 
A 1 203 ARG 203 203 203 ARG ARG A . n 
A 1 204 HIS 204 204 204 HIS HIS A . n 
A 1 205 GLN 205 205 205 GLN GLN A . n 
A 1 206 ASP 206 206 206 ASP ASP A . n 
A 1 207 GLY 207 207 207 GLY GLY A . n 
A 1 208 ASP 208 208 208 ASP ASP A . n 
A 1 209 ALA 209 209 209 ALA ALA A . n 
A 1 210 ALA 210 210 210 ALA ALA A . n 
A 1 211 GLU 211 211 211 GLU GLU A . n 
A 1 212 GLN 212 212 212 GLN GLN A . n 
A 1 213 ALA 213 213 213 ALA ALA A . n 
A 1 214 ALA 214 214 214 ALA ALA A . n 
A 1 215 LEU 215 215 215 LEU LEU A . n 
A 1 216 THR 216 216 216 THR THR A . n 
A 1 217 MSE 217 217 217 MSE MSE A . n 
A 1 218 ILE 218 218 218 ILE ILE A . n 
A 1 219 ALA 219 219 219 ALA ALA A . n 
A 1 220 SER 220 220 220 SER SER A . n 
A 1 221 SER 221 221 221 SER SER A . n 
A 1 222 THR 222 222 222 THR THR A . n 
A 1 223 ARG 223 223 223 ARG ARG A . n 
A 1 224 ARG 224 224 224 ARG ARG A . n 
A 1 225 LEU 225 225 ?   ?   ?   A . n 
A 1 226 LYS 226 226 ?   ?   ?   A . n 
A 1 227 GLU 227 227 ?   ?   ?   A . n 
A 1 228 ILE 228 228 ?   ?   ?   A . n 
A 1 229 THR 229 229 ?   ?   ?   A . n 
# 
loop_
_pdbx_entity_instance_feature.ordinal 
_pdbx_entity_instance_feature.comp_id 
_pdbx_entity_instance_feature.asym_id 
_pdbx_entity_instance_feature.seq_num 
_pdbx_entity_instance_feature.auth_comp_id 
_pdbx_entity_instance_feature.auth_asym_id 
_pdbx_entity_instance_feature.auth_seq_num 
_pdbx_entity_instance_feature.feature_type 
_pdbx_entity_instance_feature.details 
1 MSE ? ? MSE ? ? 'SUBJECT OF INVESTIGATION' ? 
2 PGE ? ? PGE ? ? 'SUBJECT OF INVESTIGATION' ? 
3 SO4 ? ? SO4 ? ? 'SUBJECT OF INVESTIGATION' ? 
4 ZN  ? ? ZN  ? ? 'SUBJECT OF INVESTIGATION' ? 
# 
loop_
_pdbx_nonpoly_scheme.asym_id 
_pdbx_nonpoly_scheme.entity_id 
_pdbx_nonpoly_scheme.mon_id 
_pdbx_nonpoly_scheme.ndb_seq_num 
_pdbx_nonpoly_scheme.pdb_seq_num 
_pdbx_nonpoly_scheme.auth_seq_num 
_pdbx_nonpoly_scheme.pdb_mon_id 
_pdbx_nonpoly_scheme.auth_mon_id 
_pdbx_nonpoly_scheme.pdb_strand_id 
_pdbx_nonpoly_scheme.pdb_ins_code 
B 2 ZN  1  301 1  ZN  ZN  A . 
C 3 SO4 1  302 1  SO4 SO4 A . 
D 4 PGE 1  303 1  PGE PGE A . 
E 5 HOH 1  401 23 HOH HOH A . 
E 5 HOH 2  402 13 HOH HOH A . 
E 5 HOH 3  403 11 HOH HOH A . 
E 5 HOH 4  404 18 HOH HOH A . 
E 5 HOH 5  405 22 HOH HOH A . 
E 5 HOH 6  406 8  HOH HOH A . 
E 5 HOH 7  407 29 HOH HOH A . 
E 5 HOH 8  408 16 HOH HOH A . 
E 5 HOH 9  409 12 HOH HOH A . 
E 5 HOH 10 410 4  HOH HOH A . 
E 5 HOH 11 411 10 HOH HOH A . 
E 5 HOH 12 412 6  HOH HOH A . 
E 5 HOH 13 413 17 HOH HOH A . 
E 5 HOH 14 414 3  HOH HOH A . 
E 5 HOH 15 415 31 HOH HOH A . 
E 5 HOH 16 416 5  HOH HOH A . 
E 5 HOH 17 417 14 HOH HOH A . 
E 5 HOH 18 418 30 HOH HOH A . 
E 5 HOH 19 419 9  HOH HOH A . 
E 5 HOH 20 420 1  HOH HOH A . 
E 5 HOH 21 421 19 HOH HOH A . 
E 5 HOH 22 422 24 HOH HOH A . 
E 5 HOH 23 423 25 HOH HOH A . 
E 5 HOH 24 424 7  HOH HOH A . 
E 5 HOH 25 425 21 HOH HOH A . 
E 5 HOH 26 426 34 HOH HOH A . 
E 5 HOH 27 427 32 HOH HOH A . 
E 5 HOH 28 428 27 HOH HOH A . 
E 5 HOH 29 429 33 HOH HOH A . 
E 5 HOH 30 430 35 HOH HOH A . 
E 5 HOH 31 431 28 HOH HOH A . 
E 5 HOH 32 432 26 HOH HOH A . 
# 
loop_
_pdbx_unobs_or_zero_occ_atoms.id 
_pdbx_unobs_or_zero_occ_atoms.PDB_model_num 
_pdbx_unobs_or_zero_occ_atoms.polymer_flag 
_pdbx_unobs_or_zero_occ_atoms.occupancy_flag 
_pdbx_unobs_or_zero_occ_atoms.auth_asym_id 
_pdbx_unobs_or_zero_occ_atoms.auth_comp_id 
_pdbx_unobs_or_zero_occ_atoms.auth_seq_id 
_pdbx_unobs_or_zero_occ_atoms.PDB_ins_code 
_pdbx_unobs_or_zero_occ_atoms.auth_atom_id 
_pdbx_unobs_or_zero_occ_atoms.label_alt_id 
_pdbx_unobs_or_zero_occ_atoms.label_asym_id 
_pdbx_unobs_or_zero_occ_atoms.label_comp_id 
_pdbx_unobs_or_zero_occ_atoms.label_seq_id 
_pdbx_unobs_or_zero_occ_atoms.label_atom_id 
1 1 Y 1 A ARG 139 ? CG  ? A ARG 139 CG  
2 1 Y 1 A ARG 139 ? CD  ? A ARG 139 CD  
3 1 Y 1 A ARG 139 ? NE  ? A ARG 139 NE  
4 1 Y 1 A ARG 139 ? CZ  ? A ARG 139 CZ  
5 1 Y 1 A ARG 139 ? NH1 ? A ARG 139 NH1 
6 1 Y 1 A ARG 139 ? NH2 ? A ARG 139 NH2 
# 
loop_
_software.citation_id 
_software.classification 
_software.compiler_name 
_software.compiler_version 
_software.contact_author 
_software.contact_author_email 
_software.date 
_software.description 
_software.dependencies 
_software.hardware 
_software.language 
_software.location 
_software.mods 
_software.name 
_software.os 
_software.os_version 
_software.type 
_software.version 
_software.pdbx_ordinal 
? 'data scaling'    ? ? ? ? ? ? ? ? ? ? ? Aimless     ? ? ? 0.7.4     1 
? refinement        ? ? ? ? ? ? ? ? ? ? ? PHENIX      ? ? ? 1.14_3260 2 
? 'data extraction' ? ? ? ? ? ? ? ? ? ? ? PDB_EXTRACT ? ? ? 3.25      3 
? 'data reduction'  ? ? ? ? ? ? ? ? ? ? ? XDS         ? ? ? .         4 
? phasing           ? ? ? ? ? ? ? ? ? ? ? PHENIX      ? ? ? .         5 
# 
_cell.angle_alpha                  90.000 
_cell.angle_alpha_esd              ? 
_cell.angle_beta                   90.000 
_cell.angle_beta_esd               ? 
_cell.angle_gamma                  120.000 
_cell.angle_gamma_esd              ? 
_cell.entry_id                     7C7E 
_cell.details                      ? 
_cell.formula_units_Z              ? 
_cell.length_a                     85.037 
_cell.length_a_esd                 ? 
_cell.length_b                     85.037 
_cell.length_b_esd                 ? 
_cell.length_c                     111.688 
_cell.length_c_esd                 ? 
_cell.volume                       ? 
_cell.volume_esd                   ? 
_cell.Z_PDB                        12 
_cell.reciprocal_angle_alpha       ? 
_cell.reciprocal_angle_beta        ? 
_cell.reciprocal_angle_gamma       ? 
_cell.reciprocal_angle_alpha_esd   ? 
_cell.reciprocal_angle_beta_esd    ? 
_cell.reciprocal_angle_gamma_esd   ? 
_cell.reciprocal_length_a          ? 
_cell.reciprocal_length_b          ? 
_cell.reciprocal_length_c          ? 
_cell.reciprocal_length_a_esd      ? 
_cell.reciprocal_length_b_esd      ? 
_cell.reciprocal_length_c_esd      ? 
_cell.pdbx_unique_axis             ? 
# 
_symmetry.entry_id                         7C7E 
_symmetry.cell_setting                     ? 
_symmetry.Int_Tables_number                179 
_symmetry.space_group_name_Hall            ? 
_symmetry.space_group_name_H-M             'P 65 2 2' 
_symmetry.pdbx_full_space_group_name_H-M   ? 
# 
_exptl.absorpt_coefficient_mu     ? 
_exptl.absorpt_correction_T_max   ? 
_exptl.absorpt_correction_T_min   ? 
_exptl.absorpt_correction_type    ? 
_exptl.absorpt_process_details    ? 
_exptl.entry_id                   7C7E 
_exptl.crystals_number            1 
_exptl.details                    ? 
_exptl.method                     'X-RAY DIFFRACTION' 
_exptl.method_details             ? 
# 
_exptl_crystal.colour                      ? 
_exptl_crystal.density_diffrn              ? 
_exptl_crystal.density_Matthews            2.23 
_exptl_crystal.density_method              ? 
_exptl_crystal.density_percent_sol         44.90 
_exptl_crystal.description                 ? 
_exptl_crystal.F_000                       ? 
_exptl_crystal.id                          1 
_exptl_crystal.preparation                 ? 
_exptl_crystal.size_max                    ? 
_exptl_crystal.size_mid                    ? 
_exptl_crystal.size_min                    ? 
_exptl_crystal.size_rad                    ? 
_exptl_crystal.colour_lustre               ? 
_exptl_crystal.colour_modifier             ? 
_exptl_crystal.colour_primary              ? 
_exptl_crystal.density_meas                ? 
_exptl_crystal.density_meas_esd            ? 
_exptl_crystal.density_meas_gt             ? 
_exptl_crystal.density_meas_lt             ? 
_exptl_crystal.density_meas_temp           ? 
_exptl_crystal.density_meas_temp_esd       ? 
_exptl_crystal.density_meas_temp_gt        ? 
_exptl_crystal.density_meas_temp_lt        ? 
_exptl_crystal.pdbx_crystal_image_url      ? 
_exptl_crystal.pdbx_crystal_image_format   ? 
_exptl_crystal.pdbx_mosaicity              ? 
_exptl_crystal.pdbx_mosaicity_esd          ? 
# 
_exptl_crystal_grow.apparatus       ? 
_exptl_crystal_grow.atmosphere      ? 
_exptl_crystal_grow.crystal_id      1 
_exptl_crystal_grow.details         ? 
_exptl_crystal_grow.method          'VAPOR DIFFUSION, HANGING DROP' 
_exptl_crystal_grow.method_ref      ? 
_exptl_crystal_grow.pH              ? 
_exptl_crystal_grow.pressure        ? 
_exptl_crystal_grow.pressure_esd    ? 
_exptl_crystal_grow.seeding         ? 
_exptl_crystal_grow.seeding_ref     ? 
_exptl_crystal_grow.temp            295 
_exptl_crystal_grow.temp_details    ? 
_exptl_crystal_grow.temp_esd        ? 
_exptl_crystal_grow.time            ? 
_exptl_crystal_grow.pdbx_details    '5% PEG 400, 100mM Sodium acetate pH 5.5, 2M Lithium sulfate, 100mM Magnesium sulfate' 
_exptl_crystal_grow.pdbx_pH_range   ? 
# 
_diffrn.ambient_environment              ? 
_diffrn.ambient_temp                     100 
_diffrn.ambient_temp_details             ? 
_diffrn.ambient_temp_esd                 ? 
_diffrn.crystal_id                       1 
_diffrn.crystal_support                  ? 
_diffrn.crystal_treatment                ? 
_diffrn.details                          ? 
_diffrn.id                               1 
_diffrn.ambient_pressure                 ? 
_diffrn.ambient_pressure_esd             ? 
_diffrn.ambient_pressure_gt              ? 
_diffrn.ambient_pressure_lt              ? 
_diffrn.ambient_temp_gt                  ? 
_diffrn.ambient_temp_lt                  ? 
_diffrn.pdbx_serial_crystal_experiment   N 
# 
_diffrn_detector.details                      ? 
_diffrn_detector.detector                     PIXEL 
_diffrn_detector.diffrn_id                    1 
_diffrn_detector.type                         'DECTRIS PILATUS3 S 6M' 
_diffrn_detector.area_resol_mean              ? 
_diffrn_detector.dtime                        ? 
_diffrn_detector.pdbx_frames_total            ? 
_diffrn_detector.pdbx_collection_time_total   ? 
_diffrn_detector.pdbx_collection_date         2019-11-27 
_diffrn_detector.pdbx_frequency               ? 
# 
_diffrn_radiation.collimation                      ? 
_diffrn_radiation.diffrn_id                        1 
_diffrn_radiation.filter_edge                      ? 
_diffrn_radiation.inhomogeneity                    ? 
_diffrn_radiation.monochromator                    ? 
_diffrn_radiation.polarisn_norm                    ? 
_diffrn_radiation.polarisn_ratio                   ? 
_diffrn_radiation.probe                            ? 
_diffrn_radiation.type                             ? 
_diffrn_radiation.xray_symbol                      ? 
_diffrn_radiation.wavelength_id                    1 
_diffrn_radiation.pdbx_monochromatic_or_laue_m_l   M 
_diffrn_radiation.pdbx_wavelength_list             ? 
_diffrn_radiation.pdbx_wavelength                  ? 
_diffrn_radiation.pdbx_diffrn_protocol             'SINGLE WAVELENGTH' 
_diffrn_radiation.pdbx_analyzer                    ? 
_diffrn_radiation.pdbx_scattering_type             x-ray 
# 
_diffrn_radiation_wavelength.id           1 
_diffrn_radiation_wavelength.wavelength   0.979 
_diffrn_radiation_wavelength.wt           1.0 
# 
_diffrn_source.current                     ? 
_diffrn_source.details                     ? 
_diffrn_source.diffrn_id                   1 
_diffrn_source.power                       ? 
_diffrn_source.size                        ? 
_diffrn_source.source                      SYNCHROTRON 
_diffrn_source.target                      ? 
_diffrn_source.type                        'SSRF BEAMLINE BL17U1' 
_diffrn_source.voltage                     ? 
_diffrn_source.take-off_angle              ? 
_diffrn_source.pdbx_wavelength_list        0.979 
_diffrn_source.pdbx_wavelength             ? 
_diffrn_source.pdbx_synchrotron_beamline   BL17U1 
_diffrn_source.pdbx_synchrotron_site       SSRF 
# 
_reflns.B_iso_Wilson_estimate            ? 
_reflns.entry_id                         7C7E 
_reflns.data_reduction_details           ? 
_reflns.data_reduction_method            ? 
_reflns.d_resolution_high                2.04 
_reflns.d_resolution_low                 73.650 
_reflns.details                          ? 
_reflns.limit_h_max                      ? 
_reflns.limit_h_min                      ? 
_reflns.limit_k_max                      ? 
_reflns.limit_k_min                      ? 
_reflns.limit_l_max                      ? 
_reflns.limit_l_min                      ? 
_reflns.number_all                       ? 
_reflns.number_obs                       15623 
_reflns.observed_criterion               ? 
_reflns.observed_criterion_F_max         ? 
_reflns.observed_criterion_F_min         ? 
_reflns.observed_criterion_I_max         ? 
_reflns.observed_criterion_I_min         ? 
_reflns.observed_criterion_sigma_F       ? 
_reflns.observed_criterion_sigma_I       ? 
_reflns.percent_possible_obs             100.000 
_reflns.R_free_details                   ? 
_reflns.Rmerge_F_all                     ? 
_reflns.Rmerge_F_obs                     ? 
_reflns.Friedel_coverage                 ? 
_reflns.number_gt                        ? 
_reflns.threshold_expression             ? 
_reflns.pdbx_redundancy                  20 
_reflns.pdbx_Rmerge_I_obs                0.091 
_reflns.pdbx_Rmerge_I_all                ? 
_reflns.pdbx_Rsym_value                  ? 
_reflns.pdbx_netI_over_av_sigmaI         ? 
_reflns.pdbx_netI_over_sigmaI            34.600 
_reflns.pdbx_res_netI_over_av_sigmaI_2   ? 
_reflns.pdbx_res_netI_over_sigmaI_2      ? 
_reflns.pdbx_chi_squared                 ? 
_reflns.pdbx_scaling_rejects             ? 
_reflns.pdbx_d_res_high_opt              ? 
_reflns.pdbx_d_res_low_opt               ? 
_reflns.pdbx_d_res_opt_method            ? 
_reflns.phase_calculation_details        ? 
_reflns.pdbx_Rrim_I_all                  0.093 
_reflns.pdbx_Rpim_I_all                  0.015 
_reflns.pdbx_d_opt                       ? 
_reflns.pdbx_number_measured_all         ? 
_reflns.pdbx_diffrn_id                   1 
_reflns.pdbx_ordinal                     1 
_reflns.pdbx_CC_half                     1.000 
_reflns.pdbx_CC_star                     ? 
_reflns.pdbx_R_split                     ? 
# 
loop_
_reflns_shell.d_res_high 
_reflns_shell.d_res_low 
_reflns_shell.meanI_over_sigI_all 
_reflns_shell.meanI_over_sigI_obs 
_reflns_shell.number_measured_all 
_reflns_shell.number_measured_obs 
_reflns_shell.number_possible 
_reflns_shell.number_unique_all 
_reflns_shell.number_unique_obs 
_reflns_shell.percent_possible_all 
_reflns_shell.percent_possible_obs 
_reflns_shell.Rmerge_F_all 
_reflns_shell.Rmerge_F_obs 
_reflns_shell.Rmerge_I_all 
_reflns_shell.Rmerge_I_obs 
_reflns_shell.meanI_over_sigI_gt 
_reflns_shell.meanI_over_uI_all 
_reflns_shell.meanI_over_uI_gt 
_reflns_shell.number_measured_gt 
_reflns_shell.number_unique_gt 
_reflns_shell.percent_possible_gt 
_reflns_shell.Rmerge_F_gt 
_reflns_shell.Rmerge_I_gt 
_reflns_shell.pdbx_redundancy 
_reflns_shell.pdbx_Rsym_value 
_reflns_shell.pdbx_chi_squared 
_reflns_shell.pdbx_netI_over_sigmaI_all 
_reflns_shell.pdbx_netI_over_sigmaI_obs 
_reflns_shell.pdbx_Rrim_I_all 
_reflns_shell.pdbx_Rpim_I_all 
_reflns_shell.pdbx_rejects 
_reflns_shell.pdbx_ordinal 
_reflns_shell.pdbx_diffrn_id 
_reflns_shell.pdbx_CC_half 
_reflns_shell.pdbx_CC_star 
_reflns_shell.pdbx_R_split 
2.050 2.100  ? ? 20873 ? ? ? 1132 100.000 ? ? ? ? 1.243 ? ? ? ? ? ? ? ? 18.400 ? ? ? 2.400  1.278 0.295 ? 1 1 0.783 ? ? 
9.170 73.650 ? ? 5588  ? ? ? 236  99.900  ? ? ? ? 0.047 ? ? ? ? ? ? ? ? 23.700 ? ? ? 77.700 0.048 0.009 ? 2 1 1.000 ? ? 
# 
_refine.aniso_B[1][1]                            ? 
_refine.aniso_B[1][2]                            ? 
_refine.aniso_B[1][3]                            ? 
_refine.aniso_B[2][2]                            ? 
_refine.aniso_B[2][3]                            ? 
_refine.aniso_B[3][3]                            ? 
_refine.B_iso_max                                120.310 
_refine.B_iso_mean                               54.1432 
_refine.B_iso_min                                25.920 
_refine.correlation_coeff_Fo_to_Fc               ? 
_refine.correlation_coeff_Fo_to_Fc_free          ? 
_refine.details                                  ? 
_refine.diff_density_max                         ? 
_refine.diff_density_max_esd                     ? 
_refine.diff_density_min                         ? 
_refine.diff_density_min_esd                     ? 
_refine.diff_density_rms                         ? 
_refine.diff_density_rms_esd                     ? 
_refine.entry_id                                 7C7E 
_refine.pdbx_refine_id                           'X-RAY DIFFRACTION' 
_refine.ls_abs_structure_details                 ? 
_refine.ls_abs_structure_Flack                   ? 
_refine.ls_abs_structure_Flack_esd               ? 
_refine.ls_abs_structure_Rogers                  ? 
_refine.ls_abs_structure_Rogers_esd              ? 
_refine.ls_d_res_high                            2.0470 
_refine.ls_d_res_low                             28.0100 
_refine.ls_extinction_coef                       ? 
_refine.ls_extinction_coef_esd                   ? 
_refine.ls_extinction_expression                 ? 
_refine.ls_extinction_method                     ? 
_refine.ls_goodness_of_fit_all                   ? 
_refine.ls_goodness_of_fit_all_esd               ? 
_refine.ls_goodness_of_fit_obs                   ? 
_refine.ls_goodness_of_fit_obs_esd               ? 
_refine.ls_hydrogen_treatment                    ? 
_refine.ls_matrix_type                           ? 
_refine.ls_number_constraints                    ? 
_refine.ls_number_parameters                     ? 
_refine.ls_number_reflns_all                     ? 
_refine.ls_number_reflns_obs                     15020 
_refine.ls_number_reflns_R_free                  791 
_refine.ls_number_reflns_R_work                  25887 
_refine.ls_number_restraints                     ? 
_refine.ls_percent_reflns_obs                    95.6900 
_refine.ls_percent_reflns_R_free                 5.1500 
_refine.ls_R_factor_all                          ? 
_refine.ls_R_factor_obs                          0.2270 
_refine.ls_R_factor_R_free                       0.2440 
_refine.ls_R_factor_R_free_error                 ? 
_refine.ls_R_factor_R_free_error_details         ? 
_refine.ls_R_factor_R_work                       0.2259 
_refine.ls_R_Fsqd_factor_obs                     ? 
_refine.ls_R_I_factor_obs                        ? 
_refine.ls_redundancy_reflns_all                 ? 
_refine.ls_redundancy_reflns_obs                 ? 
_refine.ls_restrained_S_all                      ? 
_refine.ls_restrained_S_obs                      ? 
_refine.ls_shift_over_esd_max                    ? 
_refine.ls_shift_over_esd_mean                   ? 
_refine.ls_structure_factor_coef                 ? 
_refine.ls_weighting_details                     ? 
_refine.ls_weighting_scheme                      ? 
_refine.ls_wR_factor_all                         ? 
_refine.ls_wR_factor_obs                         ? 
_refine.ls_wR_factor_R_free                      ? 
_refine.ls_wR_factor_R_work                      ? 
_refine.occupancy_max                            ? 
_refine.occupancy_min                            ? 
_refine.solvent_model_details                    'FLAT BULK SOLVENT MODEL' 
_refine.solvent_model_param_bsol                 ? 
_refine.solvent_model_param_ksol                 ? 
_refine.pdbx_R_complete                          ? 
_refine.ls_R_factor_gt                           ? 
_refine.ls_goodness_of_fit_gt                    ? 
_refine.ls_goodness_of_fit_ref                   ? 
_refine.ls_shift_over_su_max                     ? 
_refine.ls_shift_over_su_max_lt                  ? 
_refine.ls_shift_over_su_mean                    ? 
_refine.ls_shift_over_su_mean_lt                 ? 
_refine.pdbx_ls_sigma_I                          ? 
_refine.pdbx_ls_sigma_F                          1.950 
_refine.pdbx_ls_sigma_Fsqd                       ? 
_refine.pdbx_data_cutoff_high_absF               ? 
_refine.pdbx_data_cutoff_high_rms_absF           ? 
_refine.pdbx_data_cutoff_low_absF                ? 
_refine.pdbx_isotropic_thermal_model             ? 
_refine.pdbx_ls_cross_valid_method               THROUGHOUT 
_refine.pdbx_method_to_determine_struct          SAD 
_refine.pdbx_starting_model                      ? 
_refine.pdbx_stereochemistry_target_values       ML 
_refine.pdbx_R_Free_selection_details            ? 
_refine.pdbx_stereochem_target_val_spec_case     ? 
_refine.pdbx_overall_ESU_R                       ? 
_refine.pdbx_overall_ESU_R_Free                  ? 
_refine.pdbx_solvent_vdw_probe_radii             1.1100 
_refine.pdbx_solvent_ion_probe_radii             ? 
_refine.pdbx_solvent_shrinkage_radii             0.9000 
_refine.pdbx_real_space_R                        ? 
_refine.pdbx_density_correlation                 ? 
_refine.pdbx_pd_number_of_powder_patterns        ? 
_refine.pdbx_pd_number_of_points                 ? 
_refine.pdbx_pd_meas_number_of_points            ? 
_refine.pdbx_pd_proc_ls_prof_R_factor            ? 
_refine.pdbx_pd_proc_ls_prof_wR_factor           ? 
_refine.pdbx_pd_Marquardt_correlation_coeff      ? 
_refine.pdbx_pd_Fsqrd_R_factor                   ? 
_refine.pdbx_pd_ls_matrix_band_width             ? 
_refine.pdbx_overall_phase_error                 28.2100 
_refine.pdbx_overall_SU_R_free_Cruickshank_DPI   ? 
_refine.pdbx_overall_SU_R_free_Blow_DPI          ? 
_refine.pdbx_overall_SU_R_Blow_DPI               ? 
_refine.pdbx_TLS_residual_ADP_flag               ? 
_refine.pdbx_diffrn_id                           1 
_refine.overall_SU_B                             ? 
_refine.overall_SU_ML                            0.2600 
_refine.overall_SU_R_Cruickshank_DPI             ? 
_refine.overall_SU_R_free                        ? 
_refine.overall_FOM_free_R_set                   ? 
_refine.overall_FOM_work_R_set                   ? 
_refine.pdbx_average_fsc_overall                 ? 
_refine.pdbx_average_fsc_work                    ? 
_refine.pdbx_average_fsc_free                    ? 
# 
_refine_hist.pdbx_refine_id                   'X-RAY DIFFRACTION' 
_refine_hist.cycle_id                         final 
_refine_hist.details                          ? 
_refine_hist.d_res_high                       2.0470 
_refine_hist.d_res_low                        28.0100 
_refine_hist.number_atoms_solvent             32 
_refine_hist.number_atoms_total               1157 
_refine_hist.number_reflns_all                ? 
_refine_hist.number_reflns_obs                ? 
_refine_hist.number_reflns_R_free             ? 
_refine_hist.number_reflns_R_work             ? 
_refine_hist.R_factor_all                     ? 
_refine_hist.R_factor_obs                     ? 
_refine_hist.R_factor_R_free                  ? 
_refine_hist.R_factor_R_work                  ? 
_refine_hist.pdbx_number_residues_total       142 
_refine_hist.pdbx_B_iso_mean_ligand           56.15 
_refine_hist.pdbx_B_iso_mean_solvent          55.22 
_refine_hist.pdbx_number_atoms_protein        1109 
_refine_hist.pdbx_number_atoms_nucleic_acid   0 
_refine_hist.pdbx_number_atoms_ligand         16 
_refine_hist.pdbx_number_atoms_lipid          ? 
_refine_hist.pdbx_number_atoms_carb           ? 
_refine_hist.pdbx_pseudo_atom_details         ? 
# 
loop_
_refine_ls_shell.pdbx_refine_id 
_refine_ls_shell.d_res_high 
_refine_ls_shell.d_res_low 
_refine_ls_shell.number_reflns_all 
_refine_ls_shell.number_reflns_obs 
_refine_ls_shell.number_reflns_R_free 
_refine_ls_shell.number_reflns_R_work 
_refine_ls_shell.percent_reflns_obs 
_refine_ls_shell.percent_reflns_R_free 
_refine_ls_shell.R_factor_all 
_refine_ls_shell.R_factor_obs 
_refine_ls_shell.R_factor_R_free 
_refine_ls_shell.R_factor_R_free_error 
_refine_ls_shell.R_factor_R_work 
_refine_ls_shell.redundancy_reflns_all 
_refine_ls_shell.redundancy_reflns_obs 
_refine_ls_shell.wR_factor_all 
_refine_ls_shell.wR_factor_obs 
_refine_ls_shell.wR_factor_R_free 
_refine_ls_shell.wR_factor_R_work 
_refine_ls_shell.pdbx_R_complete 
_refine_ls_shell.pdbx_total_number_of_bins_used 
_refine_ls_shell.pdbx_phase_error 
_refine_ls_shell.pdbx_fsc_work 
_refine_ls_shell.pdbx_fsc_free 
'X-RAY DIFFRACTION' 2.0470 2.1196 . . 118 1845 68.0000  . . . 0.3351 0.0000 0.2969 . . . . . . . . . . . 
'X-RAY DIFFRACTION' 2.1196 2.2045 . . 128 2721 100.0000 . . . 0.3081 0.0000 0.2599 . . . . . . . . . . . 
'X-RAY DIFFRACTION' 2.2045 2.3048 . . 147 2436 90.0000  . . . 0.3137 0.0000 0.2601 . . . . . . . . . . . 
'X-RAY DIFFRACTION' 2.3048 2.4262 . . 111 2726 100.0000 . . . 0.2962 0.0000 0.2473 . . . . . . . . . . . 
'X-RAY DIFFRACTION' 2.4262 2.5781 . . 156 2695 100.0000 . . . 0.2994 0.0000 0.2418 . . . . . . . . . . . 
'X-RAY DIFFRACTION' 2.5781 2.7770 . . 159 2687 100.0000 . . . 0.2745 0.0000 0.2356 . . . . . . . . . . . 
'X-RAY DIFFRACTION' 2.7770 3.0562 . . 138 2716 100.0000 . . . 0.2717 0.0000 0.2500 . . . . . . . . . . . 
'X-RAY DIFFRACTION' 3.0562 3.4977 . . 141 2700 100.0000 . . . 0.2295 0.0000 0.2354 . . . . . . . . . . . 
'X-RAY DIFFRACTION' 3.4977 4.4039 . . 149 2708 100.0000 . . . 0.2179 0.0000 0.1951 . . . . . . . . . . . 
'X-RAY DIFFRACTION' 4.4039 28.01  . . 159 2653 98.0000  . . . 0.2154 0.0000 0.2153 . . . . . . . . . . . 
# 
_struct.entry_id                     7C7E 
_struct.title                        'Crystal structure of C terminal domain of Escherichia coli DgoR' 
_struct.pdbx_model_details           ? 
_struct.pdbx_formula_weight          ? 
_struct.pdbx_formula_weight_method   ? 
_struct.pdbx_model_type_details      ? 
_struct.pdbx_CASP_flag               N 
# 
_struct_keywords.entry_id        7C7E 
_struct_keywords.text            'D-galactonate, GntR superfamily, transcription repressor, DNA BINDING PROTEIN' 
_struct_keywords.pdbx_keywords   'DNA BINDING PROTEIN' 
# 
loop_
_struct_asym.id 
_struct_asym.pdbx_blank_PDB_chainid_flag 
_struct_asym.pdbx_modified 
_struct_asym.entity_id 
_struct_asym.details 
A N N 1 ? 
B N N 2 ? 
C N N 3 ? 
D N N 4 ? 
E N N 5 ? 
# 
_struct_ref.id                         1 
_struct_ref.db_name                    UNP 
_struct_ref.db_code                    A0A0H3MRW3_ECO7I 
_struct_ref.pdbx_db_accession          A0A0H3MRW3 
_struct_ref.pdbx_db_isoform            ? 
_struct_ref.entity_id                  1 
_struct_ref.pdbx_seq_one_letter_code   
;MTLNKTDRIVITLGKQIVHGKYVPGSPLPAEAELCEEFATSRNIIREVFRSLMAKRLIEMKRYRGAFVAPRNQWNYLDTD
VLQWVLENDYDPRLISAMSEVRNLVEPAIARWAAERATSSDLAQIESALNEMIANNQDREAFNEADIRYHEAVLQSVHNP
VLQQLSIAISSLQRAVFERTWMGDEANMPQTLQEHKALFDAIRHQDGDAAEQAALTMIASSTRRLKEIT
;
_struct_ref.pdbx_align_begin           1 
# 
_struct_ref_seq.align_id                      1 
_struct_ref_seq.ref_id                        1 
_struct_ref_seq.pdbx_PDB_id_code              7C7E 
_struct_ref_seq.pdbx_strand_id                A 
_struct_ref_seq.seq_align_beg                 1 
_struct_ref_seq.pdbx_seq_align_beg_ins_code   ? 
_struct_ref_seq.seq_align_end                 229 
_struct_ref_seq.pdbx_seq_align_end_ins_code   ? 
_struct_ref_seq.pdbx_db_accession             A0A0H3MRW3 
_struct_ref_seq.db_align_beg                  1 
_struct_ref_seq.pdbx_db_align_beg_ins_code    ? 
_struct_ref_seq.db_align_end                  229 
_struct_ref_seq.pdbx_db_align_end_ins_code    ? 
_struct_ref_seq.pdbx_auth_seq_align_beg       1 
_struct_ref_seq.pdbx_auth_seq_align_end       229 
# 
_pdbx_struct_assembly.id                   1 
_pdbx_struct_assembly.details              author_and_software_defined_assembly 
_pdbx_struct_assembly.method_details       PISA 
_pdbx_struct_assembly.oligomeric_details   dimeric 
_pdbx_struct_assembly.oligomeric_count     2 
# 
loop_
_pdbx_struct_assembly_prop.biol_id 
_pdbx_struct_assembly_prop.type 
_pdbx_struct_assembly_prop.value 
_pdbx_struct_assembly_prop.details 
1 'ABSA (A^2)' 3060  ? 
1 MORE         -111  ? 
1 'SSA (A^2)'  15840 ? 
# 
_pdbx_struct_assembly_gen.assembly_id       1 
_pdbx_struct_assembly_gen.oper_expression   1,2 
_pdbx_struct_assembly_gen.asym_id_list      A,B,C,D,E 
# 
_pdbx_struct_assembly_auth_evidence.id                     1 
_pdbx_struct_assembly_auth_evidence.assembly_id            1 
_pdbx_struct_assembly_auth_evidence.experimental_support   'gel filtration' 
_pdbx_struct_assembly_auth_evidence.details                ? 
# 
loop_
_pdbx_struct_oper_list.id 
_pdbx_struct_oper_list.type 
_pdbx_struct_oper_list.name 
_pdbx_struct_oper_list.symmetry_operation 
_pdbx_struct_oper_list.matrix[1][1] 
_pdbx_struct_oper_list.matrix[1][2] 
_pdbx_struct_oper_list.matrix[1][3] 
_pdbx_struct_oper_list.vector[1] 
_pdbx_struct_oper_list.matrix[2][1] 
_pdbx_struct_oper_list.matrix[2][2] 
_pdbx_struct_oper_list.matrix[2][3] 
_pdbx_struct_oper_list.vector[2] 
_pdbx_struct_oper_list.matrix[3][1] 
_pdbx_struct_oper_list.matrix[3][2] 
_pdbx_struct_oper_list.matrix[3][3] 
_pdbx_struct_oper_list.vector[3] 
1 'identity operation'         1_555 x,y,z      1.0000000000  0.0000000000 0.0000000000  0.0000000000  0.0000000000 1.0000000000 0.0000000000  0.0000000000 0.0000000000  0.0000000000  1.0000000000  0.0000000000  
2 'crystal symmetry operation' 7_555 y,x,-z+2/3 -0.9499873705 0.2822577916 -0.1336208625 19.8454940840 0.2822577916 0.5929868470 -0.7541201087 5.9125187974 -0.1336208625 -0.7541201087 -0.6429994764 19.9173975554 
# 
loop_
_struct_conf.conf_type_id 
_struct_conf.id 
_struct_conf.pdbx_PDB_helix_id 
_struct_conf.beg_label_comp_id 
_struct_conf.beg_label_asym_id 
_struct_conf.beg_label_seq_id 
_struct_conf.pdbx_beg_PDB_ins_code 
_struct_conf.end_label_comp_id 
_struct_conf.end_label_asym_id 
_struct_conf.end_label_seq_id 
_struct_conf.pdbx_end_PDB_ins_code 
_struct_conf.beg_auth_comp_id 
_struct_conf.beg_auth_asym_id 
_struct_conf.beg_auth_seq_id 
_struct_conf.end_auth_comp_id 
_struct_conf.end_auth_asym_id 
_struct_conf.end_auth_seq_id 
_struct_conf.pdbx_PDB_helix_class 
_struct_conf.details 
_struct_conf.pdbx_PDB_helix_length 
HELX_P HELX_P1 AA1 ASP A 80  ? LEU A 86  ? ASP A 80  LEU A 86  1 ? 7  
HELX_P HELX_P2 AA2 ASP A 91  ? ALA A 117 ? ASP A 91  ALA A 117 1 ? 27 
HELX_P HELX_P3 AA3 THR A 118 ? ASN A 135 ? THR A 118 ASN A 135 1 ? 18 
HELX_P HELX_P4 AA4 GLU A 140 ? SER A 156 ? GLU A 140 SER A 156 1 ? 17 
HELX_P HELX_P5 AA5 ASN A 159 ? ALA A 175 ? ASN A 159 ALA A 175 1 ? 17 
HELX_P HELX_P6 AA6 ASN A 187 ? HIS A 204 ? ASN A 187 HIS A 204 1 ? 18 
HELX_P HELX_P7 AA7 ASP A 206 ? ARG A 224 ? ASP A 206 ARG A 224 1 ? 19 
# 
_struct_conf_type.id          HELX_P 
_struct_conf_type.criteria    ? 
_struct_conf_type.reference   ? 
# 
loop_
_struct_conn.id 
_struct_conn.conn_type_id 
_struct_conn.pdbx_leaving_atom_flag 
_struct_conn.pdbx_PDB_id 
_struct_conn.ptnr1_label_asym_id 
_struct_conn.ptnr1_label_comp_id 
_struct_conn.ptnr1_label_seq_id 
_struct_conn.ptnr1_label_atom_id 
_struct_conn.pdbx_ptnr1_label_alt_id 
_struct_conn.pdbx_ptnr1_PDB_ins_code 
_struct_conn.pdbx_ptnr1_standard_comp_id 
_struct_conn.ptnr1_symmetry 
_struct_conn.ptnr2_label_asym_id 
_struct_conn.ptnr2_label_comp_id 
_struct_conn.ptnr2_label_seq_id 
_struct_conn.ptnr2_label_atom_id 
_struct_conn.pdbx_ptnr2_label_alt_id 
_struct_conn.pdbx_ptnr2_PDB_ins_code 
_struct_conn.ptnr1_auth_asym_id 
_struct_conn.ptnr1_auth_comp_id 
_struct_conn.ptnr1_auth_seq_id 
_struct_conn.ptnr2_auth_asym_id 
_struct_conn.ptnr2_auth_comp_id 
_struct_conn.ptnr2_auth_seq_id 
_struct_conn.ptnr2_symmetry 
_struct_conn.pdbx_ptnr3_label_atom_id 
_struct_conn.pdbx_ptnr3_label_seq_id 
_struct_conn.pdbx_ptnr3_label_comp_id 
_struct_conn.pdbx_ptnr3_label_asym_id 
_struct_conn.pdbx_ptnr3_label_alt_id 
_struct_conn.pdbx_ptnr3_PDB_ins_code 
_struct_conn.details 
_struct_conn.pdbx_dist_value 
_struct_conn.pdbx_value_order 
_struct_conn.pdbx_role 
covale1 covale both ? A ALA 97  C   ? ? ? 1_555 A MSE 98  N  ? ? A ALA 97  A MSE 98  1_555 ? ? ? ? ? ? ? 1.331 ? ? 
covale2 covale both ? A MSE 98  C   ? ? ? 1_555 A SER 99  N  ? ? A MSE 98  A SER 99  1_555 ? ? ? ? ? ? ? 1.336 ? ? 
covale3 covale both ? A GLU 131 C   ? ? ? 1_555 A MSE 132 N  ? ? A GLU 131 A MSE 132 1_555 ? ? ? ? ? ? ? 1.329 ? ? 
covale4 covale both ? A MSE 132 C   ? ? ? 1_555 A ILE 133 N  ? ? A MSE 132 A ILE 133 1_555 ? ? ? ? ? ? ? 1.334 ? ? 
covale5 covale both ? A ASN 187 C   ? ? ? 1_555 A MSE 188 N  ? ? A ASN 187 A MSE 188 1_555 ? ? ? ? ? ? ? 1.328 ? ? 
covale6 covale both ? A MSE 188 C   ? ? ? 1_555 A PRO 189 N  ? ? A MSE 188 A PRO 189 1_555 ? ? ? ? ? ? ? 1.344 ? ? 
covale7 covale both ? A THR 216 C   ? ? ? 1_555 A MSE 217 N  ? ? A THR 216 A MSE 217 1_555 ? ? ? ? ? ? ? 1.330 ? ? 
covale8 covale both ? A MSE 217 C   ? ? ? 1_555 A ILE 218 N  ? ? A MSE 217 A ILE 218 1_555 ? ? ? ? ? ? ? 1.335 ? ? 
metalc1 metalc ?    ? A ASP 146 OD1 ? ? ? 1_555 B ZN  .   ZN ? ? A ASP 146 A ZN  301 1_555 ? ? ? ? ? ? ? 2.165 ? ? 
metalc2 metalc ?    ? A ASP 146 OD2 ? ? ? 1_555 B ZN  .   ZN ? ? A ASP 146 A ZN  301 1_555 ? ? ? ? ? ? ? 2.496 ? ? 
metalc3 metalc ?    ? A HIS 150 NE2 ? ? ? 1_555 B ZN  .   ZN ? ? A HIS 150 A ZN  301 1_555 ? ? ? ? ? ? ? 2.287 ? ? 
metalc4 metalc ?    ? A HIS 195 NE2 ? ? ? 1_555 B ZN  .   ZN ? ? A HIS 195 A ZN  301 1_555 ? ? ? ? ? ? ? 2.234 ? ? 
# 
loop_
_struct_conn_type.id 
_struct_conn_type.criteria 
_struct_conn_type.reference 
covale ? ? 
metalc ? ? 
# 
loop_
_pdbx_struct_conn_angle.id 
_pdbx_struct_conn_angle.ptnr1_label_atom_id 
_pdbx_struct_conn_angle.ptnr1_label_alt_id 
_pdbx_struct_conn_angle.ptnr1_label_asym_id 
_pdbx_struct_conn_angle.ptnr1_label_comp_id 
_pdbx_struct_conn_angle.ptnr1_label_seq_id 
_pdbx_struct_conn_angle.ptnr1_auth_atom_id 
_pdbx_struct_conn_angle.ptnr1_auth_asym_id 
_pdbx_struct_conn_angle.ptnr1_auth_comp_id 
_pdbx_struct_conn_angle.ptnr1_auth_seq_id 
_pdbx_struct_conn_angle.ptnr1_PDB_ins_code 
_pdbx_struct_conn_angle.ptnr1_symmetry 
_pdbx_struct_conn_angle.ptnr2_label_atom_id 
_pdbx_struct_conn_angle.ptnr2_label_alt_id 
_pdbx_struct_conn_angle.ptnr2_label_asym_id 
_pdbx_struct_conn_angle.ptnr2_label_comp_id 
_pdbx_struct_conn_angle.ptnr2_label_seq_id 
_pdbx_struct_conn_angle.ptnr2_auth_atom_id 
_pdbx_struct_conn_angle.ptnr2_auth_asym_id 
_pdbx_struct_conn_angle.ptnr2_auth_comp_id 
_pdbx_struct_conn_angle.ptnr2_auth_seq_id 
_pdbx_struct_conn_angle.ptnr2_PDB_ins_code 
_pdbx_struct_conn_angle.ptnr2_symmetry 
_pdbx_struct_conn_angle.ptnr3_label_atom_id 
_pdbx_struct_conn_angle.ptnr3_label_alt_id 
_pdbx_struct_conn_angle.ptnr3_label_asym_id 
_pdbx_struct_conn_angle.ptnr3_label_comp_id 
_pdbx_struct_conn_angle.ptnr3_label_seq_id 
_pdbx_struct_conn_angle.ptnr3_auth_atom_id 
_pdbx_struct_conn_angle.ptnr3_auth_asym_id 
_pdbx_struct_conn_angle.ptnr3_auth_comp_id 
_pdbx_struct_conn_angle.ptnr3_auth_seq_id 
_pdbx_struct_conn_angle.ptnr3_PDB_ins_code 
_pdbx_struct_conn_angle.ptnr3_symmetry 
_pdbx_struct_conn_angle.value 
_pdbx_struct_conn_angle.value_esd 
1 OD1 ? A ASP 146 ? A ASP 146 ? 1_555 ZN ? B ZN . ? A ZN 301 ? 1_555 OD2 ? A ASP 146 ? A ASP 146 ? 1_555 55.5  ? 
2 OD1 ? A ASP 146 ? A ASP 146 ? 1_555 ZN ? B ZN . ? A ZN 301 ? 1_555 NE2 ? A HIS 150 ? A HIS 150 ? 1_555 86.4  ? 
3 OD2 ? A ASP 146 ? A ASP 146 ? 1_555 ZN ? B ZN . ? A ZN 301 ? 1_555 NE2 ? A HIS 150 ? A HIS 150 ? 1_555 122.4 ? 
4 OD1 ? A ASP 146 ? A ASP 146 ? 1_555 ZN ? B ZN . ? A ZN 301 ? 1_555 NE2 ? A HIS 195 ? A HIS 195 ? 1_555 87.0  ? 
5 OD2 ? A ASP 146 ? A ASP 146 ? 1_555 ZN ? B ZN . ? A ZN 301 ? 1_555 NE2 ? A HIS 195 ? A HIS 195 ? 1_555 119.6 ? 
6 NE2 ? A HIS 150 ? A HIS 150 ? 1_555 ZN ? B ZN . ? A ZN 301 ? 1_555 NE2 ? A HIS 195 ? A HIS 195 ? 1_555 96.2  ? 
# 
loop_
_pdbx_modification_feature.ordinal 
_pdbx_modification_feature.label_comp_id 
_pdbx_modification_feature.label_asym_id 
_pdbx_modification_feature.label_seq_id 
_pdbx_modification_feature.label_alt_id 
_pdbx_modification_feature.modified_residue_label_comp_id 
_pdbx_modification_feature.modified_residue_label_asym_id 
_pdbx_modification_feature.modified_residue_label_seq_id 
_pdbx_modification_feature.modified_residue_label_alt_id 
_pdbx_modification_feature.auth_comp_id 
_pdbx_modification_feature.auth_asym_id 
_pdbx_modification_feature.auth_seq_id 
_pdbx_modification_feature.PDB_ins_code 
_pdbx_modification_feature.symmetry 
_pdbx_modification_feature.modified_residue_auth_comp_id 
_pdbx_modification_feature.modified_residue_auth_asym_id 
_pdbx_modification_feature.modified_residue_auth_seq_id 
_pdbx_modification_feature.modified_residue_PDB_ins_code 
_pdbx_modification_feature.modified_residue_symmetry 
_pdbx_modification_feature.comp_id_linking_atom 
_pdbx_modification_feature.modified_residue_id_linking_atom 
_pdbx_modification_feature.modified_residue_id 
_pdbx_modification_feature.ref_pcm_id 
_pdbx_modification_feature.ref_comp_id 
_pdbx_modification_feature.type 
_pdbx_modification_feature.category 
1 MSE A 98  ? . . . . MSE A 98  ? 1_555 . . . . . . . MET 1 MSE Selenomethionine 'Named protein modification' 
2 MSE A 132 ? . . . . MSE A 132 ? 1_555 . . . . . . . MET 1 MSE Selenomethionine 'Named protein modification' 
3 MSE A 188 ? . . . . MSE A 188 ? 1_555 . . . . . . . MET 1 MSE Selenomethionine 'Named protein modification' 
4 MSE A 217 ? . . . . MSE A 217 ? 1_555 . . . . . . . MET 1 MSE Selenomethionine 'Named protein modification' 
# 
loop_
_struct_site.id 
_struct_site.pdbx_evidence_code 
_struct_site.pdbx_auth_asym_id 
_struct_site.pdbx_auth_comp_id 
_struct_site.pdbx_auth_seq_id 
_struct_site.pdbx_auth_ins_code 
_struct_site.pdbx_num_residues 
_struct_site.details 
AC1 Software A ZN  301 ? 3 'binding site for residue ZN A 301'  
AC2 Software A SO4 302 ? 3 'binding site for residue SO4 A 302' 
AC3 Software A PGE 303 ? 5 'binding site for residue PGE A 303' 
# 
loop_
_struct_site_gen.id 
_struct_site_gen.site_id 
_struct_site_gen.pdbx_num_res 
_struct_site_gen.label_comp_id 
_struct_site_gen.label_asym_id 
_struct_site_gen.label_seq_id 
_struct_site_gen.pdbx_auth_ins_code 
_struct_site_gen.auth_comp_id 
_struct_site_gen.auth_asym_id 
_struct_site_gen.auth_seq_id 
_struct_site_gen.label_atom_id 
_struct_site_gen.label_alt_id 
_struct_site_gen.symmetry 
_struct_site_gen.details 
1  AC1 3 ASP A 146 ? ASP A 146 . ? 1_555 ? 
2  AC1 3 HIS A 150 ? HIS A 150 . ? 1_555 ? 
3  AC1 3 HIS A 195 ? HIS A 195 . ? 1_555 ? 
4  AC2 3 ARG A 102 ? ARG A 102 . ? 1_555 ? 
5  AC2 3 GLN A 173 ? GLN A 173 . ? 1_555 ? 
6  AC2 3 SER A 221 ? SER A 221 . ? 1_555 ? 
7  AC3 5 GLU A 106 ? GLU A 106 . ? 1_555 ? 
8  AC3 5 HIS A 150 ? HIS A 150 . ? 1_555 ? 
9  AC3 5 SER A 166 ? SER A 166 . ? 1_555 ? 
10 AC3 5 SER A 170 ? SER A 170 . ? 1_555 ? 
11 AC3 5 MSE A 217 ? MSE A 217 . ? 1_555 ? 
# 
_pdbx_entry_details.entry_id                   7C7E 
_pdbx_entry_details.has_ligand_of_interest     Y 
_pdbx_entry_details.compound_details           ? 
_pdbx_entry_details.source_details             ? 
_pdbx_entry_details.nonpolymer_details         ? 
_pdbx_entry_details.sequence_details           ? 
_pdbx_entry_details.has_protein_modification   Y 
# 
loop_
_pdbx_validate_torsion.id 
_pdbx_validate_torsion.PDB_model_num 
_pdbx_validate_torsion.auth_comp_id 
_pdbx_validate_torsion.auth_asym_id 
_pdbx_validate_torsion.auth_seq_id 
_pdbx_validate_torsion.PDB_ins_code 
_pdbx_validate_torsion.label_alt_id 
_pdbx_validate_torsion.phi 
_pdbx_validate_torsion.psi 
1 1 ASP A 89  ? ? 67.65   -60.99 
2 1 GLU A 140 ? ? -154.13 -41.80 
3 1 ASP A 184 ? ? 72.06   -21.49 
# 
loop_
_pdbx_struct_mod_residue.id 
_pdbx_struct_mod_residue.label_asym_id 
_pdbx_struct_mod_residue.label_comp_id 
_pdbx_struct_mod_residue.label_seq_id 
_pdbx_struct_mod_residue.auth_asym_id 
_pdbx_struct_mod_residue.auth_comp_id 
_pdbx_struct_mod_residue.auth_seq_id 
_pdbx_struct_mod_residue.PDB_ins_code 
_pdbx_struct_mod_residue.parent_comp_id 
_pdbx_struct_mod_residue.details 
1 A MSE 98  A MSE 98  ? MET 'modified residue' 
2 A MSE 132 A MSE 132 ? MET 'modified residue' 
3 A MSE 188 A MSE 188 ? MET 'modified residue' 
4 A MSE 217 A MSE 217 ? MET 'modified residue' 
# 
loop_
_pdbx_unobs_or_zero_occ_residues.id 
_pdbx_unobs_or_zero_occ_residues.PDB_model_num 
_pdbx_unobs_or_zero_occ_residues.polymer_flag 
_pdbx_unobs_or_zero_occ_residues.occupancy_flag 
_pdbx_unobs_or_zero_occ_residues.auth_asym_id 
_pdbx_unobs_or_zero_occ_residues.auth_comp_id 
_pdbx_unobs_or_zero_occ_residues.auth_seq_id 
_pdbx_unobs_or_zero_occ_residues.PDB_ins_code 
_pdbx_unobs_or_zero_occ_residues.label_asym_id 
_pdbx_unobs_or_zero_occ_residues.label_comp_id 
_pdbx_unobs_or_zero_occ_residues.label_seq_id 
1  1 Y 1 A MSE 1   ? A MSE 1   
2  1 Y 1 A THR 2   ? A THR 2   
3  1 Y 1 A LEU 3   ? A LEU 3   
4  1 Y 1 A ASN 4   ? A ASN 4   
5  1 Y 1 A LYS 5   ? A LYS 5   
6  1 Y 1 A THR 6   ? A THR 6   
7  1 Y 1 A ASP 7   ? A ASP 7   
8  1 Y 1 A ARG 8   ? A ARG 8   
9  1 Y 1 A ILE 9   ? A ILE 9   
10 1 Y 1 A VAL 10  ? A VAL 10  
11 1 Y 1 A ILE 11  ? A ILE 11  
12 1 Y 1 A THR 12  ? A THR 12  
13 1 Y 1 A LEU 13  ? A LEU 13  
14 1 Y 1 A GLY 14  ? A GLY 14  
15 1 Y 1 A LYS 15  ? A LYS 15  
16 1 Y 1 A GLN 16  ? A GLN 16  
17 1 Y 1 A ILE 17  ? A ILE 17  
18 1 Y 1 A VAL 18  ? A VAL 18  
19 1 Y 1 A HIS 19  ? A HIS 19  
20 1 Y 1 A GLY 20  ? A GLY 20  
21 1 Y 1 A LYS 21  ? A LYS 21  
22 1 Y 1 A TYR 22  ? A TYR 22  
23 1 Y 1 A VAL 23  ? A VAL 23  
24 1 Y 1 A PRO 24  ? A PRO 24  
25 1 Y 1 A GLY 25  ? A GLY 25  
26 1 Y 1 A SER 26  ? A SER 26  
27 1 Y 1 A PRO 27  ? A PRO 27  
28 1 Y 1 A LEU 28  ? A LEU 28  
29 1 Y 1 A PRO 29  ? A PRO 29  
30 1 Y 1 A ALA 30  ? A ALA 30  
31 1 Y 1 A GLU 31  ? A GLU 31  
32 1 Y 1 A ALA 32  ? A ALA 32  
33 1 Y 1 A GLU 33  ? A GLU 33  
34 1 Y 1 A LEU 34  ? A LEU 34  
35 1 Y 1 A CYS 35  ? A CYS 35  
36 1 Y 1 A GLU 36  ? A GLU 36  
37 1 Y 1 A GLU 37  ? A GLU 37  
38 1 Y 1 A PHE 38  ? A PHE 38  
39 1 Y 1 A ALA 39  ? A ALA 39  
40 1 Y 1 A THR 40  ? A THR 40  
41 1 Y 1 A SER 41  ? A SER 41  
42 1 Y 1 A ARG 42  ? A ARG 42  
43 1 Y 1 A ASN 43  ? A ASN 43  
44 1 Y 1 A ILE 44  ? A ILE 44  
45 1 Y 1 A ILE 45  ? A ILE 45  
46 1 Y 1 A ARG 46  ? A ARG 46  
47 1 Y 1 A GLU 47  ? A GLU 47  
48 1 Y 1 A VAL 48  ? A VAL 48  
49 1 Y 1 A PHE 49  ? A PHE 49  
50 1 Y 1 A ARG 50  ? A ARG 50  
51 1 Y 1 A SER 51  ? A SER 51  
52 1 Y 1 A LEU 52  ? A LEU 52  
53 1 Y 1 A MSE 53  ? A MSE 53  
54 1 Y 1 A ALA 54  ? A ALA 54  
55 1 Y 1 A LYS 55  ? A LYS 55  
56 1 Y 1 A ARG 56  ? A ARG 56  
57 1 Y 1 A LEU 57  ? A LEU 57  
58 1 Y 1 A ILE 58  ? A ILE 58  
59 1 Y 1 A GLU 59  ? A GLU 59  
60 1 Y 1 A MSE 60  ? A MSE 60  
61 1 Y 1 A LYS 61  ? A LYS 61  
62 1 Y 1 A ARG 62  ? A ARG 62  
63 1 Y 1 A TYR 63  ? A TYR 63  
64 1 Y 1 A ARG 64  ? A ARG 64  
65 1 Y 1 A GLY 65  ? A GLY 65  
66 1 Y 1 A ALA 66  ? A ALA 66  
67 1 Y 1 A PHE 67  ? A PHE 67  
68 1 Y 1 A VAL 68  ? A VAL 68  
69 1 Y 1 A ALA 69  ? A ALA 69  
70 1 Y 1 A PRO 70  ? A PRO 70  
71 1 Y 1 A ARG 71  ? A ARG 71  
72 1 Y 1 A ASN 72  ? A ASN 72  
73 1 Y 1 A GLN 73  ? A GLN 73  
74 1 Y 1 A TRP 74  ? A TRP 74  
75 1 Y 1 A ASN 75  ? A ASN 75  
76 1 Y 1 A TYR 76  ? A TYR 76  
77 1 Y 1 A LEU 77  ? A LEU 77  
78 1 Y 1 A ASP 78  ? A ASP 78  
79 1 Y 1 A ARG 179 ? A ARG 179 
80 1 Y 1 A THR 180 ? A THR 180 
81 1 Y 1 A TRP 181 ? A TRP 181 
82 1 Y 1 A MSE 182 ? A MSE 182 
83 1 Y 1 A LEU 225 ? A LEU 225 
84 1 Y 1 A LYS 226 ? A LYS 226 
85 1 Y 1 A GLU 227 ? A GLU 227 
86 1 Y 1 A ILE 228 ? A ILE 228 
87 1 Y 1 A THR 229 ? A THR 229 
# 
loop_
_chem_comp_atom.comp_id 
_chem_comp_atom.atom_id 
_chem_comp_atom.type_symbol 
_chem_comp_atom.pdbx_aromatic_flag 
_chem_comp_atom.pdbx_stereo_config 
_chem_comp_atom.pdbx_ordinal 
ALA N    N  N N 1   
ALA CA   C  N S 2   
ALA C    C  N N 3   
ALA O    O  N N 4   
ALA CB   C  N N 5   
ALA OXT  O  N N 6   
ALA H    H  N N 7   
ALA H2   H  N N 8   
ALA HA   H  N N 9   
ALA HB1  H  N N 10  
ALA HB2  H  N N 11  
ALA HB3  H  N N 12  
ALA HXT  H  N N 13  
ARG N    N  N N 14  
ARG CA   C  N S 15  
ARG C    C  N N 16  
ARG O    O  N N 17  
ARG CB   C  N N 18  
ARG CG   C  N N 19  
ARG CD   C  N N 20  
ARG NE   N  N N 21  
ARG CZ   C  N N 22  
ARG NH1  N  N N 23  
ARG NH2  N  N N 24  
ARG OXT  O  N N 25  
ARG H    H  N N 26  
ARG H2   H  N N 27  
ARG HA   H  N N 28  
ARG HB2  H  N N 29  
ARG HB3  H  N N 30  
ARG HG2  H  N N 31  
ARG HG3  H  N N 32  
ARG HD2  H  N N 33  
ARG HD3  H  N N 34  
ARG HE   H  N N 35  
ARG HH11 H  N N 36  
ARG HH12 H  N N 37  
ARG HH21 H  N N 38  
ARG HH22 H  N N 39  
ARG HXT  H  N N 40  
ASN N    N  N N 41  
ASN CA   C  N S 42  
ASN C    C  N N 43  
ASN O    O  N N 44  
ASN CB   C  N N 45  
ASN CG   C  N N 46  
ASN OD1  O  N N 47  
ASN ND2  N  N N 48  
ASN OXT  O  N N 49  
ASN H    H  N N 50  
ASN H2   H  N N 51  
ASN HA   H  N N 52  
ASN HB2  H  N N 53  
ASN HB3  H  N N 54  
ASN HD21 H  N N 55  
ASN HD22 H  N N 56  
ASN HXT  H  N N 57  
ASP N    N  N N 58  
ASP CA   C  N S 59  
ASP C    C  N N 60  
ASP O    O  N N 61  
ASP CB   C  N N 62  
ASP CG   C  N N 63  
ASP OD1  O  N N 64  
ASP OD2  O  N N 65  
ASP OXT  O  N N 66  
ASP H    H  N N 67  
ASP H2   H  N N 68  
ASP HA   H  N N 69  
ASP HB2  H  N N 70  
ASP HB3  H  N N 71  
ASP HD2  H  N N 72  
ASP HXT  H  N N 73  
CYS N    N  N N 74  
CYS CA   C  N R 75  
CYS C    C  N N 76  
CYS O    O  N N 77  
CYS CB   C  N N 78  
CYS SG   S  N N 79  
CYS OXT  O  N N 80  
CYS H    H  N N 81  
CYS H2   H  N N 82  
CYS HA   H  N N 83  
CYS HB2  H  N N 84  
CYS HB3  H  N N 85  
CYS HG   H  N N 86  
CYS HXT  H  N N 87  
GLN N    N  N N 88  
GLN CA   C  N S 89  
GLN C    C  N N 90  
GLN O    O  N N 91  
GLN CB   C  N N 92  
GLN CG   C  N N 93  
GLN CD   C  N N 94  
GLN OE1  O  N N 95  
GLN NE2  N  N N 96  
GLN OXT  O  N N 97  
GLN H    H  N N 98  
GLN H2   H  N N 99  
GLN HA   H  N N 100 
GLN HB2  H  N N 101 
GLN HB3  H  N N 102 
GLN HG2  H  N N 103 
GLN HG3  H  N N 104 
GLN HE21 H  N N 105 
GLN HE22 H  N N 106 
GLN HXT  H  N N 107 
GLU N    N  N N 108 
GLU CA   C  N S 109 
GLU C    C  N N 110 
GLU O    O  N N 111 
GLU CB   C  N N 112 
GLU CG   C  N N 113 
GLU CD   C  N N 114 
GLU OE1  O  N N 115 
GLU OE2  O  N N 116 
GLU OXT  O  N N 117 
GLU H    H  N N 118 
GLU H2   H  N N 119 
GLU HA   H  N N 120 
GLU HB2  H  N N 121 
GLU HB3  H  N N 122 
GLU HG2  H  N N 123 
GLU HG3  H  N N 124 
GLU HE2  H  N N 125 
GLU HXT  H  N N 126 
GLY N    N  N N 127 
GLY CA   C  N N 128 
GLY C    C  N N 129 
GLY O    O  N N 130 
GLY OXT  O  N N 131 
GLY H    H  N N 132 
GLY H2   H  N N 133 
GLY HA2  H  N N 134 
GLY HA3  H  N N 135 
GLY HXT  H  N N 136 
HIS N    N  N N 137 
HIS CA   C  N S 138 
HIS C    C  N N 139 
HIS O    O  N N 140 
HIS CB   C  N N 141 
HIS CG   C  Y N 142 
HIS ND1  N  Y N 143 
HIS CD2  C  Y N 144 
HIS CE1  C  Y N 145 
HIS NE2  N  Y N 146 
HIS OXT  O  N N 147 
HIS H    H  N N 148 
HIS H2   H  N N 149 
HIS HA   H  N N 150 
HIS HB2  H  N N 151 
HIS HB3  H  N N 152 
HIS HD1  H  N N 153 
HIS HD2  H  N N 154 
HIS HE1  H  N N 155 
HIS HE2  H  N N 156 
HIS HXT  H  N N 157 
HOH O    O  N N 158 
HOH H1   H  N N 159 
HOH H2   H  N N 160 
ILE N    N  N N 161 
ILE CA   C  N S 162 
ILE C    C  N N 163 
ILE O    O  N N 164 
ILE CB   C  N S 165 
ILE CG1  C  N N 166 
ILE CG2  C  N N 167 
ILE CD1  C  N N 168 
ILE OXT  O  N N 169 
ILE H    H  N N 170 
ILE H2   H  N N 171 
ILE HA   H  N N 172 
ILE HB   H  N N 173 
ILE HG12 H  N N 174 
ILE HG13 H  N N 175 
ILE HG21 H  N N 176 
ILE HG22 H  N N 177 
ILE HG23 H  N N 178 
ILE HD11 H  N N 179 
ILE HD12 H  N N 180 
ILE HD13 H  N N 181 
ILE HXT  H  N N 182 
LEU N    N  N N 183 
LEU CA   C  N S 184 
LEU C    C  N N 185 
LEU O    O  N N 186 
LEU CB   C  N N 187 
LEU CG   C  N N 188 
LEU CD1  C  N N 189 
LEU CD2  C  N N 190 
LEU OXT  O  N N 191 
LEU H    H  N N 192 
LEU H2   H  N N 193 
LEU HA   H  N N 194 
LEU HB2  H  N N 195 
LEU HB3  H  N N 196 
LEU HG   H  N N 197 
LEU HD11 H  N N 198 
LEU HD12 H  N N 199 
LEU HD13 H  N N 200 
LEU HD21 H  N N 201 
LEU HD22 H  N N 202 
LEU HD23 H  N N 203 
LEU HXT  H  N N 204 
LYS N    N  N N 205 
LYS CA   C  N S 206 
LYS C    C  N N 207 
LYS O    O  N N 208 
LYS CB   C  N N 209 
LYS CG   C  N N 210 
LYS CD   C  N N 211 
LYS CE   C  N N 212 
LYS NZ   N  N N 213 
LYS OXT  O  N N 214 
LYS H    H  N N 215 
LYS H2   H  N N 216 
LYS HA   H  N N 217 
LYS HB2  H  N N 218 
LYS HB3  H  N N 219 
LYS HG2  H  N N 220 
LYS HG3  H  N N 221 
LYS HD2  H  N N 222 
LYS HD3  H  N N 223 
LYS HE2  H  N N 224 
LYS HE3  H  N N 225 
LYS HZ1  H  N N 226 
LYS HZ2  H  N N 227 
LYS HZ3  H  N N 228 
LYS HXT  H  N N 229 
MSE N    N  N N 230 
MSE CA   C  N S 231 
MSE C    C  N N 232 
MSE O    O  N N 233 
MSE OXT  O  N N 234 
MSE CB   C  N N 235 
MSE CG   C  N N 236 
MSE SE   SE N N 237 
MSE CE   C  N N 238 
MSE H    H  N N 239 
MSE H2   H  N N 240 
MSE HA   H  N N 241 
MSE HXT  H  N N 242 
MSE HB2  H  N N 243 
MSE HB3  H  N N 244 
MSE HG2  H  N N 245 
MSE HG3  H  N N 246 
MSE HE1  H  N N 247 
MSE HE2  H  N N 248 
MSE HE3  H  N N 249 
PGE C1   C  N N 250 
PGE O1   O  N N 251 
PGE C2   C  N N 252 
PGE O2   O  N N 253 
PGE C3   C  N N 254 
PGE C4   C  N N 255 
PGE O4   O  N N 256 
PGE C6   C  N N 257 
PGE C5   C  N N 258 
PGE O3   O  N N 259 
PGE H1   H  N N 260 
PGE H12  H  N N 261 
PGE HO1  H  N N 262 
PGE H2   H  N N 263 
PGE H22  H  N N 264 
PGE H3   H  N N 265 
PGE H32  H  N N 266 
PGE H4   H  N N 267 
PGE H42  H  N N 268 
PGE HO4  H  N N 269 
PGE H6   H  N N 270 
PGE H62  H  N N 271 
PGE H5   H  N N 272 
PGE H52  H  N N 273 
PHE N    N  N N 274 
PHE CA   C  N S 275 
PHE C    C  N N 276 
PHE O    O  N N 277 
PHE CB   C  N N 278 
PHE CG   C  Y N 279 
PHE CD1  C  Y N 280 
PHE CD2  C  Y N 281 
PHE CE1  C  Y N 282 
PHE CE2  C  Y N 283 
PHE CZ   C  Y N 284 
PHE OXT  O  N N 285 
PHE H    H  N N 286 
PHE H2   H  N N 287 
PHE HA   H  N N 288 
PHE HB2  H  N N 289 
PHE HB3  H  N N 290 
PHE HD1  H  N N 291 
PHE HD2  H  N N 292 
PHE HE1  H  N N 293 
PHE HE2  H  N N 294 
PHE HZ   H  N N 295 
PHE HXT  H  N N 296 
PRO N    N  N N 297 
PRO CA   C  N S 298 
PRO C    C  N N 299 
PRO O    O  N N 300 
PRO CB   C  N N 301 
PRO CG   C  N N 302 
PRO CD   C  N N 303 
PRO OXT  O  N N 304 
PRO H    H  N N 305 
PRO HA   H  N N 306 
PRO HB2  H  N N 307 
PRO HB3  H  N N 308 
PRO HG2  H  N N 309 
PRO HG3  H  N N 310 
PRO HD2  H  N N 311 
PRO HD3  H  N N 312 
PRO HXT  H  N N 313 
SER N    N  N N 314 
SER CA   C  N S 315 
SER C    C  N N 316 
SER O    O  N N 317 
SER CB   C  N N 318 
SER OG   O  N N 319 
SER OXT  O  N N 320 
SER H    H  N N 321 
SER H2   H  N N 322 
SER HA   H  N N 323 
SER HB2  H  N N 324 
SER HB3  H  N N 325 
SER HG   H  N N 326 
SER HXT  H  N N 327 
SO4 S    S  N N 328 
SO4 O1   O  N N 329 
SO4 O2   O  N N 330 
SO4 O3   O  N N 331 
SO4 O4   O  N N 332 
THR N    N  N N 333 
THR CA   C  N S 334 
THR C    C  N N 335 
THR O    O  N N 336 
THR CB   C  N R 337 
THR OG1  O  N N 338 
THR CG2  C  N N 339 
THR OXT  O  N N 340 
THR H    H  N N 341 
THR H2   H  N N 342 
THR HA   H  N N 343 
THR HB   H  N N 344 
THR HG1  H  N N 345 
THR HG21 H  N N 346 
THR HG22 H  N N 347 
THR HG23 H  N N 348 
THR HXT  H  N N 349 
TRP N    N  N N 350 
TRP CA   C  N S 351 
TRP C    C  N N 352 
TRP O    O  N N 353 
TRP CB   C  N N 354 
TRP CG   C  Y N 355 
TRP CD1  C  Y N 356 
TRP CD2  C  Y N 357 
TRP NE1  N  Y N 358 
TRP CE2  C  Y N 359 
TRP CE3  C  Y N 360 
TRP CZ2  C  Y N 361 
TRP CZ3  C  Y N 362 
TRP CH2  C  Y N 363 
TRP OXT  O  N N 364 
TRP H    H  N N 365 
TRP H2   H  N N 366 
TRP HA   H  N N 367 
TRP HB2  H  N N 368 
TRP HB3  H  N N 369 
TRP HD1  H  N N 370 
TRP HE1  H  N N 371 
TRP HE3  H  N N 372 
TRP HZ2  H  N N 373 
TRP HZ3  H  N N 374 
TRP HH2  H  N N 375 
TRP HXT  H  N N 376 
TYR N    N  N N 377 
TYR CA   C  N S 378 
TYR C    C  N N 379 
TYR O    O  N N 380 
TYR CB   C  N N 381 
TYR CG   C  Y N 382 
TYR CD1  C  Y N 383 
TYR CD2  C  Y N 384 
TYR CE1  C  Y N 385 
TYR CE2  C  Y N 386 
TYR CZ   C  Y N 387 
TYR OH   O  N N 388 
TYR OXT  O  N N 389 
TYR H    H  N N 390 
TYR H2   H  N N 391 
TYR HA   H  N N 392 
TYR HB2  H  N N 393 
TYR HB3  H  N N 394 
TYR HD1  H  N N 395 
TYR HD2  H  N N 396 
TYR HE1  H  N N 397 
TYR HE2  H  N N 398 
TYR HH   H  N N 399 
TYR HXT  H  N N 400 
VAL N    N  N N 401 
VAL CA   C  N S 402 
VAL C    C  N N 403 
VAL O    O  N N 404 
VAL CB   C  N N 405 
VAL CG1  C  N N 406 
VAL CG2  C  N N 407 
VAL OXT  O  N N 408 
VAL H    H  N N 409 
VAL H2   H  N N 410 
VAL HA   H  N N 411 
VAL HB   H  N N 412 
VAL HG11 H  N N 413 
VAL HG12 H  N N 414 
VAL HG13 H  N N 415 
VAL HG21 H  N N 416 
VAL HG22 H  N N 417 
VAL HG23 H  N N 418 
VAL HXT  H  N N 419 
ZN  ZN   ZN N N 420 
# 
loop_
_chem_comp_bond.comp_id 
_chem_comp_bond.atom_id_1 
_chem_comp_bond.atom_id_2 
_chem_comp_bond.value_order 
_chem_comp_bond.pdbx_aromatic_flag 
_chem_comp_bond.pdbx_stereo_config 
_chem_comp_bond.pdbx_ordinal 
ALA N   CA   sing N N 1   
ALA N   H    sing N N 2   
ALA N   H2   sing N N 3   
ALA CA  C    sing N N 4   
ALA CA  CB   sing N N 5   
ALA CA  HA   sing N N 6   
ALA C   O    doub N N 7   
ALA C   OXT  sing N N 8   
ALA CB  HB1  sing N N 9   
ALA CB  HB2  sing N N 10  
ALA CB  HB3  sing N N 11  
ALA OXT HXT  sing N N 12  
ARG N   CA   sing N N 13  
ARG N   H    sing N N 14  
ARG N   H2   sing N N 15  
ARG CA  C    sing N N 16  
ARG CA  CB   sing N N 17  
ARG CA  HA   sing N N 18  
ARG C   O    doub N N 19  
ARG C   OXT  sing N N 20  
ARG CB  CG   sing N N 21  
ARG CB  HB2  sing N N 22  
ARG CB  HB3  sing N N 23  
ARG CG  CD   sing N N 24  
ARG CG  HG2  sing N N 25  
ARG CG  HG3  sing N N 26  
ARG CD  NE   sing N N 27  
ARG CD  HD2  sing N N 28  
ARG CD  HD3  sing N N 29  
ARG NE  CZ   sing N N 30  
ARG NE  HE   sing N N 31  
ARG CZ  NH1  sing N N 32  
ARG CZ  NH2  doub N N 33  
ARG NH1 HH11 sing N N 34  
ARG NH1 HH12 sing N N 35  
ARG NH2 HH21 sing N N 36  
ARG NH2 HH22 sing N N 37  
ARG OXT HXT  sing N N 38  
ASN N   CA   sing N N 39  
ASN N   H    sing N N 40  
ASN N   H2   sing N N 41  
ASN CA  C    sing N N 42  
ASN CA  CB   sing N N 43  
ASN CA  HA   sing N N 44  
ASN C   O    doub N N 45  
ASN C   OXT  sing N N 46  
ASN CB  CG   sing N N 47  
ASN CB  HB2  sing N N 48  
ASN CB  HB3  sing N N 49  
ASN CG  OD1  doub N N 50  
ASN CG  ND2  sing N N 51  
ASN ND2 HD21 sing N N 52  
ASN ND2 HD22 sing N N 53  
ASN OXT HXT  sing N N 54  
ASP N   CA   sing N N 55  
ASP N   H    sing N N 56  
ASP N   H2   sing N N 57  
ASP CA  C    sing N N 58  
ASP CA  CB   sing N N 59  
ASP CA  HA   sing N N 60  
ASP C   O    doub N N 61  
ASP C   OXT  sing N N 62  
ASP CB  CG   sing N N 63  
ASP CB  HB2  sing N N 64  
ASP CB  HB3  sing N N 65  
ASP CG  OD1  doub N N 66  
ASP CG  OD2  sing N N 67  
ASP OD2 HD2  sing N N 68  
ASP OXT HXT  sing N N 69  
CYS N   CA   sing N N 70  
CYS N   H    sing N N 71  
CYS N   H2   sing N N 72  
CYS CA  C    sing N N 73  
CYS CA  CB   sing N N 74  
CYS CA  HA   sing N N 75  
CYS C   O    doub N N 76  
CYS C   OXT  sing N N 77  
CYS CB  SG   sing N N 78  
CYS CB  HB2  sing N N 79  
CYS CB  HB3  sing N N 80  
CYS SG  HG   sing N N 81  
CYS OXT HXT  sing N N 82  
GLN N   CA   sing N N 83  
GLN N   H    sing N N 84  
GLN N   H2   sing N N 85  
GLN CA  C    sing N N 86  
GLN CA  CB   sing N N 87  
GLN CA  HA   sing N N 88  
GLN C   O    doub N N 89  
GLN C   OXT  sing N N 90  
GLN CB  CG   sing N N 91  
GLN CB  HB2  sing N N 92  
GLN CB  HB3  sing N N 93  
GLN CG  CD   sing N N 94  
GLN CG  HG2  sing N N 95  
GLN CG  HG3  sing N N 96  
GLN CD  OE1  doub N N 97  
GLN CD  NE2  sing N N 98  
GLN NE2 HE21 sing N N 99  
GLN NE2 HE22 sing N N 100 
GLN OXT HXT  sing N N 101 
GLU N   CA   sing N N 102 
GLU N   H    sing N N 103 
GLU N   H2   sing N N 104 
GLU CA  C    sing N N 105 
GLU CA  CB   sing N N 106 
GLU CA  HA   sing N N 107 
GLU C   O    doub N N 108 
GLU C   OXT  sing N N 109 
GLU CB  CG   sing N N 110 
GLU CB  HB2  sing N N 111 
GLU CB  HB3  sing N N 112 
GLU CG  CD   sing N N 113 
GLU CG  HG2  sing N N 114 
GLU CG  HG3  sing N N 115 
GLU CD  OE1  doub N N 116 
GLU CD  OE2  sing N N 117 
GLU OE2 HE2  sing N N 118 
GLU OXT HXT  sing N N 119 
GLY N   CA   sing N N 120 
GLY N   H    sing N N 121 
GLY N   H2   sing N N 122 
GLY CA  C    sing N N 123 
GLY CA  HA2  sing N N 124 
GLY CA  HA3  sing N N 125 
GLY C   O    doub N N 126 
GLY C   OXT  sing N N 127 
GLY OXT HXT  sing N N 128 
HIS N   CA   sing N N 129 
HIS N   H    sing N N 130 
HIS N   H2   sing N N 131 
HIS CA  C    sing N N 132 
HIS CA  CB   sing N N 133 
HIS CA  HA   sing N N 134 
HIS C   O    doub N N 135 
HIS C   OXT  sing N N 136 
HIS CB  CG   sing N N 137 
HIS CB  HB2  sing N N 138 
HIS CB  HB3  sing N N 139 
HIS CG  ND1  sing Y N 140 
HIS CG  CD2  doub Y N 141 
HIS ND1 CE1  doub Y N 142 
HIS ND1 HD1  sing N N 143 
HIS CD2 NE2  sing Y N 144 
HIS CD2 HD2  sing N N 145 
HIS CE1 NE2  sing Y N 146 
HIS CE1 HE1  sing N N 147 
HIS NE2 HE2  sing N N 148 
HIS OXT HXT  sing N N 149 
HOH O   H1   sing N N 150 
HOH O   H2   sing N N 151 
ILE N   CA   sing N N 152 
ILE N   H    sing N N 153 
ILE N   H2   sing N N 154 
ILE CA  C    sing N N 155 
ILE CA  CB   sing N N 156 
ILE CA  HA   sing N N 157 
ILE C   O    doub N N 158 
ILE C   OXT  sing N N 159 
ILE CB  CG1  sing N N 160 
ILE CB  CG2  sing N N 161 
ILE CB  HB   sing N N 162 
ILE CG1 CD1  sing N N 163 
ILE CG1 HG12 sing N N 164 
ILE CG1 HG13 sing N N 165 
ILE CG2 HG21 sing N N 166 
ILE CG2 HG22 sing N N 167 
ILE CG2 HG23 sing N N 168 
ILE CD1 HD11 sing N N 169 
ILE CD1 HD12 sing N N 170 
ILE CD1 HD13 sing N N 171 
ILE OXT HXT  sing N N 172 
LEU N   CA   sing N N 173 
LEU N   H    sing N N 174 
LEU N   H2   sing N N 175 
LEU CA  C    sing N N 176 
LEU CA  CB   sing N N 177 
LEU CA  HA   sing N N 178 
LEU C   O    doub N N 179 
LEU C   OXT  sing N N 180 
LEU CB  CG   sing N N 181 
LEU CB  HB2  sing N N 182 
LEU CB  HB3  sing N N 183 
LEU CG  CD1  sing N N 184 
LEU CG  CD2  sing N N 185 
LEU CG  HG   sing N N 186 
LEU CD1 HD11 sing N N 187 
LEU CD1 HD12 sing N N 188 
LEU CD1 HD13 sing N N 189 
LEU CD2 HD21 sing N N 190 
LEU CD2 HD22 sing N N 191 
LEU CD2 HD23 sing N N 192 
LEU OXT HXT  sing N N 193 
LYS N   CA   sing N N 194 
LYS N   H    sing N N 195 
LYS N   H2   sing N N 196 
LYS CA  C    sing N N 197 
LYS CA  CB   sing N N 198 
LYS CA  HA   sing N N 199 
LYS C   O    doub N N 200 
LYS C   OXT  sing N N 201 
LYS CB  CG   sing N N 202 
LYS CB  HB2  sing N N 203 
LYS CB  HB3  sing N N 204 
LYS CG  CD   sing N N 205 
LYS CG  HG2  sing N N 206 
LYS CG  HG3  sing N N 207 
LYS CD  CE   sing N N 208 
LYS CD  HD2  sing N N 209 
LYS CD  HD3  sing N N 210 
LYS CE  NZ   sing N N 211 
LYS CE  HE2  sing N N 212 
LYS CE  HE3  sing N N 213 
LYS NZ  HZ1  sing N N 214 
LYS NZ  HZ2  sing N N 215 
LYS NZ  HZ3  sing N N 216 
LYS OXT HXT  sing N N 217 
MSE N   CA   sing N N 218 
MSE N   H    sing N N 219 
MSE N   H2   sing N N 220 
MSE CA  C    sing N N 221 
MSE CA  CB   sing N N 222 
MSE CA  HA   sing N N 223 
MSE C   O    doub N N 224 
MSE C   OXT  sing N N 225 
MSE OXT HXT  sing N N 226 
MSE CB  CG   sing N N 227 
MSE CB  HB2  sing N N 228 
MSE CB  HB3  sing N N 229 
MSE CG  SE   sing N N 230 
MSE CG  HG2  sing N N 231 
MSE CG  HG3  sing N N 232 
MSE SE  CE   sing N N 233 
MSE CE  HE1  sing N N 234 
MSE CE  HE2  sing N N 235 
MSE CE  HE3  sing N N 236 
PGE C1  O1   sing N N 237 
PGE C1  C2   sing N N 238 
PGE C1  H1   sing N N 239 
PGE C1  H12  sing N N 240 
PGE O1  HO1  sing N N 241 
PGE C2  O2   sing N N 242 
PGE C2  H2   sing N N 243 
PGE C2  H22  sing N N 244 
PGE O2  C3   sing N N 245 
PGE C3  C4   sing N N 246 
PGE C3  H3   sing N N 247 
PGE C3  H32  sing N N 248 
PGE C4  O3   sing N N 249 
PGE C4  H4   sing N N 250 
PGE C4  H42  sing N N 251 
PGE O4  C6   sing N N 252 
PGE O4  HO4  sing N N 253 
PGE C6  C5   sing N N 254 
PGE C6  H6   sing N N 255 
PGE C6  H62  sing N N 256 
PGE C5  O3   sing N N 257 
PGE C5  H5   sing N N 258 
PGE C5  H52  sing N N 259 
PHE N   CA   sing N N 260 
PHE N   H    sing N N 261 
PHE N   H2   sing N N 262 
PHE CA  C    sing N N 263 
PHE CA  CB   sing N N 264 
PHE CA  HA   sing N N 265 
PHE C   O    doub N N 266 
PHE C   OXT  sing N N 267 
PHE CB  CG   sing N N 268 
PHE CB  HB2  sing N N 269 
PHE CB  HB3  sing N N 270 
PHE CG  CD1  doub Y N 271 
PHE CG  CD2  sing Y N 272 
PHE CD1 CE1  sing Y N 273 
PHE CD1 HD1  sing N N 274 
PHE CD2 CE2  doub Y N 275 
PHE CD2 HD2  sing N N 276 
PHE CE1 CZ   doub Y N 277 
PHE CE1 HE1  sing N N 278 
PHE CE2 CZ   sing Y N 279 
PHE CE2 HE2  sing N N 280 
PHE CZ  HZ   sing N N 281 
PHE OXT HXT  sing N N 282 
PRO N   CA   sing N N 283 
PRO N   CD   sing N N 284 
PRO N   H    sing N N 285 
PRO CA  C    sing N N 286 
PRO CA  CB   sing N N 287 
PRO CA  HA   sing N N 288 
PRO C   O    doub N N 289 
PRO C   OXT  sing N N 290 
PRO CB  CG   sing N N 291 
PRO CB  HB2  sing N N 292 
PRO CB  HB3  sing N N 293 
PRO CG  CD   sing N N 294 
PRO CG  HG2  sing N N 295 
PRO CG  HG3  sing N N 296 
PRO CD  HD2  sing N N 297 
PRO CD  HD3  sing N N 298 
PRO OXT HXT  sing N N 299 
SER N   CA   sing N N 300 
SER N   H    sing N N 301 
SER N   H2   sing N N 302 
SER CA  C    sing N N 303 
SER CA  CB   sing N N 304 
SER CA  HA   sing N N 305 
SER C   O    doub N N 306 
SER C   OXT  sing N N 307 
SER CB  OG   sing N N 308 
SER CB  HB2  sing N N 309 
SER CB  HB3  sing N N 310 
SER OG  HG   sing N N 311 
SER OXT HXT  sing N N 312 
SO4 S   O1   doub N N 313 
SO4 S   O2   doub N N 314 
SO4 S   O3   sing N N 315 
SO4 S   O4   sing N N 316 
THR N   CA   sing N N 317 
THR N   H    sing N N 318 
THR N   H2   sing N N 319 
THR CA  C    sing N N 320 
THR CA  CB   sing N N 321 
THR CA  HA   sing N N 322 
THR C   O    doub N N 323 
THR C   OXT  sing N N 324 
THR CB  OG1  sing N N 325 
THR CB  CG2  sing N N 326 
THR CB  HB   sing N N 327 
THR OG1 HG1  sing N N 328 
THR CG2 HG21 sing N N 329 
THR CG2 HG22 sing N N 330 
THR CG2 HG23 sing N N 331 
THR OXT HXT  sing N N 332 
TRP N   CA   sing N N 333 
TRP N   H    sing N N 334 
TRP N   H2   sing N N 335 
TRP CA  C    sing N N 336 
TRP CA  CB   sing N N 337 
TRP CA  HA   sing N N 338 
TRP C   O    doub N N 339 
TRP C   OXT  sing N N 340 
TRP CB  CG   sing N N 341 
TRP CB  HB2  sing N N 342 
TRP CB  HB3  sing N N 343 
TRP CG  CD1  doub Y N 344 
TRP CG  CD2  sing Y N 345 
TRP CD1 NE1  sing Y N 346 
TRP CD1 HD1  sing N N 347 
TRP CD2 CE2  doub Y N 348 
TRP CD2 CE3  sing Y N 349 
TRP NE1 CE2  sing Y N 350 
TRP NE1 HE1  sing N N 351 
TRP CE2 CZ2  sing Y N 352 
TRP CE3 CZ3  doub Y N 353 
TRP CE3 HE3  sing N N 354 
TRP CZ2 CH2  doub Y N 355 
TRP CZ2 HZ2  sing N N 356 
TRP CZ3 CH2  sing Y N 357 
TRP CZ3 HZ3  sing N N 358 
TRP CH2 HH2  sing N N 359 
TRP OXT HXT  sing N N 360 
TYR N   CA   sing N N 361 
TYR N   H    sing N N 362 
TYR N   H2   sing N N 363 
TYR CA  C    sing N N 364 
TYR CA  CB   sing N N 365 
TYR CA  HA   sing N N 366 
TYR C   O    doub N N 367 
TYR C   OXT  sing N N 368 
TYR CB  CG   sing N N 369 
TYR CB  HB2  sing N N 370 
TYR CB  HB3  sing N N 371 
TYR CG  CD1  doub Y N 372 
TYR CG  CD2  sing Y N 373 
TYR CD1 CE1  sing Y N 374 
TYR CD1 HD1  sing N N 375 
TYR CD2 CE2  doub Y N 376 
TYR CD2 HD2  sing N N 377 
TYR CE1 CZ   doub Y N 378 
TYR CE1 HE1  sing N N 379 
TYR CE2 CZ   sing Y N 380 
TYR CE2 HE2  sing N N 381 
TYR CZ  OH   sing N N 382 
TYR OH  HH   sing N N 383 
TYR OXT HXT  sing N N 384 
VAL N   CA   sing N N 385 
VAL N   H    sing N N 386 
VAL N   H2   sing N N 387 
VAL CA  C    sing N N 388 
VAL CA  CB   sing N N 389 
VAL CA  HA   sing N N 390 
VAL C   O    doub N N 391 
VAL C   OXT  sing N N 392 
VAL CB  CG1  sing N N 393 
VAL CB  CG2  sing N N 394 
VAL CB  HB   sing N N 395 
VAL CG1 HG11 sing N N 396 
VAL CG1 HG12 sing N N 397 
VAL CG1 HG13 sing N N 398 
VAL CG2 HG21 sing N N 399 
VAL CG2 HG22 sing N N 400 
VAL CG2 HG23 sing N N 401 
VAL OXT HXT  sing N N 402 
# 
_atom_sites.entry_id                    7C7E 
_atom_sites.Cartn_transf_matrix[1][1]   ? 
_atom_sites.Cartn_transf_matrix[1][2]   ? 
_atom_sites.Cartn_transf_matrix[1][3]   ? 
_atom_sites.Cartn_transf_matrix[2][1]   ? 
_atom_sites.Cartn_transf_matrix[2][2]   ? 
_atom_sites.Cartn_transf_matrix[2][3]   ? 
_atom_sites.Cartn_transf_matrix[3][1]   ? 
_atom_sites.Cartn_transf_matrix[3][2]   ? 
_atom_sites.Cartn_transf_matrix[3][3]   ? 
_atom_sites.Cartn_transf_vector[1]      ? 
_atom_sites.Cartn_transf_vector[2]      ? 
_atom_sites.Cartn_transf_vector[3]      ? 
_atom_sites.fract_transf_matrix[1][1]   -0.00042613 
_atom_sites.fract_transf_matrix[1][2]   0.01355696 
_atom_sites.fract_transf_matrix[1][3]   0.00064446 
_atom_sites.fract_transf_matrix[2][1]   0.00414516 
_atom_sites.fract_transf_matrix[2][2]   0.00743331 
_atom_sites.fract_transf_matrix[2][3]   -0.01058078 
_atom_sites.fract_transf_matrix[3][1]   -0.00831168 
_atom_sites.fract_transf_matrix[3][2]   -0.00010303 
_atom_sites.fract_transf_matrix[3][3]   -0.00332859 
_atom_sites.fract_transf_vector[1]      0.369436 
_atom_sites.fract_transf_vector[2]      0.453979 
_atom_sites.fract_transf_vector[3]      0.449279 
_atom_sites.solution_primary            ? 
_atom_sites.solution_secondary          ? 
_atom_sites.solution_hydrogens          ? 
_atom_sites.special_details             ? 
# 
loop_
_atom_type.symbol 
C  
N  
O  
S  
SE 
ZN 
# 
loop_
_atom_site.group_PDB 
_atom_site.id 
_atom_site.type_symbol 
_atom_site.label_atom_id 
_atom_site.label_alt_id 
_atom_site.label_comp_id 
_atom_site.label_asym_id 
_atom_site.label_entity_id 
_atom_site.label_seq_id 
_atom_site.pdbx_PDB_ins_code 
_atom_site.Cartn_x 
_atom_site.Cartn_y 
_atom_site.Cartn_z 
_atom_site.occupancy 
_atom_site.B_iso_or_equiv 
_atom_site.pdbx_formal_charge 
_atom_site.auth_seq_id 
_atom_site.auth_comp_id 
_atom_site.auth_asym_id 
_atom_site.auth_atom_id 
_atom_site.pdbx_PDB_model_num 
ATOM   1    N  N   . THR A 1 79  ? -14.927 -8.982  24.868  1.00 80.28  ? 79  THR A N   1 
ATOM   2    C  CA  . THR A 1 79  ? -14.326 -10.140 25.509  1.00 98.40  ? 79  THR A CA  1 
ATOM   3    C  C   . THR A 1 79  ? -12.880 -10.294 25.030  1.00 98.68  ? 79  THR A C   1 
ATOM   4    O  O   . THR A 1 79  ? -12.108 -11.091 25.573  1.00 96.81  ? 79  THR A O   1 
ATOM   5    C  CB  . THR A 1 79  ? -15.144 -11.426 25.228  1.00 110.18 ? 79  THR A CB  1 
ATOM   6    O  OG1 . THR A 1 79  ? -16.532 -11.165 25.456  1.00 116.97 ? 79  THR A OG1 1 
ATOM   7    C  CG2 . THR A 1 79  ? -14.711 -12.555 26.138  1.00 97.99  ? 79  THR A CG2 1 
ATOM   8    N  N   . ASP A 1 80  ? -12.508 -9.511  24.023  1.00 92.53  ? 80  ASP A N   1 
ATOM   9    C  CA  . ASP A 1 80  ? -11.117 -9.379  23.608  1.00 79.33  ? 80  ASP A CA  1 
ATOM   10   C  C   . ASP A 1 80  ? -10.598 -8.009  24.027  1.00 71.24  ? 80  ASP A C   1 
ATOM   11   O  O   . ASP A 1 80  ? -11.247 -6.989  23.769  1.00 76.21  ? 80  ASP A O   1 
ATOM   12   C  CB  . ASP A 1 80  ? -10.963 -9.568  22.099  1.00 80.61  ? 80  ASP A CB  1 
ATOM   13   C  CG  . ASP A 1 80  ? -9.510  -9.635  21.671  1.00 96.49  ? 80  ASP A CG  1 
ATOM   14   O  OD1 . ASP A 1 80  ? -8.683  -10.178 22.443  1.00 97.46  ? 80  ASP A OD1 1 
ATOM   15   O  OD2 . ASP A 1 80  ? -9.192  -9.151  20.565  1.00 93.10  ? 80  ASP A OD2 1 
ATOM   16   N  N   . VAL A 1 81  ? -9.421  -7.993  24.664  1.00 67.68  ? 81  VAL A N   1 
ATOM   17   C  CA  . VAL A 1 81  ? -8.897  -6.784  25.303  1.00 65.56  ? 81  VAL A CA  1 
ATOM   18   C  C   . VAL A 1 81  ? -8.761  -5.631  24.315  1.00 53.81  ? 81  VAL A C   1 
ATOM   19   O  O   . VAL A 1 81  ? -8.883  -4.455  24.697  1.00 61.37  ? 81  VAL A O   1 
ATOM   20   C  CB  . VAL A 1 81  ? -7.552  -7.104  25.982  1.00 59.30  ? 81  VAL A CB  1 
ATOM   21   C  CG1 . VAL A 1 81  ? -7.164  -5.995  26.935  1.00 62.45  ? 81  VAL A CG1 1 
ATOM   22   C  CG2 . VAL A 1 81  ? -7.641  -8.437  26.710  1.00 64.99  ? 81  VAL A CG2 1 
ATOM   23   N  N   . LEU A 1 82  ? -8.497  -5.939  23.041  1.00 55.79  ? 82  LEU A N   1 
ATOM   24   C  CA  . LEU A 1 82  ? -8.410  -4.894  22.028  1.00 46.62  ? 82  LEU A CA  1 
ATOM   25   C  C   . LEU A 1 82  ? -9.684  -4.059  21.990  1.00 44.26  ? 82  LEU A C   1 
ATOM   26   O  O   . LEU A 1 82  ? -9.625  -2.829  21.876  1.00 43.53  ? 82  LEU A O   1 
ATOM   27   C  CB  . LEU A 1 82  ? -8.132  -5.512  20.659  1.00 55.95  ? 82  LEU A CB  1 
ATOM   28   C  CG  . LEU A 1 82  ? -6.663  -5.582  20.246  1.00 68.01  ? 82  LEU A CG  1 
ATOM   29   C  CD1 . LEU A 1 82  ? -6.531  -6.183  18.858  1.00 66.24  ? 82  LEU A CD1 1 
ATOM   30   C  CD2 . LEU A 1 82  ? -6.021  -4.203  20.303  1.00 51.59  ? 82  LEU A CD2 1 
ATOM   31   N  N   . GLN A 1 83  ? -10.847 -4.709  22.101  1.00 45.41  ? 83  GLN A N   1 
ATOM   32   C  CA  . GLN A 1 83  ? -12.103 -3.971  22.165  1.00 49.01  ? 83  GLN A CA  1 
ATOM   33   C  C   . GLN A 1 83  ? -12.164 -3.077  23.396  1.00 40.17  ? 83  GLN A C   1 
ATOM   34   O  O   . GLN A 1 83  ? -12.767 -1.998  23.351  1.00 41.50  ? 83  GLN A O   1 
ATOM   35   C  CB  . GLN A 1 83  ? -13.287 -4.942  22.160  1.00 61.40  ? 83  GLN A CB  1 
ATOM   36   C  CG  . GLN A 1 83  ? -13.484 -5.696  20.854  1.00 75.39  ? 83  GLN A CG  1 
ATOM   37   C  CD  . GLN A 1 83  ? -14.913 -6.173  20.668  1.00 93.54  ? 83  GLN A CD  1 
ATOM   38   O  OE1 . GLN A 1 83  ? -15.431 -6.950  21.473  1.00 94.73  ? 83  GLN A OE1 1 
ATOM   39   N  NE2 . GLN A 1 83  ? -15.560 -5.706  19.606  1.00 89.96  ? 83  GLN A NE2 1 
ATOM   40   N  N   . TRP A 1 84  ? -11.540 -3.504  24.498  1.00 43.20  ? 84  TRP A N   1 
ATOM   41   C  CA  . TRP A 1 84  ? -11.594 -2.746  25.742  1.00 42.47  ? 84  TRP A CA  1 
ATOM   42   C  C   . TRP A 1 84  ? -10.687 -1.523  25.719  1.00 47.83  ? 84  TRP A C   1 
ATOM   43   O  O   . TRP A 1 84  ? -10.982 -0.528  26.394  1.00 38.80  ? 84  TRP A O   1 
ATOM   44   C  CB  . TRP A 1 84  ? -11.221 -3.647  26.921  1.00 46.63  ? 84  TRP A CB  1 
ATOM   45   C  CG  . TRP A 1 84  ? -12.295 -4.627  27.280  1.00 48.73  ? 84  TRP A CG  1 
ATOM   46   C  CD1 . TRP A 1 84  ? -12.463 -5.882  26.770  1.00 57.64  ? 84  TRP A CD1 1 
ATOM   47   C  CD2 . TRP A 1 84  ? -13.355 -4.431  28.223  1.00 51.58  ? 84  TRP A CD2 1 
ATOM   48   N  NE1 . TRP A 1 84  ? -13.560 -6.480  27.339  1.00 59.76  ? 84  TRP A NE1 1 
ATOM   49   C  CE2 . TRP A 1 84  ? -14.127 -5.611  28.235  1.00 64.61  ? 84  TRP A CE2 1 
ATOM   50   C  CE3 . TRP A 1 84  ? -13.725 -3.374  29.060  1.00 39.87  ? 84  TRP A CE3 1 
ATOM   51   C  CZ2 . TRP A 1 84  ? -15.247 -5.763  29.052  1.00 53.12  ? 84  TRP A CZ2 1 
ATOM   52   C  CZ3 . TRP A 1 84  ? -14.836 -3.526  29.872  1.00 44.85  ? 84  TRP A CZ3 1 
ATOM   53   C  CH2 . TRP A 1 84  ? -15.585 -4.712  29.859  1.00 46.21  ? 84  TRP A CH2 1 
ATOM   54   N  N   . VAL A 1 85  ? -9.582  -1.565  24.969  1.00 37.41  ? 85  VAL A N   1 
ATOM   55   C  CA  . VAL A 1 85  ? -8.664  -0.424  24.964  1.00 40.13  ? 85  VAL A CA  1 
ATOM   56   C  C   . VAL A 1 85  ? -8.793  0.458   23.721  1.00 41.78  ? 85  VAL A C   1 
ATOM   57   O  O   . VAL A 1 85  ? -8.220  1.560   23.703  1.00 45.56  ? 85  VAL A O   1 
ATOM   58   C  CB  . VAL A 1 85  ? -7.199  -0.877  25.151  1.00 44.52  ? 85  VAL A CB  1 
ATOM   59   C  CG1 . VAL A 1 85  ? -7.076  -1.757  26.396  1.00 40.83  ? 85  VAL A CG1 1 
ATOM   60   C  CG2 . VAL A 1 85  ? -6.683  -1.598  23.916  1.00 46.13  ? 85  VAL A CG2 1 
ATOM   61   N  N   . LEU A 1 86  ? -9.553  0.041   22.709  1.00 37.59  ? 86  LEU A N   1 
ATOM   62   C  CA  . LEU A 1 86  ? -9.740  0.823   21.492  1.00 41.03  ? 86  LEU A CA  1 
ATOM   63   C  C   . LEU A 1 86  ? -11.204 1.216   21.326  1.00 39.90  ? 86  LEU A C   1 
ATOM   64   O  O   . LEU A 1 86  ? -12.104 0.396   21.533  1.00 42.11  ? 86  LEU A O   1 
ATOM   65   C  CB  . LEU A 1 86  ? -9.280  0.038   20.259  1.00 43.72  ? 86  LEU A CB  1 
ATOM   66   C  CG  . LEU A 1 86  ? -7.783  -0.268  20.150  1.00 46.62  ? 86  LEU A CG  1 
ATOM   67   C  CD1 . LEU A 1 86  ? -7.500  -1.112  18.917  1.00 52.67  ? 86  LEU A CD1 1 
ATOM   68   C  CD2 . LEU A 1 86  ? -6.967  1.019   20.124  1.00 37.81  ? 86  LEU A CD2 1 
ATOM   69   N  N   . GLU A 1 87  ? -11.439 2.473   20.950  1.00 34.78  ? 87  GLU A N   1 
ATOM   70   C  CA  . GLU A 1 87  ? -12.791 2.918   20.636  1.00 40.56  ? 87  GLU A CA  1 
ATOM   71   C  C   . GLU A 1 87  ? -13.317 2.152   19.430  1.00 55.77  ? 87  GLU A C   1 
ATOM   72   O  O   . GLU A 1 87  ? -12.632 2.030   18.410  1.00 57.32  ? 87  GLU A O   1 
ATOM   73   C  CB  . GLU A 1 87  ? -12.806 4.420   20.356  1.00 40.51  ? 87  GLU A CB  1 
ATOM   74   C  CG  . GLU A 1 87  ? -12.239 5.264   21.482  1.00 52.83  ? 87  GLU A CG  1 
ATOM   75   C  CD  . GLU A 1 87  ? -12.339 6.750   21.204  1.00 59.51  ? 87  GLU A CD  1 
ATOM   76   O  OE1 . GLU A 1 87  ? -13.243 7.155   20.442  1.00 75.36  ? 87  GLU A OE1 1 
ATOM   77   O  OE2 . GLU A 1 87  ? -11.513 7.512   21.749  1.00 72.37  ? 87  GLU A OE2 1 
ATOM   78   N  N   . ASN A 1 88  ? -14.534 1.629   19.548  1.00 57.46  ? 88  ASN A N   1 
ATOM   79   C  CA  . ASN A 1 88  ? -15.061 0.763   18.505  1.00 56.14  ? 88  ASN A CA  1 
ATOM   80   C  C   . ASN A 1 88  ? -15.353 1.558   17.237  1.00 62.00  ? 88  ASN A C   1 
ATOM   81   O  O   . ASN A 1 88  ? -15.651 2.756   17.280  1.00 58.50  ? 88  ASN A O   1 
ATOM   82   C  CB  . ASN A 1 88  ? -16.318 0.043   18.995  1.00 62.59  ? 88  ASN A CB  1 
ATOM   83   C  CG  . ASN A 1 88  ? -15.997 -1.248  19.733  1.00 81.16  ? 88  ASN A CG  1 
ATOM   84   O  OD1 . ASN A 1 88  ? -16.864 -2.100  19.928  1.00 84.75  ? 88  ASN A OD1 1 
ATOM   85   N  ND2 . ASN A 1 88  ? -14.739 -1.397  20.146  1.00 60.28  ? 88  ASN A ND2 1 
ATOM   86   N  N   . ASP A 1 89  ? -15.228 0.872   16.097  1.00 58.45  ? 89  ASP A N   1 
ATOM   87   C  CA  . ASP A 1 89  ? -15.422 1.439   14.765  1.00 69.40  ? 89  ASP A CA  1 
ATOM   88   C  C   . ASP A 1 89  ? -14.343 2.457   14.404  1.00 68.70  ? 89  ASP A C   1 
ATOM   89   O  O   . ASP A 1 89  ? -13.607 2.262   13.432  1.00 83.08  ? 89  ASP A O   1 
ATOM   90   C  CB  . ASP A 1 89  ? -16.811 2.072   14.641  1.00 70.22  ? 89  ASP A CB  1 
ATOM   91   C  CG  . ASP A 1 89  ? -17.928 1.063   14.829  1.00 82.67  ? 89  ASP A CG  1 
ATOM   92   O  OD1 . ASP A 1 89  ? -17.736 -0.112  14.448  1.00 70.63  ? 89  ASP A OD1 1 
ATOM   93   O  OD2 . ASP A 1 89  ? -18.992 1.444   15.363  1.00 75.87  ? 89  ASP A OD2 1 
ATOM   94   N  N   . TYR A 1 90  ? -14.234 3.540   15.172  1.00 62.65  ? 90  TYR A N   1 
ATOM   95   C  CA  . TYR A 1 90  ? -13.345 4.656   14.840  1.00 67.42  ? 90  TYR A CA  1 
ATOM   96   C  C   . TYR A 1 90  ? -12.546 5.059   16.078  1.00 62.47  ? 90  TYR A C   1 
ATOM   97   O  O   . TYR A 1 90  ? -13.071 5.740   16.963  1.00 56.40  ? 90  TYR A O   1 
ATOM   98   C  CB  . TYR A 1 90  ? -14.152 5.833   14.296  1.00 62.60  ? 90  TYR A CB  1 
ATOM   99   C  CG  . TYR A 1 90  ? -13.324 6.899   13.616  1.00 76.20  ? 90  TYR A CG  1 
ATOM   100  C  CD1 . TYR A 1 90  ? -13.006 6.804   12.267  1.00 85.36  ? 90  TYR A CD1 1 
ATOM   101  C  CD2 . TYR A 1 90  ? -12.871 8.007   14.320  1.00 78.99  ? 90  TYR A CD2 1 
ATOM   102  C  CE1 . TYR A 1 90  ? -12.252 7.780   11.640  1.00 97.60  ? 90  TYR A CE1 1 
ATOM   103  C  CE2 . TYR A 1 90  ? -12.115 8.988   13.703  1.00 78.72  ? 90  TYR A CE2 1 
ATOM   104  C  CZ  . TYR A 1 90  ? -11.809 8.869   12.363  1.00 94.98  ? 90  TYR A CZ  1 
ATOM   105  O  OH  . TYR A 1 90  ? -11.058 9.841   11.744  1.00 101.29 ? 90  TYR A OH  1 
ATOM   106  N  N   . ASP A 1 91  ? -11.271 4.645   16.139  1.00 48.92  ? 91  ASP A N   1 
ATOM   107  C  CA  . ASP A 1 91  ? -10.375 5.087   17.201  1.00 45.25  ? 91  ASP A CA  1 
ATOM   108  C  C   . ASP A 1 91  ? -9.448  6.154   16.640  1.00 50.60  ? 91  ASP A C   1 
ATOM   109  O  O   . ASP A 1 91  ? -8.466  5.821   15.959  1.00 43.51  ? 91  ASP A O   1 
ATOM   110  C  CB  . ASP A 1 91  ? -9.565  3.919   17.772  1.00 46.36  ? 91  ASP A CB  1 
ATOM   111  C  CG  . ASP A 1 91  ? -8.848  4.285   19.068  1.00 50.76  ? 91  ASP A CG  1 
ATOM   112  O  OD1 . ASP A 1 91  ? -7.878  5.071   19.029  1.00 43.55  ? 91  ASP A OD1 1 
ATOM   113  O  OD2 . ASP A 1 91  ? -9.262  3.792   20.136  1.00 50.52  ? 91  ASP A OD2 1 
ATOM   114  N  N   . PRO A 1 92  ? -9.704  7.440   16.906  1.00 53.21  ? 92  PRO A N   1 
ATOM   115  C  CA  . PRO A 1 92  ? -8.932  8.494   16.221  1.00 46.06  ? 92  PRO A CA  1 
ATOM   116  C  C   . PRO A 1 92  ? -7.452  8.493   16.566  1.00 52.35  ? 92  PRO A C   1 
ATOM   117  O  O   . PRO A 1 92  ? -6.624  8.797   15.699  1.00 43.96  ? 92  PRO A O   1 
ATOM   118  C  CB  . PRO A 1 92  ? -9.623  9.788   16.683  1.00 56.95  ? 92  PRO A CB  1 
ATOM   119  C  CG  . PRO A 1 92  ? -10.970 9.355   17.205  1.00 58.53  ? 92  PRO A CG  1 
ATOM   120  C  CD  . PRO A 1 92  ? -10.750 7.993   17.780  1.00 53.48  ? 92  PRO A CD  1 
ATOM   121  N  N   . ARG A 1 93  ? -7.088  8.159   17.806  1.00 44.73  ? 93  ARG A N   1 
ATOM   122  C  CA  . ARG A 1 93  ? -5.683  8.231   18.192  1.00 49.45  ? 93  ARG A CA  1 
ATOM   123  C  C   . ARG A 1 93  ? -4.870  7.114   17.546  1.00 43.12  ? 93  ARG A C   1 
ATOM   124  O  O   . ARG A 1 93  ? -3.750  7.346   17.075  1.00 42.61  ? 93  ARG A O   1 
ATOM   125  C  CB  . ARG A 1 93  ? -5.556  8.200   19.715  1.00 50.67  ? 93  ARG A CB  1 
ATOM   126  C  CG  . ARG A 1 93  ? -5.625  9.588   20.343  1.00 72.11  ? 93  ARG A CG  1 
ATOM   127  C  CD  . ARG A 1 93  ? -6.520  9.617   21.569  1.00 84.91  ? 93  ARG A CD  1 
ATOM   128  N  NE  . ARG A 1 93  ? -6.760  10.980  22.039  1.00 103.75 ? 93  ARG A NE  1 
ATOM   129  C  CZ  . ARG A 1 93  ? -7.590  11.294  23.029  1.00 101.45 ? 93  ARG A CZ  1 
ATOM   130  N  NH1 . ARG A 1 93  ? -7.749  12.560  23.390  1.00 91.57  ? 93  ARG A NH1 1 
ATOM   131  N  NH2 . ARG A 1 93  ? -8.261  10.338  23.659  1.00 83.78  ? 93  ARG A NH2 1 
ATOM   132  N  N   . LEU A 1 94  ? -5.420  5.900   17.493  1.00 37.22  ? 94  LEU A N   1 
ATOM   133  C  CA  . LEU A 1 94  ? -4.728  4.823   16.793  1.00 43.11  ? 94  LEU A CA  1 
ATOM   134  C  C   . LEU A 1 94  ? -4.658  5.101   15.296  1.00 48.15  ? 94  LEU A C   1 
ATOM   135  O  O   . LEU A 1 94  ? -3.645  4.811   14.651  1.00 35.38  ? 94  LEU A O   1 
ATOM   136  C  CB  . LEU A 1 94  ? -5.420  3.487   17.054  1.00 40.87  ? 94  LEU A CB  1 
ATOM   137  C  CG  . LEU A 1 94  ? -4.789  2.291   16.341  1.00 45.02  ? 94  LEU A CG  1 
ATOM   138  C  CD1 . LEU A 1 94  ? -3.303  2.192   16.673  1.00 50.20  ? 94  LEU A CD1 1 
ATOM   139  C  CD2 . LEU A 1 94  ? -5.509  1.014   16.721  1.00 48.78  ? 94  LEU A CD2 1 
ATOM   140  N  N   . ILE A 1 95  ? -5.727  5.665   14.731  1.00 36.31  ? 95  ILE A N   1 
ATOM   141  C  CA  . ILE A 1 95  ? -5.728  6.012   13.313  1.00 36.97  ? 95  ILE A CA  1 
ATOM   142  C  C   . ILE A 1 95  ? -4.646  7.040   13.015  1.00 37.17  ? 95  ILE A C   1 
ATOM   143  O  O   . ILE A 1 95  ? -3.923  6.933   12.018  1.00 34.48  ? 95  ILE A O   1 
ATOM   144  C  CB  . ILE A 1 95  ? -7.124  6.508   12.892  1.00 40.57  ? 95  ILE A CB  1 
ATOM   145  C  CG1 . ILE A 1 95  ? -8.087  5.323   12.767  1.00 48.01  ? 95  ILE A CG1 1 
ATOM   146  C  CG2 . ILE A 1 95  ? -7.056  7.296   11.587  1.00 42.82  ? 95  ILE A CG2 1 
ATOM   147  C  CD1 . ILE A 1 95  ? -9.528  5.734   12.538  1.00 65.52  ? 95  ILE A CD1 1 
ATOM   148  N  N   . SER A 1 96  ? -4.489  8.036   13.889  1.00 35.30  ? 96  SER A N   1 
ATOM   149  C  CA  . SER A 1 96  ? -3.454  9.039   13.674  1.00 39.79  ? 96  SER A CA  1 
ATOM   150  C  C   . SER A 1 96  ? -2.056  8.444   13.848  1.00 41.27  ? 96  SER A C   1 
ATOM   151  O  O   . SER A 1 96  ? -1.140  8.769   13.084  1.00 38.83  ? 96  SER A O   1 
ATOM   152  C  CB  . SER A 1 96  ? -3.671  10.222  14.618  1.00 44.19  ? 96  SER A CB  1 
ATOM   153  O  OG  . SER A 1 96  ? -2.443  10.831  14.972  1.00 65.64  ? 96  SER A OG  1 
ATOM   154  N  N   . ALA A 1 97  ? -1.874  7.561   14.835  1.00 33.50  ? 97  ALA A N   1 
ATOM   155  C  CA  . ALA A 1 97  ? -0.569  6.927   15.030  1.00 34.11  ? 97  ALA A CA  1 
ATOM   156  C  C   . ALA A 1 97  ? -0.183  6.074   13.823  1.00 32.14  ? 97  ALA A C   1 
ATOM   157  O  O   . ALA A 1 97  ? 0.950   6.149   13.319  1.00 30.38  ? 97  ALA A O   1 
ATOM   158  C  CB  . ALA A 1 97  ? -0.590  6.083   16.305  1.00 33.57  ? 97  ALA A CB  1 
HETATM 159  N  N   . MSE A 1 98  ? -1.124  5.268   13.336  1.00 31.91  ? 98  MSE A N   1 
HETATM 160  C  CA  . MSE A 1 98  ? -0.939  4.444   12.149  1.00 36.91  ? 98  MSE A CA  1 
HETATM 161  C  C   . MSE A 1 98  ? -0.646  5.278   10.911  1.00 43.57  ? 98  MSE A C   1 
HETATM 162  O  O   . MSE A 1 98  ? 0.242   4.940   10.133  1.00 33.97  ? 98  MSE A O   1 
HETATM 163  C  CB  . MSE A 1 98  ? -2.184  3.591   11.897  1.00 35.69  ? 98  MSE A CB  1 
HETATM 164  C  CG  . MSE A 1 98  ? -2.229  2.281   12.660  1.00 64.60  ? 98  MSE A CG  1 
HETATM 165  SE SE  . MSE A 1 98  ? -0.768  1.077   12.184  1.00 86.81  ? 98  MSE A SE  1 
HETATM 166  C  CE  . MSE A 1 98  ? -0.781  1.311   10.256  1.00 50.21  ? 98  MSE A CE  1 
ATOM   167  N  N   . SER A 1 99  ? -1.409  6.359   10.725  1.00 33.70  ? 99  SER A N   1 
ATOM   168  C  CA  . SER A 1 99  ? -1.218  7.207   9.553   1.00 35.88  ? 99  SER A CA  1 
ATOM   169  C  C   . SER A 1 99  ? 0.136   7.894   9.588   1.00 37.68  ? 99  SER A C   1 
ATOM   170  O  O   . SER A 1 99  ? 0.781   8.047   8.549   1.00 37.36  ? 99  SER A O   1 
ATOM   171  C  CB  . SER A 1 99  ? -2.339  8.241   9.460   1.00 38.84  ? 99  SER A CB  1 
ATOM   172  O  OG  . SER A 1 99  ? -3.559  7.630   9.078   1.00 72.16  ? 99  SER A OG  1 
ATOM   173  N  N   . GLU A 1 100 ? 0.584   8.314   10.772  1.00 34.58  ? 100 GLU A N   1 
ATOM   174  C  CA  . GLU A 1 100 ? 1.911   8.908   10.904  1.00 38.35  ? 100 GLU A CA  1 
ATOM   175  C  C   . GLU A 1 100 ? 3.003   7.905   10.542  1.00 36.94  ? 100 GLU A C   1 
ATOM   176  O  O   . GLU A 1 100 ? 3.937   8.219   9.787   1.00 33.13  ? 100 GLU A O   1 
ATOM   177  C  CB  . GLU A 1 100 ? 2.081   9.424   12.332  1.00 38.92  ? 100 GLU A CB  1 
ATOM   178  C  CG  . GLU A 1 100 ? 3.488   9.756   12.731  1.00 45.67  ? 100 GLU A CG  1 
ATOM   179  C  CD  . GLU A 1 100 ? 3.536   10.544  14.023  1.00 64.25  ? 100 GLU A CD  1 
ATOM   180  O  OE1 . GLU A 1 100 ? 3.514   9.927   15.112  1.00 46.48  ? 100 GLU A OE1 1 
ATOM   181  O  OE2 . GLU A 1 100 ? 3.570   11.789  13.944  1.00 54.10  ? 100 GLU A OE2 1 
ATOM   182  N  N   . VAL A 1 101 ? 2.891   6.678   11.057  1.00 28.78  ? 101 VAL A N   1 
ATOM   183  C  CA  . VAL A 1 101 ? 3.893   5.663   10.737  1.00 31.40  ? 101 VAL A CA  1 
ATOM   184  C  C   . VAL A 1 101 ? 3.885   5.349   9.239   1.00 33.29  ? 101 VAL A C   1 
ATOM   185  O  O   . VAL A 1 101 ? 4.944   5.236   8.605   1.00 33.82  ? 101 VAL A O   1 
ATOM   186  C  CB  . VAL A 1 101 ? 3.660   4.405   11.593  1.00 30.43  ? 101 VAL A CB  1 
ATOM   187  C  CG1 . VAL A 1 101 ? 4.342   3.205   10.977  1.00 34.14  ? 101 VAL A CG1 1 
ATOM   188  C  CG2 . VAL A 1 101 ? 4.159   4.635   13.011  1.00 33.66  ? 101 VAL A CG2 1 
ATOM   189  N  N   . ARG A 1 102 ? 2.694   5.216   8.651   1.00 30.73  ? 102 ARG A N   1 
ATOM   190  C  CA  . ARG A 1 102 ? 2.595   4.891   7.232   1.00 33.02  ? 102 ARG A CA  1 
ATOM   191  C  C   . ARG A 1 102 ? 3.127   6.029   6.367   1.00 32.03  ? 102 ARG A C   1 
ATOM   192  O  O   . ARG A 1 102 ? 3.862   5.790   5.403   1.00 36.67  ? 102 ARG A O   1 
ATOM   193  C  CB  . ARG A 1 102 ? 1.146   4.553   6.868   1.00 29.89  ? 102 ARG A CB  1 
ATOM   194  C  CG  . ARG A 1 102 ? 0.676   3.203   7.398   1.00 34.26  ? 102 ARG A CG  1 
ATOM   195  C  CD  . ARG A 1 102 ? -0.720  2.868   6.902   1.00 43.54  ? 102 ARG A CD  1 
ATOM   196  N  NE  . ARG A 1 102 ? -0.733  2.612   5.465   1.00 43.80  ? 102 ARG A NE  1 
ATOM   197  C  CZ  . ARG A 1 102 ? -1.837  2.542   4.727   1.00 54.69  ? 102 ARG A CZ  1 
ATOM   198  N  NH1 . ARG A 1 102 ? -3.026  2.717   5.290   1.00 41.97  ? 102 ARG A NH1 1 
ATOM   199  N  NH2 . ARG A 1 102 ? -1.750  2.306   3.425   1.00 41.67  ? 102 ARG A NH2 1 
ATOM   200  N  N   . ASN A 1 103 ? 2.791   7.278   6.713   1.00 28.89  ? 103 ASN A N   1 
ATOM   201  C  CA  . ASN A 1 103 ? 3.286   8.431   5.969   1.00 33.90  ? 103 ASN A CA  1 
ATOM   202  C  C   . ASN A 1 103 ? 4.788   8.600   6.107   1.00 36.99  ? 103 ASN A C   1 
ATOM   203  O  O   . ASN A 1 103 ? 5.405   9.251   5.257   1.00 32.55  ? 103 ASN A O   1 
ATOM   204  C  CB  . ASN A 1 103 ? 2.593   9.712   6.438   1.00 34.32  ? 103 ASN A CB  1 
ATOM   205  C  CG  . ASN A 1 103 ? 1.162   9.816   5.955   1.00 43.53  ? 103 ASN A CG  1 
ATOM   206  O  OD1 . ASN A 1 103 ? 0.811   9.301   4.894   1.00 42.56  ? 103 ASN A OD1 1 
ATOM   207  N  ND2 . ASN A 1 103 ? 0.329   10.495  6.731   1.00 39.41  ? 103 ASN A ND2 1 
ATOM   208  N  N   . LEU A 1 104 ? 5.383   8.058   7.172   1.00 34.31  ? 104 LEU A N   1 
ATOM   209  C  CA  . LEU A 1 104 ? 6.838   8.047   7.259   1.00 31.10  ? 104 LEU A CA  1 
ATOM   210  C  C   . LEU A 1 104 ? 7.437   6.965   6.367   1.00 33.22  ? 104 LEU A C   1 
ATOM   211  O  O   . LEU A 1 104 ? 8.327   7.241   5.556   1.00 34.11  ? 104 LEU A O   1 
ATOM   212  C  CB  . LEU A 1 104 ? 7.275   7.839   8.713   1.00 30.96  ? 104 LEU A CB  1 
ATOM   213  C  CG  . LEU A 1 104 ? 8.765   7.640   8.993   1.00 29.21  ? 104 LEU A CG  1 
ATOM   214  C  CD1 . LEU A 1 104 ? 9.544   8.891   8.605   1.00 28.15  ? 104 LEU A CD1 1 
ATOM   215  C  CD2 . LEU A 1 104 ? 8.991   7.305   10.467  1.00 32.66  ? 104 LEU A CD2 1 
ATOM   216  N  N   . VAL A 1 105 ? 6.947   5.735   6.492   1.00 28.97  ? 105 VAL A N   1 
ATOM   217  C  CA  . VAL A 1 105 ? 7.649   4.580   5.934   1.00 31.11  ? 105 VAL A CA  1 
ATOM   218  C  C   . VAL A 1 105 ? 7.305   4.351   4.463   1.00 36.24  ? 105 VAL A C   1 
ATOM   219  O  O   . VAL A 1 105 ? 8.194   4.146   3.632   1.00 31.07  ? 105 VAL A O   1 
ATOM   220  C  CB  . VAL A 1 105 ? 7.355   3.329   6.786   1.00 34.00  ? 105 VAL A CB  1 
ATOM   221  C  CG1 . VAL A 1 105 ? 7.928   2.084   6.120   1.00 33.58  ? 105 VAL A CG1 1 
ATOM   222  C  CG2 . VAL A 1 105 ? 7.935   3.501   8.185   1.00 33.63  ? 105 VAL A CG2 1 
ATOM   223  N  N   . GLU A 1 106 ? 6.028   4.362   4.103   1.00 30.12  ? 106 GLU A N   1 
ATOM   224  C  CA  . GLU A 1 106 ? 5.644   3.935   2.762   1.00 35.40  ? 106 GLU A CA  1 
ATOM   225  C  C   . GLU A 1 106 ? 6.016   4.934   1.664   1.00 35.18  ? 106 GLU A C   1 
ATOM   226  O  O   . GLU A 1 106 ? 6.386   4.502   0.563   1.00 36.44  ? 106 GLU A O   1 
ATOM   227  C  CB  . GLU A 1 106 ? 4.150   3.616   2.746   1.00 28.40  ? 106 GLU A CB  1 
ATOM   228  C  CG  . GLU A 1 106 ? 3.855   2.361   3.558   1.00 36.51  ? 106 GLU A CG  1 
ATOM   229  C  CD  . GLU A 1 106 ? 2.380   2.082   3.742   1.00 47.54  ? 106 GLU A CD  1 
ATOM   230  O  OE1 . GLU A 1 106 ? 1.551   2.759   3.094   1.00 51.42  ? 106 GLU A OE1 1 
ATOM   231  O  OE2 . GLU A 1 106 ? 2.058   1.176   4.542   1.00 38.80  ? 106 GLU A OE2 1 
ATOM   232  N  N   . PRO A 1 107 ? 5.939   6.254   1.889   1.00 34.70  ? 107 PRO A N   1 
ATOM   233  C  CA  . PRO A 1 107 ? 6.470   7.171   0.862   1.00 31.79  ? 107 PRO A CA  1 
ATOM   234  C  C   . PRO A 1 107 ? 7.971   7.035   0.662   1.00 39.53  ? 107 PRO A C   1 
ATOM   235  O  O   . PRO A 1 107 ? 8.467   7.205   -0.460  1.00 33.39  ? 107 PRO A O   1 
ATOM   236  C  CB  . PRO A 1 107 ? 6.084   8.556   1.399   1.00 35.92  ? 107 PRO A CB  1 
ATOM   237  C  CG  . PRO A 1 107 ? 4.893   8.301   2.253   1.00 34.17  ? 107 PRO A CG  1 
ATOM   238  C  CD  . PRO A 1 107 ? 5.188   6.993   2.920   1.00 32.68  ? 107 PRO A CD  1 
ATOM   239  N  N   . ALA A 1 108 ? 8.714   6.720   1.726   1.00 34.34  ? 108 ALA A N   1 
ATOM   240  C  CA  . ALA A 1 108 ? 10.148  6.481   1.582   1.00 35.46  ? 108 ALA A CA  1 
ATOM   241  C  C   . ALA A 1 108 ? 10.410  5.218   0.772   1.00 35.23  ? 108 ALA A C   1 
ATOM   242  O  O   . ALA A 1 108 ? 11.299  5.196   -0.089  1.00 35.39  ? 108 ALA A O   1 
ATOM   243  C  CB  . ALA A 1 108 ? 10.802  6.382   2.960   1.00 32.97  ? 108 ALA A CB  1 
ATOM   244  N  N   . ILE A 1 109 ? 9.655   4.153   1.052   1.00 29.46  ? 109 ILE A N   1 
ATOM   245  C  CA  . ILE A 1 109 ? 9.716   2.944   0.237   1.00 32.01  ? 109 ILE A CA  1 
ATOM   246  C  C   . ILE A 1 109 ? 9.450   3.275   -1.223  1.00 41.33  ? 109 ILE A C   1 
ATOM   247  O  O   . ILE A 1 109 ? 10.150  2.798   -2.122  1.00 34.00  ? 109 ILE A O   1 
ATOM   248  C  CB  . ILE A 1 109 ? 8.710   1.904   0.762   1.00 35.47  ? 109 ILE A CB  1 
ATOM   249  C  CG1 . ILE A 1 109 ? 9.199   1.290   2.074   1.00 36.42  ? 109 ILE A CG1 1 
ATOM   250  C  CG2 . ILE A 1 109 ? 8.443   0.829   -0.288  1.00 36.36  ? 109 ILE A CG2 1 
ATOM   251  C  CD1 . ILE A 1 109 ? 8.159   0.430   2.752   1.00 35.35  ? 109 ILE A CD1 1 
ATOM   252  N  N   . ALA A 1 110 ? 8.428   4.093   -1.482  1.00 31.30  ? 110 ALA A N   1 
ATOM   253  C  CA  . ALA A 1 110 ? 8.085   4.442   -2.857  1.00 37.91  ? 110 ALA A CA  1 
ATOM   254  C  C   . ALA A 1 110 ? 9.217   5.202   -3.540  1.00 36.09  ? 110 ALA A C   1 
ATOM   255  O  O   . ALA A 1 110 ? 9.555   4.919   -4.697  1.00 34.66  ? 110 ALA A O   1 
ATOM   256  C  CB  . ALA A 1 110 ? 6.798   5.263   -2.877  1.00 28.79  ? 110 ALA A CB  1 
ATOM   257  N  N   . ARG A 1 111 ? 9.805   6.177   -2.839  1.00 35.43  ? 111 ARG A N   1 
ATOM   258  C  CA  . ARG A 1 111 ? 10.914  6.939   -3.405  1.00 36.09  ? 111 ARG A CA  1 
ATOM   259  C  C   . ARG A 1 111 ? 12.118  6.044   -3.684  1.00 42.95  ? 111 ARG A C   1 
ATOM   260  O  O   . ARG A 1 111 ? 12.763  6.161   -4.736  1.00 40.37  ? 111 ARG A O   1 
ATOM   261  C  CB  . ARG A 1 111 ? 11.298  8.080   -2.465  1.00 35.82  ? 111 ARG A CB  1 
ATOM   262  C  CG  . ARG A 1 111 ? 12.556  8.828   -2.879  1.00 47.62  ? 111 ARG A CG  1 
ATOM   263  C  CD  . ARG A 1 111 ? 12.835  9.995   -1.948  1.00 54.87  ? 111 ARG A CD  1 
ATOM   264  N  NE  . ARG A 1 111 ? 11.802  11.022  -2.038  1.00 52.01  ? 111 ARG A NE  1 
ATOM   265  C  CZ  . ARG A 1 111 ? 11.804  12.002  -2.936  1.00 54.56  ? 111 ARG A CZ  1 
ATOM   266  N  NH1 . ARG A 1 111 ? 12.783  12.086  -3.825  1.00 53.43  ? 111 ARG A NH1 1 
ATOM   267  N  NH2 . ARG A 1 111 ? 10.824  12.896  -2.949  1.00 55.63  ? 111 ARG A NH2 1 
ATOM   268  N  N   . TRP A 1 112 ? 12.428  5.130   -2.761  1.00 36.36  ? 112 TRP A N   1 
ATOM   269  C  CA  . TRP A 1 112 ? 13.558  4.233   -2.977  1.00 34.61  ? 112 TRP A CA  1 
ATOM   270  C  C   . TRP A 1 112 ? 13.278  3.240   -4.094  1.00 40.33  ? 112 TRP A C   1 
ATOM   271  O  O   . TRP A 1 112 ? 14.199  2.847   -4.813  1.00 40.09  ? 112 TRP A O   1 
ATOM   272  C  CB  . TRP A 1 112 ? 13.911  3.496   -1.686  1.00 32.01  ? 112 TRP A CB  1 
ATOM   273  C  CG  . TRP A 1 112 ? 14.702  4.339   -0.745  1.00 45.80  ? 112 TRP A CG  1 
ATOM   274  C  CD1 . TRP A 1 112 ? 15.700  5.213   -1.071  1.00 49.18  ? 112 TRP A CD1 1 
ATOM   275  C  CD2 . TRP A 1 112 ? 14.564  4.399   0.678   1.00 42.82  ? 112 TRP A CD2 1 
ATOM   276  N  NE1 . TRP A 1 112 ? 16.192  5.810   0.062   1.00 53.09  ? 112 TRP A NE1 1 
ATOM   277  C  CE2 . TRP A 1 112 ? 15.511  5.328   1.150   1.00 51.04  ? 112 TRP A CE2 1 
ATOM   278  C  CE3 . TRP A 1 112 ? 13.732  3.756   1.598   1.00 42.08  ? 112 TRP A CE3 1 
ATOM   279  C  CZ2 . TRP A 1 112 ? 15.651  5.631   2.502   1.00 52.62  ? 112 TRP A CZ2 1 
ATOM   280  C  CZ3 . TRP A 1 112 ? 13.872  4.058   2.942   1.00 47.13  ? 112 TRP A CZ3 1 
ATOM   281  C  CH2 . TRP A 1 112 ? 14.823  4.988   3.379   1.00 42.21  ? 112 TRP A CH2 1 
ATOM   282  N  N   . ALA A 1 113 ? 12.025  2.819   -4.251  1.00 33.48  ? 113 ALA A N   1 
ATOM   283  C  CA  . ALA A 1 113 ? 11.671  1.980   -5.388  1.00 35.11  ? 113 ALA A CA  1 
ATOM   284  C  C   . ALA A 1 113 ? 11.885  2.729   -6.695  1.00 42.95  ? 113 ALA A C   1 
ATOM   285  O  O   . ALA A 1 113 ? 12.480  2.192   -7.633  1.00 41.14  ? 113 ALA A O   1 
ATOM   286  C  CB  . ALA A 1 113 ? 10.222  1.512   -5.263  1.00 32.26  ? 113 ALA A CB  1 
ATOM   287  N  N   . ALA A 1 114 ? 11.428  3.980   -6.761  1.00 38.37  ? 114 ALA A N   1 
ATOM   288  C  CA  . ALA A 1 114 ? 11.671  4.794   -7.946  1.00 41.38  ? 114 ALA A CA  1 
ATOM   289  C  C   . ALA A 1 114 ? 13.161  4.946   -8.225  1.00 52.88  ? 114 ALA A C   1 
ATOM   290  O  O   . ALA A 1 114 ? 13.577  4.963   -9.390  1.00 47.10  ? 114 ALA A O   1 
ATOM   291  C  CB  . ALA A 1 114 ? 11.020  6.165   -7.782  1.00 34.28  ? 114 ALA A CB  1 
ATOM   292  N  N   . GLU A 1 115 ? 13.980  5.045   -7.176  1.00 41.00  ? 115 GLU A N   1 
ATOM   293  C  CA  . GLU A 1 115 ? 15.416  5.224   -7.360  1.00 43.00  ? 115 GLU A CA  1 
ATOM   294  C  C   . GLU A 1 115 ? 16.157  3.927   -7.674  1.00 48.08  ? 115 GLU A C   1 
ATOM   295  O  O   . GLU A 1 115 ? 17.234  3.981   -8.275  1.00 47.96  ? 115 GLU A O   1 
ATOM   296  C  CB  . GLU A 1 115 ? 16.033  5.864   -6.113  1.00 48.08  ? 115 GLU A CB  1 
ATOM   297  C  CG  . GLU A 1 115 ? 15.579  7.292   -5.865  1.00 51.85  ? 115 GLU A CG  1 
ATOM   298  C  CD  . GLU A 1 115 ? 16.178  7.889   -4.607  1.00 55.54  ? 115 GLU A CD  1 
ATOM   299  O  OE1 . GLU A 1 115 ? 16.993  7.205   -3.951  1.00 61.00  ? 115 GLU A OE1 1 
ATOM   300  O  OE2 . GLU A 1 115 ? 15.829  9.043   -4.278  1.00 61.78  ? 115 GLU A OE2 1 
ATOM   301  N  N   . ARG A 1 116 ? 15.614  2.768   -7.292  1.00 38.17  ? 116 ARG A N   1 
ATOM   302  C  CA  . ARG A 1 116 ? 16.368  1.522   -7.335  1.00 43.61  ? 116 ARG A CA  1 
ATOM   303  C  C   . ARG A 1 116 ? 15.752  0.419   -8.180  1.00 42.54  ? 116 ARG A C   1 
ATOM   304  O  O   . ARG A 1 116 ? 16.476  -0.510  -8.551  1.00 37.51  ? 116 ARG A O   1 
ATOM   305  C  CB  . ARG A 1 116 ? 16.567  0.962   -5.917  1.00 34.04  ? 116 ARG A CB  1 
ATOM   306  C  CG  . ARG A 1 116 ? 17.322  1.880   -4.987  1.00 48.64  ? 116 ARG A CG  1 
ATOM   307  C  CD  . ARG A 1 116 ? 17.293  1.353   -3.564  1.00 43.69  ? 116 ARG A CD  1 
ATOM   308  N  NE  . ARG A 1 116 ? 17.963  2.273   -2.654  1.00 51.65  ? 116 ARG A NE  1 
ATOM   309  C  CZ  . ARG A 1 116 ? 17.983  2.139   -1.334  1.00 45.18  ? 116 ARG A CZ  1 
ATOM   310  N  NH1 . ARG A 1 116 ? 17.364  1.115   -0.755  1.00 41.12  ? 116 ARG A NH1 1 
ATOM   311  N  NH2 . ARG A 1 116 ? 18.625  3.030   -0.595  1.00 55.27  ? 116 ARG A NH2 1 
ATOM   312  N  N   . ALA A 1 117 ? 14.453  0.466   -8.470  1.00 33.96  ? 117 ALA A N   1 
ATOM   313  C  CA  . ALA A 1 117 ? 13.827  -0.629  -9.198  1.00 33.44  ? 117 ALA A CA  1 
ATOM   314  C  C   . ALA A 1 117 ? 14.476  -0.803  -10.565 1.00 39.83  ? 117 ALA A C   1 
ATOM   315  O  O   . ALA A 1 117 ? 14.767  0.176   -11.259 1.00 37.13  ? 117 ALA A O   1 
ATOM   316  C  CB  . ALA A 1 117 ? 12.327  -0.382  -9.359  1.00 34.83  ? 117 ALA A CB  1 
ATOM   317  N  N   . THR A 1 118 ? 14.724  -2.056  -10.934 1.00 37.24  ? 118 THR A N   1 
ATOM   318  C  CA  . THR A 1 118 ? 15.164  -2.386  -12.278 1.00 55.86  ? 118 THR A CA  1 
ATOM   319  C  C   . THR A 1 118 ? 13.953  -2.677  -13.161 1.00 50.05  ? 118 THR A C   1 
ATOM   320  O  O   . THR A 1 118 ? 12.808  -2.722  -12.696 1.00 42.87  ? 118 THR A O   1 
ATOM   321  C  CB  . THR A 1 118 ? 16.108  -3.588  -12.262 1.00 42.33  ? 118 THR A CB  1 
ATOM   322  O  OG1 . THR A 1 118 ? 15.403  -4.741  -11.789 1.00 45.64  ? 118 THR A OG1 1 
ATOM   323  C  CG2 . THR A 1 118 ? 17.305  -3.322  -11.355 1.00 49.01  ? 118 THR A CG2 1 
ATOM   324  N  N   . SER A 1 119 ? 14.213  -2.873  -14.457 1.00 49.32  ? 119 SER A N   1 
ATOM   325  C  CA  . SER A 1 119 ? 13.122  -3.209  -15.366 1.00 42.78  ? 119 SER A CA  1 
ATOM   326  C  C   . SER A 1 119 ? 12.508  -4.562  -15.029 1.00 41.90  ? 119 SER A C   1 
ATOM   327  O  O   . SER A 1 119 ? 11.320  -4.782  -15.285 1.00 52.08  ? 119 SER A O   1 
ATOM   328  C  CB  . SER A 1 119 ? 13.601  -3.175  -16.820 1.00 56.35  ? 119 SER A CB  1 
ATOM   329  O  OG  . SER A 1 119 ? 14.378  -2.016  -17.092 1.00 51.99  ? 119 SER A OG  1 
ATOM   330  N  N   . SER A 1 120 ? 13.287  -5.473  -14.445 1.00 35.82  ? 120 SER A N   1 
ATOM   331  C  CA  . SER A 1 120 ? 12.709  -6.730  -13.978 1.00 43.13  ? 120 SER A CA  1 
ATOM   332  C  C   . SER A 1 120 ? 11.833  -6.503  -12.753 1.00 50.19  ? 120 SER A C   1 
ATOM   333  O  O   . SER A 1 120 ? 10.813  -7.179  -12.577 1.00 44.87  ? 120 SER A O   1 
ATOM   334  C  CB  . SER A 1 120 ? 13.814  -7.740  -13.676 1.00 43.11  ? 120 SER A CB  1 
ATOM   335  O  OG  . SER A 1 120 ? 14.856  -7.124  -12.945 1.00 73.40  ? 120 SER A OG  1 
ATOM   336  N  N   . ASP A 1 121 ? 12.216  -5.560  -11.886 1.00 46.83  ? 121 ASP A N   1 
ATOM   337  C  CA  . ASP A 1 121 ? 11.316  -5.140  -10.818 1.00 48.79  ? 121 ASP A CA  1 
ATOM   338  C  C   . ASP A 1 121 ? 10.052  -4.513  -11.393 1.00 47.31  ? 121 ASP A C   1 
ATOM   339  O  O   . ASP A 1 121 ? 8.940   -4.838  -10.963 1.00 41.68  ? 121 ASP A O   1 
ATOM   340  C  CB  . ASP A 1 121 ? 12.023  -4.158  -9.880  1.00 41.00  ? 121 ASP A CB  1 
ATOM   341  C  CG  . ASP A 1 121 ? 13.149  -4.810  -9.085  1.00 45.73  ? 121 ASP A CG  1 
ATOM   342  O  OD1 . ASP A 1 121 ? 12.941  -5.911  -8.533  1.00 49.90  ? 121 ASP A OD1 1 
ATOM   343  O  OD2 . ASP A 1 121 ? 14.246  -4.218  -9.017  1.00 46.13  ? 121 ASP A OD2 1 
ATOM   344  N  N   . LEU A 1 122 ? 10.207  -3.627  -12.383 1.00 39.64  ? 122 LEU A N   1 
ATOM   345  C  CA  . LEU A 1 122 ? 9.052   -2.982  -13.004 1.00 43.37  ? 122 LEU A CA  1 
ATOM   346  C  C   . LEU A 1 122 ? 8.102   -4.007  -13.612 1.00 38.20  ? 122 LEU A C   1 
ATOM   347  O  O   . LEU A 1 122 ? 6.878   -3.851  -13.531 1.00 45.34  ? 122 LEU A O   1 
ATOM   348  C  CB  . LEU A 1 122 ? 9.517   -1.989  -14.068 1.00 39.20  ? 122 LEU A CB  1 
ATOM   349  C  CG  . LEU A 1 122 ? 10.190  -0.705  -13.581 1.00 52.11  ? 122 LEU A CG  1 
ATOM   350  C  CD1 . LEU A 1 122 ? 10.553  0.192   -14.761 1.00 44.28  ? 122 LEU A CD1 1 
ATOM   351  C  CD2 . LEU A 1 122 ? 9.285   0.031   -12.608 1.00 36.72  ? 122 LEU A CD2 1 
ATOM   352  N  N   . ALA A 1 123 ? 8.646   -5.061  -14.225 1.00 42.52  ? 123 ALA A N   1 
ATOM   353  C  CA  . ALA A 1 123 ? 7.795   -6.085  -14.824 1.00 41.99  ? 123 ALA A CA  1 
ATOM   354  C  C   . ALA A 1 123 ? 6.961   -6.809  -13.776 1.00 45.70  ? 123 ALA A C   1 
ATOM   355  O  O   . ALA A 1 123 ? 5.822   -7.198  -14.055 1.00 44.44  ? 123 ALA A O   1 
ATOM   356  C  CB  . ALA A 1 123 ? 8.646   -7.086  -15.607 1.00 42.21  ? 123 ALA A CB  1 
ATOM   357  N  N   . GLN A 1 124 ? 7.503   -6.998  -12.569 1.00 41.91  ? 124 GLN A N   1 
ATOM   358  C  CA  . GLN A 1 124 ? 6.737   -7.655  -11.514 1.00 39.74  ? 124 GLN A CA  1 
ATOM   359  C  C   . GLN A 1 124 ? 5.630   -6.750  -10.988 1.00 36.58  ? 124 GLN A C   1 
ATOM   360  O  O   . GLN A 1 124 ? 4.509   -7.211  -10.742 1.00 41.46  ? 124 GLN A O   1 
ATOM   361  C  CB  . GLN A 1 124 ? 7.666   -8.080  -10.377 1.00 49.33  ? 124 GLN A CB  1 
ATOM   362  C  CG  . GLN A 1 124 ? 8.789   -9.004  -10.810 1.00 57.94  ? 124 GLN A CG  1 
ATOM   363  C  CD  . GLN A 1 124 ? 9.339   -9.826  -9.664  1.00 88.34  ? 124 GLN A CD  1 
ATOM   364  O  OE1 . GLN A 1 124 ? 10.380  -9.500  -9.093  1.00 91.68  ? 124 GLN A OE1 1 
ATOM   365  N  NE2 . GLN A 1 124 ? 8.640   -10.902 -9.319  1.00 86.04  ? 124 GLN A NE2 1 
ATOM   366  N  N   . ILE A 1 125 ? 5.925   -5.461  -10.810 1.00 33.33  ? 125 ILE A N   1 
ATOM   367  C  CA  . ILE A 1 125 ? 4.899   -4.512  -10.386 1.00 39.74  ? 125 ILE A CA  1 
ATOM   368  C  C   . ILE A 1 125 ? 3.817   -4.388  -11.453 1.00 39.96  ? 125 ILE A C   1 
ATOM   369  O  O   . ILE A 1 125 ? 2.619   -4.473  -11.157 1.00 35.70  ? 125 ILE A O   1 
ATOM   370  C  CB  . ILE A 1 125 ? 5.530   -3.143  -10.073 1.00 36.31  ? 125 ILE A CB  1 
ATOM   371  C  CG1 . ILE A 1 125 ? 6.648   -3.283  -9.036  1.00 33.46  ? 125 ILE A CG1 1 
ATOM   372  C  CG2 . ILE A 1 125 ? 4.461   -2.171  -9.599  1.00 44.91  ? 125 ILE A CG2 1 
ATOM   373  C  CD1 . ILE A 1 125 ? 7.482   -2.031  -8.870  1.00 28.48  ? 125 ILE A CD1 1 
ATOM   374  N  N   . GLU A 1 126 ? 4.226   -4.178  -12.710 1.00 38.96  ? 126 GLU A N   1 
ATOM   375  C  CA  . GLU A 1 126 ? 3.252   -4.010  -13.788 1.00 42.64  ? 126 GLU A CA  1 
ATOM   376  C  C   . GLU A 1 126 ? 2.367   -5.241  -13.936 1.00 40.35  ? 126 GLU A C   1 
ATOM   377  O  O   . GLU A 1 126 ? 1.158   -5.117  -14.174 1.00 43.91  ? 126 GLU A O   1 
ATOM   378  C  CB  . GLU A 1 126 ? 3.965   -3.695  -15.108 1.00 43.66  ? 126 GLU A CB  1 
ATOM   379  C  CG  . GLU A 1 126 ? 3.006   -3.387  -16.262 1.00 47.70  ? 126 GLU A CG  1 
ATOM   380  C  CD  . GLU A 1 126 ? 3.692   -2.772  -17.478 1.00 71.87  ? 126 GLU A CD  1 
ATOM   381  O  OE1 . GLU A 1 126 ? 4.766   -3.268  -17.883 1.00 54.99  ? 126 GLU A OE1 1 
ATOM   382  O  OE2 . GLU A 1 126 ? 3.152   -1.790  -18.032 1.00 71.83  ? 126 GLU A OE2 1 
ATOM   383  N  N   . SER A 1 127 ? 2.945   -6.438  -13.795 1.00 41.12  ? 127 SER A N   1 
ATOM   384  C  CA  . SER A 1 127 ? 2.150   -7.660  -13.885 1.00 47.93  ? 127 SER A CA  1 
ATOM   385  C  C   . SER A 1 127 ? 1.038   -7.668  -12.841 1.00 50.67  ? 127 SER A C   1 
ATOM   386  O  O   . SER A 1 127 ? -0.131  -7.914  -13.160 1.00 51.05  ? 127 SER A O   1 
ATOM   387  C  CB  . SER A 1 127 ? 3.048   -8.887  -13.723 1.00 54.78  ? 127 SER A CB  1 
ATOM   388  O  OG  . SER A 1 127 ? 2.273   -10.069 -13.630 1.00 65.01  ? 127 SER A OG  1 
ATOM   389  N  N   . ALA A 1 128 ? 1.392   -7.390  -11.584 1.00 53.75  ? 128 ALA A N   1 
ATOM   390  C  CA  . ALA A 1 128 ? 0.398   -7.385  -10.515 1.00 47.42  ? 128 ALA A CA  1 
ATOM   391  C  C   . ALA A 1 128 ? -0.638  -6.290  -10.730 1.00 40.92  ? 128 ALA A C   1 
ATOM   392  O  O   . ALA A 1 128 ? -1.824  -6.481  -10.428 1.00 42.85  ? 128 ALA A O   1 
ATOM   393  C  CB  . ALA A 1 128 ? 1.091   -7.218  -9.162  1.00 51.75  ? 128 ALA A CB  1 
ATOM   394  N  N   . LEU A 1 129 ? -0.214  -5.136  -11.252 1.00 41.11  ? 129 LEU A N   1 
ATOM   395  C  CA  . LEU A 1 129 ? -1.166  -4.077  -11.571 1.00 44.39  ? 129 LEU A CA  1 
ATOM   396  C  C   . LEU A 1 129 ? -2.179  -4.544  -12.611 1.00 57.63  ? 129 LEU A C   1 
ATOM   397  O  O   . LEU A 1 129 ? -3.386  -4.309  -12.469 1.00 51.43  ? 129 LEU A O   1 
ATOM   398  C  CB  . LEU A 1 129 ? -0.423  -2.838  -12.068 1.00 36.07  ? 129 LEU A CB  1 
ATOM   399  C  CG  . LEU A 1 129 ? -1.296  -1.678  -12.553 1.00 39.03  ? 129 LEU A CG  1 
ATOM   400  C  CD1 . LEU A 1 129 ? -2.219  -1.208  -11.439 1.00 43.06  ? 129 LEU A CD1 1 
ATOM   401  C  CD2 . LEU A 1 129 ? -0.444  -0.527  -13.070 1.00 43.06  ? 129 LEU A CD2 1 
ATOM   402  N  N   . ASN A 1 130 ? -1.702  -5.212  -13.665 1.00 50.59  ? 130 ASN A N   1 
ATOM   403  C  CA  . ASN A 1 130 ? -2.609  -5.717  -14.689 1.00 55.50  ? 130 ASN A CA  1 
ATOM   404  C  C   . ASN A 1 130 ? -3.549  -6.778  -14.126 1.00 51.66  ? 130 ASN A C   1 
ATOM   405  O  O   . ASN A 1 130 ? -4.725  -6.820  -14.502 1.00 56.17  ? 130 ASN A O   1 
ATOM   406  C  CB  . ASN A 1 130 ? -1.816  -6.272  -15.875 1.00 44.51  ? 130 ASN A CB  1 
ATOM   407  C  CG  . ASN A 1 130 ? -1.110  -5.181  -16.671 1.00 49.28  ? 130 ASN A CG  1 
ATOM   408  O  OD1 . ASN A 1 130 ? -1.486  -4.009  -16.615 1.00 51.16  ? 130 ASN A OD1 1 
ATOM   409  N  ND2 . ASN A 1 130 ? -0.082  -5.565  -17.418 1.00 51.78  ? 130 ASN A ND2 1 
ATOM   410  N  N   . GLU A 1 131 ? -3.057  -7.631  -13.220 1.00 50.10  ? 131 GLU A N   1 
ATOM   411  C  CA  . GLU A 1 131 ? -3.938  -8.621  -12.594 1.00 53.90  ? 131 GLU A CA  1 
ATOM   412  C  C   . GLU A 1 131 ? -5.006  -7.956  -11.732 1.00 60.91  ? 131 GLU A C   1 
ATOM   413  O  O   . GLU A 1 131 ? -6.152  -8.415  -11.694 1.00 67.57  ? 131 GLU A O   1 
ATOM   414  C  CB  . GLU A 1 131 ? -3.136  -9.614  -11.755 1.00 56.40  ? 131 GLU A CB  1 
ATOM   415  C  CG  . GLU A 1 131 ? -2.003  -10.294 -12.496 1.00 69.17  ? 131 GLU A CG  1 
ATOM   416  C  CD  . GLU A 1 131 ? -1.097  -11.089 -11.575 1.00 85.24  ? 131 GLU A CD  1 
ATOM   417  O  OE1 . GLU A 1 131 ? -1.599  -11.944 -10.809 1.00 87.58  ? 131 GLU A OE1 1 
ATOM   418  O  OE2 . GLU A 1 131 ? 0.127   -10.838 -11.604 1.00 88.49  ? 131 GLU A OE2 1 
HETATM 419  N  N   . MSE A 1 132 ? -4.649  -6.896  -11.015 1.00 50.53  ? 132 MSE A N   1 
HETATM 420  C  CA  . MSE A 1 132 ? -5.637  -6.116  -10.261 1.00 62.81  ? 132 MSE A CA  1 
HETATM 421  C  C   . MSE A 1 132 ? -6.698  -5.527  -11.174 1.00 65.47  ? 132 MSE A C   1 
HETATM 422  O  O   . MSE A 1 132 ? -7.888  -5.548  -10.861 1.00 56.84  ? 132 MSE A O   1 
HETATM 423  C  CB  . MSE A 1 132 ? -4.977  -4.974  -9.497  1.00 55.24  ? 132 MSE A CB  1 
HETATM 424  C  CG  . MSE A 1 132 ? -4.093  -5.372  -8.343  1.00 70.54  ? 132 MSE A CG  1 
HETATM 425  SE SE  . MSE A 1 132 ? -3.804  -3.820  -7.198  0.61 62.17  ? 132 MSE A SE  1 
HETATM 426  C  CE  . MSE A 1 132 ? -2.346  -3.041  -8.157  1.00 49.50  ? 132 MSE A CE  1 
ATOM   427  N  N   . ILE A 1 133 ? -6.236  -4.964  -12.291 1.00 57.90  ? 133 ILE A N   1 
ATOM   428  C  CA  . ILE A 1 133 ? -7.152  -4.364  -13.255 1.00 66.55  ? 133 ILE A CA  1 
ATOM   429  C  C   . ILE A 1 133 ? -8.104  -5.418  -13.811 1.00 66.14  ? 133 ILE A C   1 
ATOM   430  O  O   . ILE A 1 133 ? -9.314  -5.189  -13.929 1.00 76.13  ? 133 ILE A O   1 
ATOM   431  C  CB  . ILE A 1 133 ? -6.355  -3.668  -14.373 1.00 61.96  ? 133 ILE A CB  1 
ATOM   432  C  CG1 . ILE A 1 133 ? -5.610  -2.446  -13.827 1.00 55.34  ? 133 ILE A CG1 1 
ATOM   433  C  CG2 . ILE A 1 133 ? -7.269  -3.269  -15.513 1.00 66.45  ? 133 ILE A CG2 1 
ATOM   434  C  CD1 . ILE A 1 133 ? -4.775  -1.725  -14.871 1.00 45.87  ? 133 ILE A CD1 1 
ATOM   435  N  N   . ALA A 1 134 ? -7.574  -6.598  -14.138 1.00 67.56  ? 134 ALA A N   1 
ATOM   436  C  CA  . ALA A 1 134 ? -8.376  -7.633  -14.778 1.00 72.79  ? 134 ALA A CA  1 
ATOM   437  C  C   . ALA A 1 134 ? -9.314  -8.322  -13.793 1.00 78.57  ? 134 ALA A C   1 
ATOM   438  O  O   . ALA A 1 134 ? -10.453 -8.648  -14.143 1.00 80.32  ? 134 ALA A O   1 
ATOM   439  C  CB  . ALA A 1 134 ? -7.461  -8.661  -15.446 1.00 57.55  ? 134 ALA A CB  1 
ATOM   440  N  N   . ASN A 1 135 ? -8.861  -8.545  -12.562 1.00 66.33  ? 135 ASN A N   1 
ATOM   441  C  CA  . ASN A 1 135 ? -9.596  -9.335  -11.580 1.00 65.99  ? 135 ASN A CA  1 
ATOM   442  C  C   . ASN A 1 135 ? -10.218 -8.468  -10.489 1.00 73.03  ? 135 ASN A C   1 
ATOM   443  O  O   . ASN A 1 135 ? -10.287 -8.866  -9.326  1.00 82.42  ? 135 ASN A O   1 
ATOM   444  C  CB  . ASN A 1 135 ? -8.688  -10.390 -10.954 1.00 66.66  ? 135 ASN A CB  1 
ATOM   445  C  CG  . ASN A 1 135 ? -7.911  -11.174 -11.991 1.00 88.01  ? 135 ASN A CG  1 
ATOM   446  O  OD1 . ASN A 1 135 ? -8.296  -11.232 -13.159 1.00 89.41  ? 135 ASN A OD1 1 
ATOM   447  N  ND2 . ASN A 1 135 ? -6.806  -11.779 -11.568 1.00 83.10  ? 135 ASN A ND2 1 
ATOM   448  N  N   . ASN A 1 136 ? -10.692 -7.279  -10.851 1.00 67.84  ? 136 ASN A N   1 
ATOM   449  C  CA  . ASN A 1 136 ? -11.304 -6.383  -9.878  1.00 80.99  ? 136 ASN A CA  1 
ATOM   450  C  C   . ASN A 1 136 ? -12.743 -6.760  -9.538  1.00 89.45  ? 136 ASN A C   1 
ATOM   451  O  O   . ASN A 1 136 ? -13.462 -5.933  -8.967  1.00 84.85  ? 136 ASN A O   1 
ATOM   452  C  CB  . ASN A 1 136 ? -11.253 -4.939  -10.388 1.00 67.08  ? 136 ASN A CB  1 
ATOM   453  C  CG  . ASN A 1 136 ? -12.303 -4.654  -11.445 1.00 80.96  ? 136 ASN A CG  1 
ATOM   454  O  OD1 . ASN A 1 136 ? -13.360 -4.094  -11.152 1.00 69.99  ? 136 ASN A OD1 1 
ATOM   455  N  ND2 . ASN A 1 136 ? -12.013 -5.034  -12.684 1.00 78.36  ? 136 ASN A ND2 1 
ATOM   456  N  N   . GLN A 1 137 ? -13.180 -7.977  -9.860  1.00 94.58  ? 137 GLN A N   1 
ATOM   457  C  CA  . GLN A 1 137 ? -14.573 -8.366  -9.671  1.00 92.05  ? 137 GLN A CA  1 
ATOM   458  C  C   . GLN A 1 137 ? -14.786 -9.207  -8.416  1.00 97.81  ? 137 GLN A C   1 
ATOM   459  O  O   . GLN A 1 137 ? -15.707 -8.937  -7.642  1.00 101.33 ? 137 GLN A O   1 
ATOM   460  C  CB  . GLN A 1 137 ? -15.078 -9.127  -10.908 1.00 94.82  ? 137 GLN A CB  1 
ATOM   461  C  CG  . GLN A 1 137 ? -15.109 -8.341  -12.243 1.00 100.13 ? 137 GLN A CG  1 
ATOM   462  C  CD  . GLN A 1 137 ? -15.902 -7.040  -12.198 1.00 92.68  ? 137 GLN A CD  1 
ATOM   463  O  OE1 . GLN A 1 137 ? -16.505 -6.697  -11.184 1.00 97.94  ? 137 GLN A OE1 1 
ATOM   464  N  NE2 . GLN A 1 137 ? -15.910 -6.315  -13.315 1.00 97.84  ? 137 GLN A NE2 1 
ATOM   465  N  N   . ASP A 1 138 ? -13.960 -10.225 -8.193  1.00 94.06  ? 138 ASP A N   1 
ATOM   466  C  CA  . ASP A 1 138 ? -14.065 -11.054 -6.997  1.00 104.78 ? 138 ASP A CA  1 
ATOM   467  C  C   . ASP A 1 138 ? -13.088 -10.544 -5.946  1.00 95.72  ? 138 ASP A C   1 
ATOM   468  O  O   . ASP A 1 138 ? -11.889 -10.401 -6.218  1.00 90.15  ? 138 ASP A O   1 
ATOM   469  C  CB  . ASP A 1 138 ? -13.809 -12.534 -7.305  1.00 98.39  ? 138 ASP A CB  1 
ATOM   470  C  CG  . ASP A 1 138 ? -12.502 -12.765 -8.027  1.00 83.19  ? 138 ASP A CG  1 
ATOM   471  O  OD1 . ASP A 1 138 ? -12.099 -11.883 -8.813  1.00 96.81  ? 138 ASP A OD1 1 
ATOM   472  O  OD2 . ASP A 1 138 ? -11.886 -13.833 -7.817  1.00 72.05  ? 138 ASP A OD2 1 
ATOM   473  N  N   . ARG A 1 139 ? -13.609 -10.264 -4.750  1.00 99.86  ? 139 ARG A N   1 
ATOM   474  C  CA  . ARG A 1 139 ? -12.818 -9.679  -3.667  1.00 97.25  ? 139 ARG A CA  1 
ATOM   475  C  C   . ARG A 1 139 ? -11.955 -10.741 -2.982  1.00 101.59 ? 139 ARG A C   1 
ATOM   476  O  O   . ARG A 1 139 ? -12.003 -10.949 -1.769  1.00 109.26 ? 139 ARG A O   1 
ATOM   477  C  CB  . ARG A 1 139 ? -13.734 -8.980  -2.671  1.00 86.75  ? 139 ARG A CB  1 
ATOM   478  N  N   . GLU A 1 140 ? -11.152 -11.426 -3.798  1.00 92.42  ? 140 GLU A N   1 
ATOM   479  C  CA  . GLU A 1 140 ? -10.187 -12.399 -3.306  1.00 93.31  ? 140 GLU A CA  1 
ATOM   480  C  C   . GLU A 1 140 ? -9.040  -12.525 -4.301  1.00 92.11  ? 140 GLU A C   1 
ATOM   481  O  O   . GLU A 1 140 ? -7.873  -12.590 -3.905  1.00 84.41  ? 140 GLU A O   1 
ATOM   482  C  CB  . GLU A 1 140 ? -10.849 -13.756 -3.055  1.00 91.70  ? 140 GLU A CB  1 
ATOM   483  C  CG  . GLU A 1 140 ? -9.871  -14.852 -2.669  1.00 103.44 ? 140 GLU A CG  1 
ATOM   484  C  CD  . GLU A 1 140 ? -10.022 -15.282 -1.225  1.00 118.81 ? 140 GLU A CD  1 
ATOM   485  O  OE1 . GLU A 1 140 ? -9.397  -16.292 -0.838  1.00 116.56 ? 140 GLU A OE1 1 
ATOM   486  O  OE2 . GLU A 1 140 ? -10.763 -14.607 -0.478  1.00 120.31 ? 140 GLU A OE2 1 
ATOM   487  N  N   . ALA A 1 141 ? -9.359  -12.550 -5.598  1.00 84.96  ? 141 ALA A N   1 
ATOM   488  C  CA  . ALA A 1 141 ? -8.307  -12.500 -6.607  1.00 90.29  ? 141 ALA A CA  1 
ATOM   489  C  C   . ALA A 1 141 ? -7.743  -11.095 -6.763  1.00 79.48  ? 141 ALA A C   1 
ATOM   490  O  O   . ALA A 1 141 ? -6.574  -10.938 -7.133  1.00 78.05  ? 141 ALA A O   1 
ATOM   491  C  CB  . ALA A 1 141 ? -8.826  -13.007 -7.953  1.00 83.55  ? 141 ALA A CB  1 
ATOM   492  N  N   . PHE A 1 142 ? -8.555  -10.071 -6.497  1.00 75.75  ? 142 PHE A N   1 
ATOM   493  C  CA  . PHE A 1 142 ? -8.052  -8.702  -6.508  1.00 69.52  ? 142 PHE A CA  1 
ATOM   494  C  C   . PHE A 1 142 ? -7.150  -8.444  -5.305  1.00 86.28  ? 142 PHE A C   1 
ATOM   495  O  O   . PHE A 1 142 ? -6.030  -7.939  -5.451  1.00 71.84  ? 142 PHE A O   1 
ATOM   496  C  CB  . PHE A 1 142 ? -9.217  -7.715  -6.528  1.00 66.08  ? 142 PHE A CB  1 
ATOM   497  C  CG  . PHE A 1 142 ? -8.836  -6.326  -6.113  1.00 81.49  ? 142 PHE A CG  1 
ATOM   498  C  CD1 . PHE A 1 142 ? -8.193  -5.480  -6.999  1.00 77.30  ? 142 PHE A CD1 1 
ATOM   499  C  CD2 . PHE A 1 142 ? -9.109  -5.871  -4.832  1.00 72.68  ? 142 PHE A CD2 1 
ATOM   500  C  CE1 . PHE A 1 142 ? -7.834  -4.202  -6.620  1.00 76.20  ? 142 PHE A CE1 1 
ATOM   501  C  CE2 . PHE A 1 142 ? -8.753  -4.595  -4.447  1.00 82.07  ? 142 PHE A CE2 1 
ATOM   502  C  CZ  . PHE A 1 142 ? -8.114  -3.759  -5.343  1.00 68.67  ? 142 PHE A CZ  1 
ATOM   503  N  N   . ASN A 1 143 ? -7.630  -8.781  -4.104  1.00 74.82  ? 143 ASN A N   1 
ATOM   504  C  CA  . ASN A 1 143 ? -6.810  -8.624  -2.907  1.00 79.96  ? 143 ASN A CA  1 
ATOM   505  C  C   . ASN A 1 143 ? -5.553  -9.480  -2.977  1.00 76.17  ? 143 ASN A C   1 
ATOM   506  O  O   . ASN A 1 143 ? -4.509  -9.094  -2.439  1.00 75.08  ? 143 ASN A O   1 
ATOM   507  C  CB  . ASN A 1 143 ? -7.628  -8.974  -1.662  1.00 85.08  ? 143 ASN A CB  1 
ATOM   508  C  CG  . ASN A 1 143 ? -8.418  -7.792  -1.131  1.00 82.33  ? 143 ASN A CG  1 
ATOM   509  O  OD1 . ASN A 1 143 ? -7.976  -7.092  -0.220  1.00 92.07  ? 143 ASN A OD1 1 
ATOM   510  N  ND2 . ASN A 1 143 ? -9.596  -7.565  -1.702  1.00 83.41  ? 143 ASN A ND2 1 
ATOM   511  N  N   . GLU A 1 144 ? -5.634  -10.644 -3.628  1.00 72.69  ? 144 GLU A N   1 
ATOM   512  C  CA  . GLU A 1 144 ? -4.437  -11.442 -3.870  1.00 71.63  ? 144 GLU A CA  1 
ATOM   513  C  C   . GLU A 1 144 ? -3.458  -10.696 -4.768  1.00 78.79  ? 144 GLU A C   1 
ATOM   514  O  O   . GLU A 1 144 ? -2.240  -10.759 -4.561  1.00 63.21  ? 144 GLU A O   1 
ATOM   515  C  CB  . GLU A 1 144 ? -4.824  -12.787 -4.487  1.00 80.45  ? 144 GLU A CB  1 
ATOM   516  C  CG  . GLU A 1 144 ? -3.655  -13.661 -4.913  1.00 76.81  ? 144 GLU A CG  1 
ATOM   517  C  CD  . GLU A 1 144 ? -4.095  -14.839 -5.767  1.00 100.72 ? 144 GLU A CD  1 
ATOM   518  O  OE1 . GLU A 1 144 ? -3.238  -15.679 -6.116  1.00 107.75 ? 144 GLU A OE1 1 
ATOM   519  O  OE2 . GLU A 1 144 ? -5.299  -14.924 -6.090  1.00 98.73  ? 144 GLU A OE2 1 
ATOM   520  N  N   . ALA A 1 145 ? -3.975  -9.973  -5.766  1.00 60.34  ? 145 ALA A N   1 
ATOM   521  C  CA  . ALA A 1 145 ? -3.115  -9.211  -6.665  1.00 68.48  ? 145 ALA A CA  1 
ATOM   522  C  C   . ALA A 1 145 ? -2.664  -7.892  -6.050  1.00 58.44  ? 145 ALA A C   1 
ATOM   523  O  O   . ALA A 1 145 ? -1.598  -7.382  -6.411  1.00 45.48  ? 145 ALA A O   1 
ATOM   524  C  CB  . ALA A 1 145 ? -3.835  -8.952  -7.990  1.00 57.33  ? 145 ALA A CB  1 
ATOM   525  N  N   . ASP A 1 146 ? -3.457  -7.323  -5.139  1.00 56.15  ? 146 ASP A N   1 
ATOM   526  C  CA  . ASP A 1 146 ? -3.017  -6.125  -4.431  1.00 54.60  ? 146 ASP A CA  1 
ATOM   527  C  C   . ASP A 1 146 ? -1.828  -6.432  -3.528  1.00 51.07  ? 146 ASP A C   1 
ATOM   528  O  O   . ASP A 1 146 ? -0.899  -5.624  -3.418  1.00 48.86  ? 146 ASP A O   1 
ATOM   529  C  CB  . ASP A 1 146 ? -4.179  -5.537  -3.627  1.00 51.64  ? 146 ASP A CB  1 
ATOM   530  C  CG  . ASP A 1 146 ? -3.941  -4.092  -3.213  1.00 60.20  ? 146 ASP A CG  1 
ATOM   531  O  OD1 . ASP A 1 146 ? -2.939  -3.490  -3.653  1.00 70.56  ? 146 ASP A OD1 1 
ATOM   532  O  OD2 . ASP A 1 146 ? -4.765  -3.553  -2.449  1.00 69.15  ? 146 ASP A OD2 1 
ATOM   533  N  N   . ILE A 1 147 ? -1.836  -7.605  -2.889  1.00 54.62  ? 147 ILE A N   1 
ATOM   534  C  CA  . ILE A 1 147 ? -0.714  -8.016  -2.050  1.00 60.65  ? 147 ILE A CA  1 
ATOM   535  C  C   . ILE A 1 147 ? 0.549   -8.185  -2.888  1.00 55.52  ? 147 ILE A C   1 
ATOM   536  O  O   . ILE A 1 147 ? 1.636   -7.749  -2.490  1.00 53.03  ? 147 ILE A O   1 
ATOM   537  C  CB  . ILE A 1 147 ? -1.073  -9.303  -1.280  1.00 55.71  ? 147 ILE A CB  1 
ATOM   538  C  CG1 . ILE A 1 147 ? -2.040  -8.979  -0.138  1.00 55.38  ? 147 ILE A CG1 1 
ATOM   539  C  CG2 . ILE A 1 147 ? 0.181   -9.991  -0.741  1.00 51.08  ? 147 ILE A CG2 1 
ATOM   540  C  CD1 . ILE A 1 147 ? -2.710  -10.196 0.467   1.00 69.33  ? 147 ILE A CD1 1 
ATOM   541  N  N   . ARG A 1 148 ? 0.426   -8.803  -4.067  1.00 50.04  ? 148 ARG A N   1 
ATOM   542  C  CA  . ARG A 1 148 ? 1.594   -9.005  -4.921  1.00 54.06  ? 148 ARG A CA  1 
ATOM   543  C  C   . ARG A 1 148 ? 2.148   -7.687  -5.448  1.00 45.06  ? 148 ARG A C   1 
ATOM   544  O  O   . ARG A 1 148 ? 3.361   -7.565  -5.651  1.00 46.74  ? 148 ARG A O   1 
ATOM   545  C  CB  . ARG A 1 148 ? 1.243   -9.928  -6.087  1.00 63.67  ? 148 ARG A CB  1 
ATOM   546  C  CG  . ARG A 1 148 ? 1.430   -11.404 -5.792  1.00 76.68  ? 148 ARG A CG  1 
ATOM   547  C  CD  . ARG A 1 148 ? 1.318   -12.223 -7.066  1.00 73.03  ? 148 ARG A CD  1 
ATOM   548  N  NE  . ARG A 1 148 ? -0.010  -12.108 -7.659  1.00 87.20  ? 148 ARG A NE  1 
ATOM   549  C  CZ  . ARG A 1 148 ? -1.011  -12.943 -7.410  1.00 85.37  ? 148 ARG A CZ  1 
ATOM   550  N  NH1 . ARG A 1 148 ? -0.832  -13.963 -6.577  1.00 88.72  ? 148 ARG A NH1 1 
ATOM   551  N  NH2 . ARG A 1 148 ? -2.189  -12.762 -7.992  1.00 77.80  ? 148 ARG A NH2 1 
ATOM   552  N  N   . TYR A 1 149 ? 1.280   -6.701  -5.683  1.00 40.58  ? 149 TYR A N   1 
ATOM   553  C  CA  . TYR A 1 149 ? 1.733   -5.383  -6.117  1.00 42.78  ? 149 TYR A CA  1 
ATOM   554  C  C   . TYR A 1 149 ? 2.626   -4.741  -5.061  1.00 43.39  ? 149 TYR A C   1 
ATOM   555  O  O   . TYR A 1 149 ? 3.758   -4.328  -5.346  1.00 41.63  ? 149 TYR A O   1 
ATOM   556  C  CB  . TYR A 1 149 ? 0.520   -4.498  -6.413  1.00 38.02  ? 149 TYR A CB  1 
ATOM   557  C  CG  . TYR A 1 149 ? 0.834   -3.050  -6.746  1.00 51.10  ? 149 TYR A CG  1 
ATOM   558  C  CD1 . TYR A 1 149 ? 0.976   -2.096  -5.743  1.00 42.61  ? 149 TYR A CD1 1 
ATOM   559  C  CD2 . TYR A 1 149 ? 0.960   -2.631  -8.068  1.00 45.73  ? 149 TYR A CD2 1 
ATOM   560  C  CE1 . TYR A 1 149 ? 1.247   -0.776  -6.046  1.00 38.99  ? 149 TYR A CE1 1 
ATOM   561  C  CE2 . TYR A 1 149 ? 1.227   -1.310  -8.381  1.00 36.13  ? 149 TYR A CE2 1 
ATOM   562  C  CZ  . TYR A 1 149 ? 1.371   -0.389  -7.368  1.00 36.81  ? 149 TYR A CZ  1 
ATOM   563  O  OH  . TYR A 1 149 ? 1.638   0.924   -7.679  1.00 36.61  ? 149 TYR A OH  1 
ATOM   564  N  N   . HIS A 1 150 ? 2.114   -4.630  -3.833  1.00 47.67  ? 150 HIS A N   1 
ATOM   565  C  CA  . HIS A 1 150 ? 2.893   -4.020  -2.764  1.00 51.11  ? 150 HIS A CA  1 
ATOM   566  C  C   . HIS A 1 150 ? 4.139   -4.835  -2.449  1.00 46.75  ? 150 HIS A C   1 
ATOM   567  O  O   . HIS A 1 150 ? 5.189   -4.266  -2.136  1.00 42.08  ? 150 HIS A O   1 
ATOM   568  C  CB  . HIS A 1 150 ? 2.015   -3.841  -1.525  1.00 47.57  ? 150 HIS A CB  1 
ATOM   569  C  CG  . HIS A 1 150 ? 0.904   -2.854  -1.716  1.00 44.75  ? 150 HIS A CG  1 
ATOM   570  N  ND1 . HIS A 1 150 ? 1.107   -1.491  -1.686  1.00 50.94  ? 150 HIS A ND1 1 
ATOM   571  C  CD2 . HIS A 1 150 ? -0.418  -3.032  -1.952  1.00 43.39  ? 150 HIS A CD2 1 
ATOM   572  C  CE1 . HIS A 1 150 ? -0.042  -0.871  -1.891  1.00 48.73  ? 150 HIS A CE1 1 
ATOM   573  N  NE2 . HIS A 1 150 ? -0.984  -1.784  -2.054  1.00 55.18  ? 150 HIS A NE2 1 
ATOM   574  N  N   . GLU A 1 151 ? 4.058   -6.163  -2.566  1.00 42.22  ? 151 GLU A N   1 
ATOM   575  C  CA  . GLU A 1 151 ? 5.237   -6.994  -2.342  1.00 44.24  ? 151 GLU A CA  1 
ATOM   576  C  C   . GLU A 1 151 ? 6.300   -6.757  -3.410  1.00 45.13  ? 151 GLU A C   1 
ATOM   577  O  O   . GLU A 1 151 ? 7.498   -6.743  -3.107  1.00 44.07  ? 151 GLU A O   1 
ATOM   578  C  CB  . GLU A 1 151 ? 4.833   -8.467  -2.292  1.00 44.87  ? 151 GLU A CB  1 
ATOM   579  C  CG  . GLU A 1 151 ? 4.218   -8.886  -0.964  1.00 55.52  ? 151 GLU A CG  1 
ATOM   580  C  CD  . GLU A 1 151 ? 3.815   -10.350 -0.935  1.00 81.62  ? 151 GLU A CD  1 
ATOM   581  O  OE1 . GLU A 1 151 ? 3.677   -10.957 -2.020  1.00 82.08  ? 151 GLU A OE1 1 
ATOM   582  O  OE2 . GLU A 1 151 ? 3.634   -10.894 0.175   1.00 77.02  ? 151 GLU A OE2 1 
ATOM   583  N  N   . ALA A 1 152 ? 5.888   -6.549  -4.663  1.00 41.34  ? 152 ALA A N   1 
ATOM   584  C  CA  . ALA A 1 152 ? 6.860   -6.261  -5.713  1.00 42.25  ? 152 ALA A CA  1 
ATOM   585  C  C   . ALA A 1 152 ? 7.468   -4.874  -5.534  1.00 29.45  ? 152 ALA A C   1 
ATOM   586  O  O   . ALA A 1 152 ? 8.678   -4.682  -5.738  1.00 35.51  ? 152 ALA A O   1 
ATOM   587  C  CB  . ALA A 1 152 ? 6.203   -6.395  -7.087  1.00 38.82  ? 152 ALA A CB  1 
ATOM   588  N  N   . VAL A 1 153 ? 6.645   -3.899  -5.140  1.00 36.32  ? 153 VAL A N   1 
ATOM   589  C  CA  . VAL A 1 153 ? 7.163   -2.571  -4.821  1.00 38.18  ? 153 VAL A CA  1 
ATOM   590  C  C   . VAL A 1 153 ? 8.201   -2.662  -3.708  1.00 43.72  ? 153 VAL A C   1 
ATOM   591  O  O   . VAL A 1 153 ? 9.296   -2.093  -3.811  1.00 35.07  ? 153 VAL A O   1 
ATOM   592  C  CB  . VAL A 1 153 ? 6.011   -1.620  -4.444  1.00 39.93  ? 153 VAL A CB  1 
ATOM   593  C  CG1 . VAL A 1 153 ? 6.566   -0.325  -3.871  1.00 36.30  ? 153 VAL A CG1 1 
ATOM   594  C  CG2 . VAL A 1 153 ? 5.136   -1.329  -5.659  1.00 38.05  ? 153 VAL A CG2 1 
ATOM   595  N  N   . LEU A 1 154 ? 7.878   -3.396  -2.638  1.00 40.27  ? 154 LEU A N   1 
ATOM   596  C  CA  . LEU A 1 154 ? 8.788   -3.545  -1.504  1.00 40.07  ? 154 LEU A CA  1 
ATOM   597  C  C   . LEU A 1 154 ? 10.074  -4.252  -1.904  1.00 35.94  ? 154 LEU A C   1 
ATOM   598  O  O   . LEU A 1 154 ? 11.167  -3.843  -1.493  1.00 40.87  ? 154 LEU A O   1 
ATOM   599  C  CB  . LEU A 1 154 ? 8.096   -4.320  -0.380  1.00 42.04  ? 154 LEU A CB  1 
ATOM   600  C  CG  . LEU A 1 154 ? 7.870   -3.649  0.975   1.00 56.23  ? 154 LEU A CG  1 
ATOM   601  C  CD1 . LEU A 1 154 ? 7.423   -4.691  1.991   1.00 39.21  ? 154 LEU A CD1 1 
ATOM   602  C  CD2 . LEU A 1 154 ? 9.127   -2.937  1.450   1.00 44.42  ? 154 LEU A CD2 1 
ATOM   603  N  N   . GLN A 1 155 ? 9.965   -5.325  -2.689  1.00 42.56  ? 155 GLN A N   1 
ATOM   604  C  CA  . GLN A 1 155 ? 11.158  -6.042  -3.122  1.00 37.02  ? 155 GLN A CA  1 
ATOM   605  C  C   . GLN A 1 155 ? 12.060  -5.155  -3.970  1.00 36.93  ? 155 GLN A C   1 
ATOM   606  O  O   . GLN A 1 155 ? 13.288  -5.269  -3.889  1.00 37.95  ? 155 GLN A O   1 
ATOM   607  C  CB  . GLN A 1 155 ? 10.760  -7.307  -3.888  1.00 52.12  ? 155 GLN A CB  1 
ATOM   608  C  CG  . GLN A 1 155 ? 11.928  -8.191  -4.306  1.00 70.58  ? 155 GLN A CG  1 
ATOM   609  C  CD  . GLN A 1 155 ? 12.233  -9.279  -3.289  1.00 87.82  ? 155 GLN A CD  1 
ATOM   610  O  OE1 . GLN A 1 155 ? 11.700  -9.276  -2.177  1.00 70.00  ? 155 GLN A OE1 1 
ATOM   611  N  NE2 . GLN A 1 155 ? 13.100  -10.215 -3.665  1.00 75.83  ? 155 GLN A NE2 1 
ATOM   612  N  N   . SER A 1 156 ? 11.479  -4.243  -4.756  1.00 45.56  ? 156 SER A N   1 
ATOM   613  C  CA  . SER A 1 156 ? 12.313  -3.360  -5.568  1.00 39.95  ? 156 SER A CA  1 
ATOM   614  C  C   . SER A 1 156 ? 13.133  -2.373  -4.738  1.00 55.39  ? 156 SER A C   1 
ATOM   615  O  O   . SER A 1 156 ? 14.022  -1.722  -5.295  1.00 48.31  ? 156 SER A O   1 
ATOM   616  C  CB  . SER A 1 156 ? 11.451  -2.592  -6.572  1.00 42.66  ? 156 SER A CB  1 
ATOM   617  O  OG  . SER A 1 156 ? 10.850  -1.468  -5.965  1.00 50.30  ? 156 SER A OG  1 
ATOM   618  N  N   . VAL A 1 157 ? 12.859  -2.243  -3.437  1.00 48.28  ? 157 VAL A N   1 
ATOM   619  C  CA  . VAL A 1 157 ? 13.676  -1.384  -2.579  1.00 41.47  ? 157 VAL A CA  1 
ATOM   620  C  C   . VAL A 1 157 ? 14.970  -2.088  -2.179  1.00 41.20  ? 157 VAL A C   1 
ATOM   621  O  O   . VAL A 1 157 ? 15.982  -1.428  -1.903  1.00 41.36  ? 157 VAL A O   1 
ATOM   622  C  CB  . VAL A 1 157 ? 12.865  -0.943  -1.345  1.00 41.00  ? 157 VAL A CB  1 
ATOM   623  C  CG1 . VAL A 1 157 ? 13.717  -0.128  -0.380  1.00 49.54  ? 157 VAL A CG1 1 
ATOM   624  C  CG2 . VAL A 1 157 ? 11.646  -0.143  -1.771  1.00 38.09  ? 157 VAL A CG2 1 
ATOM   625  N  N   . HIS A 1 158 ? 14.958  -3.423  -2.131  1.00 39.89  ? 158 HIS A N   1 
ATOM   626  C  CA  . HIS A 1 158 ? 16.143  -4.230  -1.829  1.00 44.28  ? 158 HIS A CA  1 
ATOM   627  C  C   . HIS A 1 158 ? 16.735  -3.876  -0.463  1.00 50.43  ? 158 HIS A C   1 
ATOM   628  O  O   . HIS A 1 158 ? 17.942  -3.681  -0.310  1.00 41.67  ? 158 HIS A O   1 
ATOM   629  C  CB  . HIS A 1 158 ? 17.191  -4.100  -2.939  1.00 51.98  ? 158 HIS A CB  1 
ATOM   630  C  CG  . HIS A 1 158 ? 16.694  -4.520  -4.288  1.00 70.41  ? 158 HIS A CG  1 
ATOM   631  N  ND1 . HIS A 1 158 ? 16.411  -5.835  -4.602  1.00 70.82  ? 158 HIS A ND1 1 
ATOM   632  C  CD2 . HIS A 1 158 ? 16.421  -3.801  -5.403  1.00 62.98  ? 158 HIS A CD2 1 
ATOM   633  C  CE1 . HIS A 1 158 ? 15.988  -5.904  -5.851  1.00 67.32  ? 158 HIS A CE1 1 
ATOM   634  N  NE2 . HIS A 1 158 ? 15.985  -4.685  -6.360  1.00 63.71  ? 158 HIS A NE2 1 
ATOM   635  N  N   . ASN A 1 159 ? 15.862  -3.799  0.540   1.00 36.56  ? 159 ASN A N   1 
ATOM   636  C  CA  . ASN A 1 159 ? 16.254  -3.581  1.933   1.00 35.01  ? 159 ASN A CA  1 
ATOM   637  C  C   . ASN A 1 159 ? 15.465  -4.560  2.790   1.00 30.90  ? 159 ASN A C   1 
ATOM   638  O  O   . ASN A 1 159 ? 14.264  -4.347  3.037   1.00 39.24  ? 159 ASN A O   1 
ATOM   639  C  CB  . ASN A 1 159 ? 16.001  -2.138  2.365   1.00 34.82  ? 159 ASN A CB  1 
ATOM   640  C  CG  . ASN A 1 159 ? 16.559  -1.825  3.748   1.00 32.48  ? 159 ASN A CG  1 
ATOM   641  O  OD1 . ASN A 1 159 ? 16.535  -2.665  4.646   1.00 32.17  ? 159 ASN A OD1 1 
ATOM   642  N  ND2 . ASN A 1 159 ? 17.048  -0.604  3.927   1.00 30.45  ? 159 ASN A ND2 1 
ATOM   643  N  N   . PRO A 1 160 ? 16.095  -5.636  3.269   1.00 34.88  ? 160 PRO A N   1 
ATOM   644  C  CA  . PRO A 1 160 ? 15.330  -6.659  4.004   1.00 28.86  ? 160 PRO A CA  1 
ATOM   645  C  C   . PRO A 1 160 ? 14.816  -6.180  5.353   1.00 33.68  ? 160 PRO A C   1 
ATOM   646  O  O   . PRO A 1 160 ? 13.758  -6.640  5.812   1.00 38.15  ? 160 PRO A O   1 
ATOM   647  C  CB  . PRO A 1 160 ? 16.342  -7.805  4.151   1.00 40.98  ? 160 PRO A CB  1 
ATOM   648  C  CG  . PRO A 1 160 ? 17.684  -7.131  4.099   1.00 34.24  ? 160 PRO A CG  1 
ATOM   649  C  CD  . PRO A 1 160 ? 17.524  -5.979  3.145   1.00 34.61  ? 160 PRO A CD  1 
ATOM   650  N  N   . VAL A 1 161 ? 15.542  -5.269  6.006   1.00 36.24  ? 161 VAL A N   1 
ATOM   651  C  CA  . VAL A 1 161 ? 15.075  -4.710  7.273   1.00 36.60  ? 161 VAL A CA  1 
ATOM   652  C  C   . VAL A 1 161 ? 13.825  -3.872  7.045   1.00 25.92  ? 161 VAL A C   1 
ATOM   653  O  O   . VAL A 1 161 ? 12.793  -4.065  7.703   1.00 34.73  ? 161 VAL A O   1 
ATOM   654  C  CB  . VAL A 1 161 ? 16.191  -3.880  7.935   1.00 32.17  ? 161 VAL A CB  1 
ATOM   655  C  CG1 . VAL A 1 161 ? 15.746  -3.414  9.315   1.00 32.55  ? 161 VAL A CG1 1 
ATOM   656  C  CG2 . VAL A 1 161 ? 17.489  -4.690  8.019   1.00 31.19  ? 161 VAL A CG2 1 
ATOM   657  N  N   . LEU A 1 162 ? 13.909  -2.922  6.112   1.00 32.58  ? 162 LEU A N   1 
ATOM   658  C  CA  . LEU A 1 162 ? 12.750  -2.116  5.746   1.00 35.58  ? 162 LEU A CA  1 
ATOM   659  C  C   . LEU A 1 162 ? 11.586  -2.991  5.295   1.00 39.04  ? 162 LEU A C   1 
ATOM   660  O  O   . LEU A 1 162 ? 10.425  -2.702  5.608   1.00 36.38  ? 162 LEU A O   1 
ATOM   661  C  CB  . LEU A 1 162 ? 13.145  -1.129  4.650   1.00 30.30  ? 162 LEU A CB  1 
ATOM   662  C  CG  . LEU A 1 162 ? 12.090  -0.107  4.242   1.00 36.31  ? 162 LEU A CG  1 
ATOM   663  C  CD1 . LEU A 1 162 ? 11.757  0.771   5.431   1.00 40.31  ? 162 LEU A CD1 1 
ATOM   664  C  CD2 . LEU A 1 162 ? 12.609  0.730   3.085   1.00 37.89  ? 162 LEU A CD2 1 
ATOM   665  N  N   . GLN A 1 163 ? 11.880  -4.066  4.558   1.00 41.48  ? 163 GLN A N   1 
ATOM   666  C  CA  . GLN A 1 163 ? 10.826  -4.969  4.102   1.00 36.10  ? 163 GLN A CA  1 
ATOM   667  C  C   . GLN A 1 163 ? 10.099  -5.603  5.280   1.00 37.85  ? 163 GLN A C   1 
ATOM   668  O  O   . GLN A 1 163 ? 8.861   -5.648  5.310   1.00 35.23  ? 163 GLN A O   1 
ATOM   669  C  CB  . GLN A 1 163 ? 11.420  -6.043  3.186   1.00 39.79  ? 163 GLN A CB  1 
ATOM   670  C  CG  . GLN A 1 163 ? 10.414  -7.074  2.687   1.00 44.02  ? 163 GLN A CG  1 
ATOM   671  C  CD  . GLN A 1 163 ? 11.037  -8.086  1.733   1.00 53.69  ? 163 GLN A CD  1 
ATOM   672  O  OE1 . GLN A 1 163 ? 12.056  -8.704  2.043   1.00 44.54  ? 163 GLN A OE1 1 
ATOM   673  N  NE2 . GLN A 1 163 ? 10.430  -8.247  0.562   1.00 44.79  ? 163 GLN A NE2 1 
ATOM   674  N  N   . GLN A 1 164 ? 10.850  -6.104  6.267   1.00 34.30  ? 164 GLN A N   1 
ATOM   675  C  CA  . GLN A 1 164 ? 10.197  -6.675  7.441   1.00 36.84  ? 164 GLN A CA  1 
ATOM   676  C  C   . GLN A 1 164 ? 9.397   -5.621  8.203   1.00 39.37  ? 164 GLN A C   1 
ATOM   677  O  O   . GLN A 1 164 ? 8.298   -5.903  8.698   1.00 33.54  ? 164 GLN A O   1 
ATOM   678  C  CB  . GLN A 1 164 ? 11.228  -7.330  8.359   1.00 41.56  ? 164 GLN A CB  1 
ATOM   679  C  CG  . GLN A 1 164 ? 11.732  -8.662  7.842   1.00 50.50  ? 164 GLN A CG  1 
ATOM   680  C  CD  . GLN A 1 164 ? 10.605  -9.606  7.465   1.00 49.37  ? 164 GLN A CD  1 
ATOM   681  O  OE1 . GLN A 1 164 ? 10.467  -9.990  6.304   1.00 57.31  ? 164 GLN A OE1 1 
ATOM   682  N  NE2 . GLN A 1 164 ? 9.800   -9.992  8.446   1.00 52.13  ? 164 GLN A NE2 1 
ATOM   683  N  N   . LEU A 1 165 ? 9.930   -4.400  8.308   1.00 34.42  ? 165 LEU A N   1 
ATOM   684  C  CA  . LEU A 1 165 ? 9.202   -3.350  9.020   1.00 36.44  ? 165 LEU A CA  1 
ATOM   685  C  C   . LEU A 1 165 ? 7.880   -3.033  8.335   1.00 32.54  ? 165 LEU A C   1 
ATOM   686  O  O   . LEU A 1 165 ? 6.840   -2.903  8.994   1.00 32.54  ? 165 LEU A O   1 
ATOM   687  C  CB  . LEU A 1 165 ? 10.057  -2.090  9.124   1.00 33.57  ? 165 LEU A CB  1 
ATOM   688  C  CG  . LEU A 1 165 ? 11.215  -2.187  10.115  1.00 43.54  ? 165 LEU A CG  1 
ATOM   689  C  CD1 . LEU A 1 165 ? 12.018  -0.908  10.083  1.00 49.05  ? 165 LEU A CD1 1 
ATOM   690  C  CD2 . LEU A 1 165 ? 10.693  -2.467  11.514  1.00 40.28  ? 165 LEU A CD2 1 
ATOM   691  N  N   . SER A 1 166 ? 7.899   -2.912  7.007   1.00 32.38  ? 166 SER A N   1 
ATOM   692  C  CA  . SER A 1 166 ? 6.675   -2.580  6.288   1.00 35.71  ? 166 SER A CA  1 
ATOM   693  C  C   . SER A 1 166 ? 5.685   -3.738  6.340   1.00 37.53  ? 166 SER A C   1 
ATOM   694  O  O   . SER A 1 166 ? 4.470   -3.518  6.413   1.00 36.31  ? 166 SER A O   1 
ATOM   695  C  CB  . SER A 1 166 ? 6.998   -2.202  4.843   1.00 35.99  ? 166 SER A CB  1 
ATOM   696  O  OG  . SER A 1 166 ? 5.865   -2.356  4.009   1.00 39.10  ? 166 SER A OG  1 
ATOM   697  N  N   . ILE A 1 167 ? 6.184   -4.976  6.331   1.00 33.65  ? 167 ILE A N   1 
ATOM   698  C  CA  . ILE A 1 167 ? 5.291   -6.122  6.484   1.00 37.57  ? 167 ILE A CA  1 
ATOM   699  C  C   . ILE A 1 167 ? 4.640   -6.113  7.861   1.00 35.56  ? 167 ILE A C   1 
ATOM   700  O  O   . ILE A 1 167 ? 3.444   -6.392  7.996   1.00 34.06  ? 167 ILE A O   1 
ATOM   701  C  CB  . ILE A 1 167 ? 6.050   -7.436  6.227   1.00 36.68  ? 167 ILE A CB  1 
ATOM   702  C  CG1 . ILE A 1 167 ? 6.391   -7.570  4.741   1.00 42.66  ? 167 ILE A CG1 1 
ATOM   703  C  CG2 . ILE A 1 167 ? 5.220   -8.633  6.693   1.00 39.95  ? 167 ILE A CG2 1 
ATOM   704  C  CD1 . ILE A 1 167 ? 7.178   -8.819  4.411   1.00 44.84  ? 167 ILE A CD1 1 
ATOM   705  N  N   . ALA A 1 168 ? 5.411   -5.798  8.904   1.00 37.44  ? 168 ALA A N   1 
ATOM   706  C  CA  . ALA A 1 168 ? 4.836   -5.707  10.243  1.00 40.69  ? 168 ALA A CA  1 
ATOM   707  C  C   . ALA A 1 168 ? 3.770   -4.617  10.311  1.00 36.37  ? 168 ALA A C   1 
ATOM   708  O  O   . ALA A 1 168 ? 2.706   -4.814  10.910  1.00 36.67  ? 168 ALA A O   1 
ATOM   709  C  CB  . ALA A 1 168 ? 5.937   -5.451  11.272  1.00 37.17  ? 168 ALA A CB  1 
ATOM   710  N  N   . ILE A 1 169 ? 4.038   -3.466  9.692   1.00 31.20  ? 169 ILE A N   1 
ATOM   711  C  CA  . ILE A 1 169 ? 3.055   -2.380  9.678   1.00 31.00  ? 169 ILE A CA  1 
ATOM   712  C  C   . ILE A 1 169 ? 1.784   -2.814  8.960   1.00 46.30  ? 169 ILE A C   1 
ATOM   713  O  O   . ILE A 1 169 ? 0.665   -2.540  9.420   1.00 40.03  ? 169 ILE A O   1 
ATOM   714  C  CB  . ILE A 1 169 ? 3.656   -1.117  9.034   1.00 35.29  ? 169 ILE A CB  1 
ATOM   715  C  CG1 . ILE A 1 169 ? 4.799   -0.567  9.886   1.00 34.43  ? 169 ILE A CG1 1 
ATOM   716  C  CG2 . ILE A 1 169 ? 2.585   -0.055  8.832   1.00 38.73  ? 169 ILE A CG2 1 
ATOM   717  C  CD1 . ILE A 1 169 ? 5.654   0.451   9.151   1.00 33.16  ? 169 ILE A CD1 1 
ATOM   718  N  N   . SER A 1 170 ? 1.928   -3.489  7.816   1.00 38.34  ? 170 SER A N   1 
ATOM   719  C  CA  . SER A 1 170 ? 0.756   -3.892  7.045   1.00 37.78  ? 170 SER A CA  1 
ATOM   720  C  C   . SER A 1 170 ? -0.028  -4.992  7.748   1.00 37.45  ? 170 SER A C   1 
ATOM   721  O  O   . SER A 1 170 ? -1.263  -5.012  7.675   1.00 43.04  ? 170 SER A O   1 
ATOM   722  C  CB  . SER A 1 170 ? 1.182   -4.342  5.647   1.00 37.03  ? 170 SER A CB  1 
ATOM   723  O  OG  . SER A 1 170 ? 1.838   -3.284  4.973   1.00 44.04  ? 170 SER A OG  1 
ATOM   724  N  N   . SER A 1 171 ? 0.663   -5.907  8.432   1.00 37.14  ? 171 SER A N   1 
ATOM   725  C  CA  . SER A 1 171 ? -0.018  -6.952  9.188   1.00 40.34  ? 171 SER A CA  1 
ATOM   726  C  C   . SER A 1 171 ? -0.804  -6.366  10.353  1.00 49.80  ? 171 SER A C   1 
ATOM   727  O  O   . SER A 1 171 ? -1.935  -6.788  10.624  1.00 51.15  ? 171 SER A O   1 
ATOM   728  C  CB  . SER A 1 171 ? 0.993   -7.982  9.687   1.00 42.56  ? 171 SER A CB  1 
ATOM   729  O  OG  . SER A 1 171 ? 1.906   -8.340  8.661   1.00 58.53  ? 171 SER A OG  1 
ATOM   730  N  N   . LEU A 1 172 ? -0.220  -5.395  11.060  1.00 45.67  ? 172 LEU A N   1 
ATOM   731  C  CA  . LEU A 1 172 ? -0.945  -4.721  12.131  1.00 39.35  ? 172 LEU A CA  1 
ATOM   732  C  C   . LEU A 1 172 ? -2.165  -3.989  11.595  1.00 50.12  ? 172 LEU A C   1 
ATOM   733  O  O   . LEU A 1 172 ? -3.220  -3.982  12.240  1.00 50.27  ? 172 LEU A O   1 
ATOM   734  C  CB  . LEU A 1 172 ? -0.014  -3.751  12.859  1.00 41.88  ? 172 LEU A CB  1 
ATOM   735  C  CG  . LEU A 1 172 ? -0.629  -2.878  13.954  1.00 47.26  ? 172 LEU A CG  1 
ATOM   736  C  CD1 . LEU A 1 172 ? -0.993  -3.724  15.162  1.00 43.87  ? 172 LEU A CD1 1 
ATOM   737  C  CD2 . LEU A 1 172 ? 0.327   -1.764  14.346  1.00 42.46  ? 172 LEU A CD2 1 
ATOM   738  N  N   . GLN A 1 173 ? -2.043  -3.386  10.411  1.00 43.82  ? 173 GLN A N   1 
ATOM   739  C  CA  . GLN A 1 173 ? -3.154  -2.641  9.828   1.00 47.97  ? 173 GLN A CA  1 
ATOM   740  C  C   . GLN A 1 173 ? -4.331  -3.554  9.502   1.00 61.72  ? 173 GLN A C   1 
ATOM   741  O  O   . GLN A 1 173 ? -5.489  -3.181  9.721   1.00 58.30  ? 173 GLN A O   1 
ATOM   742  C  CB  . GLN A 1 173 ? -2.678  -1.899  8.577   1.00 45.29  ? 173 GLN A CB  1 
ATOM   743  C  CG  . GLN A 1 173 ? -3.727  -1.009  7.931   1.00 65.01  ? 173 GLN A CG  1 
ATOM   744  C  CD  . GLN A 1 173 ? -3.325  -0.556  6.537   1.00 84.67  ? 173 GLN A CD  1 
ATOM   745  O  OE1 . GLN A 1 173 ? -2.161  -0.233  6.287   1.00 68.19  ? 173 GLN A OE1 1 
ATOM   746  N  NE2 . GLN A 1 173 ? -4.289  -0.530  5.622   1.00 73.27  ? 173 GLN A NE2 1 
ATOM   747  N  N   . ARG A 1 174 ? -4.060  -4.756  8.987   1.00 60.60  ? 174 ARG A N   1 
ATOM   748  C  CA  . ARG A 1 174 ? -5.140  -5.663  8.616   1.00 69.65  ? 174 ARG A CA  1 
ATOM   749  C  C   . ARG A 1 174 ? -5.667  -6.470  9.795   1.00 61.64  ? 174 ARG A C   1 
ATOM   750  O  O   . ARG A 1 174 ? -6.777  -7.006  9.713   1.00 75.82  ? 174 ARG A O   1 
ATOM   751  C  CB  . ARG A 1 174 ? -4.685  -6.612  7.499   1.00 59.57  ? 174 ARG A CB  1 
ATOM   752  C  CG  . ARG A 1 174 ? -3.633  -7.634  7.909   1.00 75.45  ? 174 ARG A CG  1 
ATOM   753  C  CD  . ARG A 1 174 ? -3.392  -8.660  6.801   1.00 76.48  ? 174 ARG A CD  1 
ATOM   754  N  NE  . ARG A 1 174 ? -2.976  -8.032  5.547   1.00 96.36  ? 174 ARG A NE  1 
ATOM   755  C  CZ  . ARG A 1 174 ? -1.746  -8.095  5.044   1.00 86.05  ? 174 ARG A CZ  1 
ATOM   756  N  NH1 . ARG A 1 174 ? -0.794  -8.762  5.685   1.00 83.30  ? 174 ARG A NH1 1 
ATOM   757  N  NH2 . ARG A 1 174 ? -1.464  -7.488  3.898   1.00 74.29  ? 174 ARG A NH2 1 
ATOM   758  N  N   . ALA A 1 175 ? -4.908  -6.563  10.885  1.00 64.31  ? 175 ALA A N   1 
ATOM   759  C  CA  . ALA A 1 175 ? -5.337  -7.277  12.080  1.00 61.74  ? 175 ALA A CA  1 
ATOM   760  C  C   . ALA A 1 175 ? -6.052  -6.382  13.083  1.00 77.88  ? 175 ALA A C   1 
ATOM   761  O  O   . ALA A 1 175 ? -6.452  -6.865  14.148  1.00 83.19  ? 175 ALA A O   1 
ATOM   762  C  CB  . ALA A 1 175 ? -4.137  -7.942  12.761  1.00 56.89  ? 175 ALA A CB  1 
ATOM   763  N  N   . VAL A 1 176 ? -6.222  -5.097  12.778  1.00 70.91  ? 176 VAL A N   1 
ATOM   764  C  CA  . VAL A 1 176 ? -6.830  -4.167  13.721  1.00 64.78  ? 176 VAL A CA  1 
ATOM   765  C  C   . VAL A 1 176 ? -7.970  -3.420  13.041  1.00 77.84  ? 176 VAL A C   1 
ATOM   766  O  O   . VAL A 1 176 ? -8.992  -3.116  13.668  1.00 97.80  ? 176 VAL A O   1 
ATOM   767  C  CB  . VAL A 1 176 ? -5.781  -3.190  14.286  1.00 72.98  ? 176 VAL A CB  1 
ATOM   768  C  CG1 . VAL A 1 176 ? -6.448  -2.098  15.102  1.00 72.50  ? 176 VAL A CG1 1 
ATOM   769  C  CG2 . VAL A 1 176 ? -4.763  -3.938  15.133  1.00 66.44  ? 176 VAL A CG2 1 
ATOM   770  N  N   . PHE A 1 177 ? -7.815  -3.137  11.752  1.00 62.41  ? 177 PHE A N   1 
ATOM   771  C  CA  . PHE A 1 177 ? -8.758  -2.301  11.029  1.00 77.41  ? 177 PHE A CA  1 
ATOM   772  C  C   . PHE A 1 177 ? -9.696  -3.142  10.170  1.00 91.94  ? 177 PHE A C   1 
ATOM   773  O  O   . PHE A 1 177 ? -9.372  -4.262  9.766   1.00 81.11  ? 177 PHE A O   1 
ATOM   774  C  CB  . PHE A 1 177 ? -8.019  -1.279  10.165  1.00 71.65  ? 177 PHE A CB  1 
ATOM   775  C  CG  . PHE A 1 177 ? -7.409  -0.159  10.956  1.00 77.81  ? 177 PHE A CG  1 
ATOM   776  C  CD1 . PHE A 1 177 ? -8.161  0.531   11.893  1.00 77.14  ? 177 PHE A CD1 1 
ATOM   777  C  CD2 . PHE A 1 177 ? -6.082  0.195   10.777  1.00 67.52  ? 177 PHE A CD2 1 
ATOM   778  C  CE1 . PHE A 1 177 ? -7.608  1.559   12.628  1.00 65.42  ? 177 PHE A CE1 1 
ATOM   779  C  CE2 . PHE A 1 177 ? -5.522  1.224   11.512  1.00 70.59  ? 177 PHE A CE2 1 
ATOM   780  C  CZ  . PHE A 1 177 ? -6.287  1.906   12.439  1.00 50.09  ? 177 PHE A CZ  1 
ATOM   781  N  N   . GLU A 1 178 ? -10.865 -2.576  9.894   1.00 97.79  ? 178 GLU A N   1 
ATOM   782  C  CA  . GLU A 1 178 ? -11.941 -3.273  9.200   1.00 103.96 ? 178 GLU A CA  1 
ATOM   783  C  C   . GLU A 1 178 ? -11.709 -3.304  7.692   1.00 82.95  ? 178 GLU A C   1 
ATOM   784  O  O   . GLU A 1 178 ? -12.049 -2.357  6.982   1.00 87.39  ? 178 GLU A O   1 
ATOM   785  C  CB  . GLU A 1 178 ? -13.287 -2.610  9.518   1.00 101.64 ? 178 GLU A CB  1 
ATOM   786  C  CG  . GLU A 1 178 ? -13.587 -2.458  11.013  1.00 85.26  ? 178 GLU A CG  1 
ATOM   787  C  CD  . GLU A 1 178 ? -12.902 -1.254  11.643  1.00 97.12  ? 178 GLU A CD  1 
ATOM   788  O  OE1 . GLU A 1 178 ? -12.499 -0.335  10.898  1.00 95.13  ? 178 GLU A OE1 1 
ATOM   789  O  OE2 . GLU A 1 178 ? -12.764 -1.226  12.886  1.00 95.03  ? 178 GLU A OE2 1 
ATOM   790  N  N   . GLY A 1 183 ? -16.453 -2.873  1.520   1.00 89.96  ? 183 GLY A N   1 
ATOM   791  C  CA  . GLY A 1 183 ? -16.957 -3.062  0.172   1.00 95.65  ? 183 GLY A CA  1 
ATOM   792  C  C   . GLY A 1 183 ? -15.860 -3.067  -0.874  1.00 103.57 ? 183 GLY A C   1 
ATOM   793  O  O   . GLY A 1 183 ? -15.720 -4.033  -1.627  1.00 97.21  ? 183 GLY A O   1 
ATOM   794  N  N   . ASP A 1 184 ? -15.105 -1.966  -0.929  1.00 102.28 ? 184 ASP A N   1 
ATOM   795  C  CA  . ASP A 1 184 ? -13.924 -1.809  -1.774  1.00 97.17  ? 184 ASP A CA  1 
ATOM   796  C  C   . ASP A 1 184 ? -14.256 -1.669  -3.258  1.00 103.28 ? 184 ASP A C   1 
ATOM   797  O  O   . ASP A 1 184 ? -13.439 -1.149  -4.026  1.00 91.71  ? 184 ASP A O   1 
ATOM   798  C  CB  . ASP A 1 184 ? -12.948 -2.974  -1.563  1.00 96.68  ? 184 ASP A CB  1 
ATOM   799  C  CG  . ASP A 1 184 ? -11.504 -2.515  -1.485  1.00 106.03 ? 184 ASP A CG  1 
ATOM   800  O  OD1 . ASP A 1 184 ? -10.605 -3.382  -1.447  1.00 98.82  ? 184 ASP A OD1 1 
ATOM   801  O  OD2 . ASP A 1 184 ? -11.270 -1.289  -1.463  1.00 106.07 ? 184 ASP A OD2 1 
ATOM   802  N  N   . GLU A 1 185 ? -15.435 -2.123  -3.686  1.00 91.01  ? 185 GLU A N   1 
ATOM   803  C  CA  . GLU A 1 185 ? -15.822 -1.893  -5.075  1.00 87.94  ? 185 GLU A CA  1 
ATOM   804  C  C   . GLU A 1 185 ? -16.178 -0.429  -5.302  1.00 88.87  ? 185 GLU A C   1 
ATOM   805  O  O   . GLU A 1 185 ? -15.963 0.109   -6.395  1.00 82.97  ? 185 GLU A O   1 
ATOM   806  C  CB  . GLU A 1 185 ? -16.991 -2.801  -5.460  1.00 86.44  ? 185 GLU A CB  1 
ATOM   807  C  CG  . GLU A 1 185 ? -17.270 -2.866  -6.958  1.00 100.90 ? 185 GLU A CG  1 
ATOM   808  C  CD  . GLU A 1 185 ? -18.353 -1.895  -7.398  1.00 115.16 ? 185 GLU A CD  1 
ATOM   809  O  OE1 . GLU A 1 185 ? -18.011 -0.813  -7.920  1.00 112.85 ? 185 GLU A OE1 1 
ATOM   810  O  OE2 . GLU A 1 185 ? -19.549 -2.214  -7.225  1.00 114.75 ? 185 GLU A OE2 1 
ATOM   811  N  N   . ALA A 1 186 ? -16.703 0.239   -4.269  1.00 88.00  ? 186 ALA A N   1 
ATOM   812  C  CA  . ALA A 1 186 ? -17.174 1.612   -4.412  1.00 91.97  ? 186 ALA A CA  1 
ATOM   813  C  C   . ALA A 1 186 ? -16.040 2.579   -4.715  1.00 82.26  ? 186 ALA A C   1 
ATOM   814  O  O   . ALA A 1 186 ? -16.283 3.649   -5.287  1.00 88.57  ? 186 ALA A O   1 
ATOM   815  C  CB  . ALA A 1 186 ? -17.918 2.046   -3.145  1.00 77.16  ? 186 ALA A CB  1 
ATOM   816  N  N   . ASN A 1 187 ? -14.810 2.217   -4.358  1.00 82.82  ? 187 ASN A N   1 
ATOM   817  C  CA  . ASN A 1 187 ? -13.632 3.006   -4.676  1.00 71.07  ? 187 ASN A CA  1 
ATOM   818  C  C   . ASN A 1 187 ? -12.658 2.242   -5.561  1.00 61.88  ? 187 ASN A C   1 
ATOM   819  O  O   . ASN A 1 187 ? -11.482 2.605   -5.626  1.00 55.39  ? 187 ASN A O   1 
ATOM   820  C  CB  . ASN A 1 187 ? -12.939 3.446   -3.388  1.00 75.47  ? 187 ASN A CB  1 
ATOM   821  C  CG  . ASN A 1 187 ? -12.861 2.325   -2.360  1.00 88.51  ? 187 ASN A CG  1 
ATOM   822  O  OD1 . ASN A 1 187 ? -12.317 1.247   -2.633  1.00 87.69  ? 187 ASN A OD1 1 
ATOM   823  N  ND2 . ASN A 1 187 ? -13.408 2.568   -1.175  1.00 90.71  ? 187 ASN A ND2 1 
HETATM 824  N  N   . MSE A 1 188 ? -13.111 1.182   -6.222  1.00 51.47  ? 188 MSE A N   1 
HETATM 825  C  CA  . MSE A 1 188 ? -12.262 0.406   -7.127  1.00 54.28  ? 188 MSE A CA  1 
HETATM 826  C  C   . MSE A 1 188 ? -11.593 1.240   -8.234  1.00 53.19  ? 188 MSE A C   1 
HETATM 827  O  O   . MSE A 1 188 ? -10.398 1.072   -8.478  1.00 50.41  ? 188 MSE A O   1 
HETATM 828  C  CB  . MSE A 1 188 ? -13.068 -0.732  -7.752  1.00 63.03  ? 188 MSE A CB  1 
HETATM 829  C  CG  . MSE A 1 188 ? -12.217 -1.686  -8.565  1.00 70.90  ? 188 MSE A CG  1 
HETATM 830  SE SE  . MSE A 1 188 ? -10.801 -2.482  -7.497  1.00 106.56 ? 188 MSE A SE  1 
HETATM 831  C  CE  . MSE A 1 188 ? -11.917 -3.482  -6.251  1.00 85.23  ? 188 MSE A CE  1 
ATOM   832  N  N   . PRO A 1 189 ? -12.347 2.119   -8.914  1.00 52.18  ? 189 PRO A N   1 
ATOM   833  C  CA  . PRO A 1 189 ? -11.700 2.955   -9.940  1.00 50.56  ? 189 PRO A CA  1 
ATOM   834  C  C   . PRO A 1 189 ? -10.596 3.836   -9.382  1.00 50.60  ? 189 PRO A C   1 
ATOM   835  O  O   . PRO A 1 189 ? -9.519  3.930   -9.984  1.00 42.52  ? 189 PRO A O   1 
ATOM   836  C  CB  . PRO A 1 189 ? -12.865 3.785   -10.504 1.00 53.93  ? 189 PRO A CB  1 
ATOM   837  C  CG  . PRO A 1 189 ? -14.090 3.000   -10.180 1.00 45.02  ? 189 PRO A CG  1 
ATOM   838  C  CD  . PRO A 1 189 ? -13.802 2.373   -8.858  1.00 51.49  ? 189 PRO A CD  1 
ATOM   839  N  N   . GLN A 1 190 ? -10.837 4.485   -8.240  1.00 51.97  ? 190 GLN A N   1 
ATOM   840  C  CA  . GLN A 1 190 ? -9.813  5.328   -7.628  1.00 44.42  ? 190 GLN A CA  1 
ATOM   841  C  C   . GLN A 1 190 ? -8.618  4.499   -7.172  1.00 45.94  ? 190 GLN A C   1 
ATOM   842  O  O   . GLN A 1 190 ? -7.468  4.937   -7.296  1.00 44.45  ? 190 GLN A O   1 
ATOM   843  C  CB  . GLN A 1 190 ? -10.416 6.101   -6.453  1.00 55.49  ? 190 GLN A CB  1 
ATOM   844  C  CG  . GLN A 1 190 ? -9.494  7.135   -5.824  1.00 53.86  ? 190 GLN A CG  1 
ATOM   845  C  CD  . GLN A 1 190 ? -10.109 7.781   -4.594  1.00 81.02  ? 190 GLN A CD  1 
ATOM   846  O  OE1 . GLN A 1 190 ? -10.384 7.111   -3.597  1.00 84.06  ? 190 GLN A OE1 1 
ATOM   847  N  NE2 . GLN A 1 190 ? -10.335 9.089   -4.662  1.00 80.37  ? 190 GLN A NE2 1 
ATOM   848  N  N   . THR A 1 191 ? -8.875  3.297   -6.649  1.00 40.92  ? 191 THR A N   1 
ATOM   849  C  CA  . THR A 1 191 ? -7.798  2.439   -6.163  1.00 47.86  ? 191 THR A CA  1 
ATOM   850  C  C   . THR A 1 191 ? -6.875  2.010   -7.298  1.00 53.36  ? 191 THR A C   1 
ATOM   851  O  O   . THR A 1 191 ? -5.647  2.035   -7.150  1.00 45.04  ? 191 THR A O   1 
ATOM   852  C  CB  . THR A 1 191 ? -8.386  1.214   -5.462  1.00 48.15  ? 191 THR A CB  1 
ATOM   853  O  OG1 . THR A 1 191 ? -9.094  1.629   -4.286  1.00 54.82  ? 191 THR A OG1 1 
ATOM   854  C  CG2 . THR A 1 191 ? -7.289  0.234   -5.072  1.00 43.76  ? 191 THR A CG2 1 
ATOM   855  N  N   . LEU A 1 192 ? -7.448  1.610   -8.435  1.00 45.98  ? 192 LEU A N   1 
ATOM   856  C  CA  . LEU A 1 192 ? -6.626  1.203   -9.570  1.00 45.43  ? 192 LEU A CA  1 
ATOM   857  C  C   . LEU A 1 192 ? -5.817  2.376   -10.109 1.00 41.21  ? 192 LEU A C   1 
ATOM   858  O  O   . LEU A 1 192 ? -4.643  2.216   -10.463 1.00 38.55  ? 192 LEU A O   1 
ATOM   859  C  CB  . LEU A 1 192 ? -7.506  0.601   -10.666 1.00 42.32  ? 192 LEU A CB  1 
ATOM   860  C  CG  . LEU A 1 192 ? -8.272  -0.672  -10.296 1.00 53.85  ? 192 LEU A CG  1 
ATOM   861  C  CD1 . LEU A 1 192 ? -9.222  -1.071  -11.414 1.00 54.98  ? 192 LEU A CD1 1 
ATOM   862  C  CD2 . LEU A 1 192 ? -7.316  -1.813  -9.966  1.00 55.38  ? 192 LEU A CD2 1 
ATOM   863  N  N   . GLN A 1 193 ? -6.425  3.564   -10.168 1.00 37.88  ? 193 GLN A N   1 
ATOM   864  C  CA  . GLN A 1 193 ? -5.709  4.734   -10.663 1.00 42.72  ? 193 GLN A CA  1 
ATOM   865  C  C   . GLN A 1 193 ? -4.530  5.087   -9.759  1.00 43.36  ? 193 GLN A C   1 
ATOM   866  O  O   . GLN A 1 193 ? -3.467  5.490   -10.245 1.00 41.65  ? 193 GLN A O   1 
ATOM   867  C  CB  . GLN A 1 193 ? -6.670  5.917   -10.794 1.00 39.65  ? 193 GLN A CB  1 
ATOM   868  C  CG  . GLN A 1 193 ? -6.026  7.198   -11.298 1.00 43.63  ? 193 GLN A CG  1 
ATOM   869  C  CD  . GLN A 1 193 ? -5.432  7.045   -12.689 1.00 74.45  ? 193 GLN A CD  1 
ATOM   870  O  OE1 . GLN A 1 193 ? -6.016  6.396   -13.560 1.00 80.13  ? 193 GLN A OE1 1 
ATOM   871  N  NE2 . GLN A 1 193 ? -4.264  7.643   -12.905 1.00 70.94  ? 193 GLN A NE2 1 
ATOM   872  N  N   . GLU A 1 194 ? -4.693  4.928   -8.440  1.00 41.82  ? 194 GLU A N   1 
ATOM   873  C  CA  . GLU A 1 194 ? -3.605  5.246   -7.516  1.00 39.83  ? 194 GLU A CA  1 
ATOM   874  C  C   . GLU A 1 194 ? -2.430  4.281   -7.685  1.00 35.53  ? 194 GLU A C   1 
ATOM   875  O  O   . GLU A 1 194 ? -1.262  4.698   -7.659  1.00 42.80  ? 194 GLU A O   1 
ATOM   876  C  CB  . GLU A 1 194 ? -4.128  5.242   -6.073  1.00 37.20  ? 194 GLU A CB  1 
ATOM   877  C  CG  . GLU A 1 194 ? -5.020  6.455   -5.742  1.00 42.70  ? 194 GLU A CG  1 
ATOM   878  C  CD  . GLU A 1 194 ? -5.760  6.352   -4.404  1.00 46.96  ? 194 GLU A CD  1 
ATOM   879  O  OE1 . GLU A 1 194 ? -5.720  5.285   -3.753  1.00 41.57  ? 194 GLU A OE1 1 
ATOM   880  O  OE2 . GLU A 1 194 ? -6.395  7.353   -4.006  1.00 50.37  ? 194 GLU A OE2 1 
ATOM   881  N  N   . HIS A 1 195 ? -2.720  2.991   -7.882  1.00 32.82  ? 195 HIS A N   1 
ATOM   882  C  CA  . HIS A 1 195 ? -1.655  2.016   -8.092  1.00 40.76  ? 195 HIS A CA  1 
ATOM   883  C  C   . HIS A 1 195 ? -0.978  2.225   -9.443  1.00 47.77  ? 195 HIS A C   1 
ATOM   884  O  O   . HIS A 1 195 ? 0.243   2.052   -9.570  1.00 38.35  ? 195 HIS A O   1 
ATOM   885  C  CB  . HIS A 1 195 ? -2.217  0.601   -7.973  1.00 43.66  ? 195 HIS A CB  1 
ATOM   886  C  CG  . HIS A 1 195 ? -2.629  0.234   -6.580  1.00 50.69  ? 195 HIS A CG  1 
ATOM   887  N  ND1 . HIS A 1 195 ? -3.666  0.859   -5.922  1.00 45.05  ? 195 HIS A ND1 1 
ATOM   888  C  CD2 . HIS A 1 195 ? -2.138  -0.687  -5.718  1.00 43.96  ? 195 HIS A CD2 1 
ATOM   889  C  CE1 . HIS A 1 195 ? -3.799  0.336   -4.717  1.00 44.62  ? 195 HIS A CE1 1 
ATOM   890  N  NE2 . HIS A 1 195 ? -2.884  -0.605  -4.567  1.00 54.18  ? 195 HIS A NE2 1 
ATOM   891  N  N   . LYS A 1 196 ? -1.752  2.617   -10.459 1.00 40.19  ? 196 LYS A N   1 
ATOM   892  C  CA  . LYS A 1 196 ? -1.151  2.970   -11.741 1.00 42.68  ? 196 LYS A CA  1 
ATOM   893  C  C   . LYS A 1 196 ? -0.232  4.174   -11.603 1.00 41.55  ? 196 LYS A C   1 
ATOM   894  O  O   . LYS A 1 196 ? 0.860   4.195   -12.179 1.00 39.06  ? 196 LYS A O   1 
ATOM   895  C  CB  . LYS A 1 196 ? -2.236  3.242   -12.783 1.00 45.47  ? 196 LYS A CB  1 
ATOM   896  C  CG  . LYS A 1 196 ? -1.695  3.790   -14.095 1.00 50.28  ? 196 LYS A CG  1 
ATOM   897  C  CD  . LYS A 1 196 ? -2.456  3.239   -15.293 1.00 71.54  ? 196 LYS A CD  1 
ATOM   898  C  CE  . LYS A 1 196 ? -1.612  3.298   -16.563 1.00 76.48  ? 196 LYS A CE  1 
ATOM   899  N  NZ  . LYS A 1 196 ? -0.346  2.511   -16.453 1.00 71.05  ? 196 LYS A NZ  1 
ATOM   900  N  N   . ALA A 1 197 ? -0.655  5.191   -10.844 1.00 34.94  ? 197 ALA A N   1 
ATOM   901  C  CA  . ALA A 1 197 ? 0.173   6.385   -10.690 1.00 39.59  ? 197 ALA A CA  1 
ATOM   902  C  C   . ALA A 1 197 ? 1.466   6.070   -9.943  1.00 46.02  ? 197 ALA A C   1 
ATOM   903  O  O   . ALA A 1 197 ? 2.538   6.588   -10.290 1.00 37.17  ? 197 ALA A O   1 
ATOM   904  C  CB  . ALA A 1 197 ? -0.611  7.485   -9.975  1.00 38.71  ? 197 ALA A CB  1 
ATOM   905  N  N   . LEU A 1 198 ? 1.390   5.217   -8.915  1.00 36.27  ? 198 LEU A N   1 
ATOM   906  C  CA  . LEU A 1 198 ? 2.618   4.813   -8.232  1.00 40.97  ? 198 LEU A CA  1 
ATOM   907  C  C   . LEU A 1 198 ? 3.543   4.039   -9.170  1.00 36.43  ? 198 LEU A C   1 
ATOM   908  O  O   . LEU A 1 198 ? 4.759   4.282   -9.194  1.00 34.75  ? 198 LEU A O   1 
ATOM   909  C  CB  . LEU A 1 198 ? 2.303   3.985   -6.986  1.00 36.12  ? 198 LEU A CB  1 
ATOM   910  C  CG  . LEU A 1 198 ? 3.545   3.462   -6.246  1.00 37.85  ? 198 LEU A CG  1 
ATOM   911  C  CD1 . LEU A 1 198 ? 4.503   4.605   -5.903  1.00 26.45  ? 198 LEU A CD1 1 
ATOM   912  C  CD2 . LEU A 1 198 ? 3.158   2.693   -4.990  1.00 37.31  ? 198 LEU A CD2 1 
ATOM   913  N  N   . PHE A 1 199 ? 2.992   3.099   -9.945  1.00 34.75  ? 199 PHE A N   1 
ATOM   914  C  CA  . PHE A 1 199 ? 3.831   2.374   -10.895 1.00 37.51  ? 199 PHE A CA  1 
ATOM   915  C  C   . PHE A 1 199 ? 4.475   3.322   -11.902 1.00 39.48  ? 199 PHE A C   1 
ATOM   916  O  O   . PHE A 1 199 ? 5.661   3.183   -12.219 1.00 37.02  ? 199 PHE A O   1 
ATOM   917  C  CB  . PHE A 1 199 ? 3.026   1.304   -11.629 1.00 39.92  ? 199 PHE A CB  1 
ATOM   918  C  CG  . PHE A 1 199 ? 3.736   0.749   -12.832 1.00 43.92  ? 199 PHE A CG  1 
ATOM   919  C  CD1 . PHE A 1 199 ? 4.761   -0.174  -12.681 1.00 41.18  ? 199 PHE A CD1 1 
ATOM   920  C  CD2 . PHE A 1 199 ? 3.398   1.166   -14.111 1.00 48.72  ? 199 PHE A CD2 1 
ATOM   921  C  CE1 . PHE A 1 199 ? 5.430   -0.680  -13.781 1.00 41.86  ? 199 PHE A CE1 1 
ATOM   922  C  CE2 . PHE A 1 199 ? 4.064   0.663   -15.217 1.00 53.29  ? 199 PHE A CE2 1 
ATOM   923  C  CZ  . PHE A 1 199 ? 5.081   -0.262  -15.050 1.00 51.22  ? 199 PHE A CZ  1 
ATOM   924  N  N   . ASP A 1 200 ? 3.706   4.280   -12.427 1.00 34.90  ? 200 ASP A N   1 
ATOM   925  C  CA  . ASP A 1 200 ? 4.246   5.220   -13.406 1.00 42.50  ? 200 ASP A CA  1 
ATOM   926  C  C   . ASP A 1 200 ? 5.379   6.040   -12.816 1.00 44.90  ? 200 ASP A C   1 
ATOM   927  O  O   . ASP A 1 200 ? 6.386   6.300   -13.488 1.00 38.88  ? 200 ASP A O   1 
ATOM   928  C  CB  . ASP A 1 200 ? 3.148   6.154   -13.914 1.00 45.63  ? 200 ASP A CB  1 
ATOM   929  C  CG  . ASP A 1 200 ? 2.134   5.446   -14.782 1.00 51.35  ? 200 ASP A CG  1 
ATOM   930  O  OD1 . ASP A 1 200 ? 2.461   4.368   -15.323 1.00 47.48  ? 200 ASP A OD1 1 
ATOM   931  O  OD2 . ASP A 1 200 ? 1.010   5.976   -14.919 1.00 52.38  ? 200 ASP A OD2 1 
ATOM   932  N  N   . ALA A 1 201 ? 5.224   6.481   -11.566 1.00 33.56  ? 201 ALA A N   1 
ATOM   933  C  CA  . ALA A 1 201 ? 6.293   7.240   -10.928 1.00 34.15  ? 201 ALA A CA  1 
ATOM   934  C  C   . ALA A 1 201 ? 7.533   6.378   -10.724 1.00 39.38  ? 201 ALA A C   1 
ATOM   935  O  O   . ALA A 1 201 ? 8.660   6.849   -10.914 1.00 39.53  ? 201 ALA A O   1 
ATOM   936  C  CB  . ALA A 1 201 ? 5.808   7.814   -9.600  1.00 38.16  ? 201 ALA A CB  1 
ATOM   937  N  N   . ILE A 1 202 ? 7.344   5.111   -10.345 1.00 36.44  ? 202 ILE A N   1 
ATOM   938  C  CA  . ILE A 1 202 ? 8.486   4.223   -10.148 1.00 33.26  ? 202 ILE A CA  1 
ATOM   939  C  C   . ILE A 1 202 ? 9.209   3.975   -11.470 1.00 43.80  ? 202 ILE A C   1 
ATOM   940  O  O   . ILE A 1 202 ? 10.442  4.055   -11.544 1.00 38.01  ? 202 ILE A O   1 
ATOM   941  C  CB  . ILE A 1 202 ? 8.027   2.913   -9.481  1.00 32.40  ? 202 ILE A CB  1 
ATOM   942  C  CG1 . ILE A 1 202 ? 7.604   3.184   -8.030  1.00 31.99  ? 202 ILE A CG1 1 
ATOM   943  C  CG2 . ILE A 1 202 ? 9.133   1.868   -9.524  1.00 33.75  ? 202 ILE A CG2 1 
ATOM   944  C  CD1 . ILE A 1 202 ? 7.059   1.966   -7.312  1.00 32.00  ? 202 ILE A CD1 1 
ATOM   945  N  N   . ARG A 1 203 ? 8.456   3.688   -12.535 1.00 39.63  ? 203 ARG A N   1 
ATOM   946  C  CA  . ARG A 1 203 ? 9.062   3.511   -13.853 1.00 42.78  ? 203 ARG A CA  1 
ATOM   947  C  C   . ARG A 1 203 ? 9.808   4.768   -14.287 1.00 37.45  ? 203 ARG A C   1 
ATOM   948  O  O   . ARG A 1 203 ? 10.948  4.696   -14.763 1.00 41.87  ? 203 ARG A O   1 
ATOM   949  C  CB  . ARG A 1 203 ? 7.989   3.138   -14.880 1.00 41.67  ? 203 ARG A CB  1 
ATOM   950  C  CG  . ARG A 1 203 ? 8.399   3.463   -16.308 1.00 43.13  ? 203 ARG A CG  1 
ATOM   951  C  CD  . ARG A 1 203 ? 7.601   2.699   -17.353 1.00 41.29  ? 203 ARG A CD  1 
ATOM   952  N  NE  . ARG A 1 203 ? 8.186   2.888   -18.680 1.00 50.69  ? 203 ARG A NE  1 
ATOM   953  C  CZ  . ARG A 1 203 ? 7.831   2.210   -19.768 1.00 58.54  ? 203 ARG A CZ  1 
ATOM   954  N  NH1 . ARG A 1 203 ? 6.879   1.288   -19.703 1.00 41.11  ? 203 ARG A NH1 1 
ATOM   955  N  NH2 . ARG A 1 203 ? 8.431   2.460   -20.926 1.00 47.57  ? 203 ARG A NH2 1 
ATOM   956  N  N   . HIS A 1 204 ? 9.188   5.938   -14.111 1.00 36.94  ? 204 HIS A N   1 
ATOM   957  C  CA  . HIS A 1 204 ? 9.828   7.197   -14.475 1.00 38.69  ? 204 HIS A CA  1 
ATOM   958  C  C   . HIS A 1 204 ? 10.996  7.552   -13.569 1.00 44.42  ? 204 HIS A C   1 
ATOM   959  O  O   . HIS A 1 204 ? 11.666  8.557   -13.831 1.00 40.23  ? 204 HIS A O   1 
ATOM   960  C  CB  . HIS A 1 204 ? 8.820   8.346   -14.440 1.00 35.10  ? 204 HIS A CB  1 
ATOM   961  C  CG  . HIS A 1 204 ? 7.702   8.203   -15.422 1.00 40.83  ? 204 HIS A CG  1 
ATOM   962  N  ND1 . HIS A 1 204 ? 7.663   7.203   -16.367 1.00 46.33  ? 204 HIS A ND1 1 
ATOM   963  C  CD2 . HIS A 1 204 ? 6.574   8.933   -15.598 1.00 45.05  ? 204 HIS A CD2 1 
ATOM   964  C  CE1 . HIS A 1 204 ? 6.561   7.323   -17.088 1.00 39.41  ? 204 HIS A CE1 1 
ATOM   965  N  NE2 . HIS A 1 204 ? 5.883   8.364   -16.640 1.00 52.03  ? 204 HIS A NE2 1 
ATOM   966  N  N   . GLN A 1 205 ? 11.242  6.772   -12.512 1.00 42.93  ? 205 GLN A N   1 
ATOM   967  C  CA  . GLN A 1 205 ? 12.296  7.072   -11.542 1.00 33.77  ? 205 GLN A CA  1 
ATOM   968  C  C   . GLN A 1 205 ? 12.120  8.479   -10.976 1.00 41.83  ? 205 GLN A C   1 
ATOM   969  O  O   . GLN A 1 205 ? 13.088  9.208   -10.752 1.00 39.40  ? 205 GLN A O   1 
ATOM   970  C  CB  . GLN A 1 205 ? 13.682  6.879   -12.161 1.00 37.76  ? 205 GLN A CB  1 
ATOM   971  C  CG  . GLN A 1 205 ? 13.909  5.459   -12.657 1.00 34.98  ? 205 GLN A CG  1 
ATOM   972  C  CD  . GLN A 1 205 ? 15.305  5.229   -13.205 1.00 49.07  ? 205 GLN A CD  1 
ATOM   973  O  OE1 . GLN A 1 205 ? 15.827  6.037   -13.971 1.00 41.44  ? 205 GLN A OE1 1 
ATOM   974  N  NE2 . GLN A 1 205 ? 15.919  4.123   -12.804 1.00 44.25  ? 205 GLN A NE2 1 
ATOM   975  N  N   . ASP A 1 206 ? 10.862  8.862   -10.767 1.00 42.53  ? 206 ASP A N   1 
ATOM   976  C  CA  . ASP A 1 206 ? 10.493  10.164  -10.215 1.00 39.70  ? 206 ASP A CA  1 
ATOM   977  C  C   . ASP A 1 206 ? 10.184  9.962   -8.735  1.00 49.49  ? 206 ASP A C   1 
ATOM   978  O  O   . ASP A 1 206 ? 9.088   9.527   -8.374  1.00 41.41  ? 206 ASP A O   1 
ATOM   979  C  CB  . ASP A 1 206 ? 9.298   10.746  -10.966 1.00 35.75  ? 206 ASP A CB  1 
ATOM   980  C  CG  . ASP A 1 206 ? 9.036   12.199  -10.618 1.00 50.13  ? 206 ASP A CG  1 
ATOM   981  O  OD1 . ASP A 1 206 ? 9.570   12.681  -9.594  1.00 55.94  ? 206 ASP A OD1 1 
ATOM   982  O  OD2 . ASP A 1 206 ? 8.280   12.857  -11.363 1.00 56.65  ? 206 ASP A OD2 1 
ATOM   983  N  N   . GLY A 1 207 ? 11.156  10.290  -7.880  1.00 47.57  ? 207 GLY A N   1 
ATOM   984  C  CA  . GLY A 1 207 ? 10.986  10.056  -6.457  1.00 42.38  ? 207 GLY A CA  1 
ATOM   985  C  C   . GLY A 1 207 ? 9.907   10.924  -5.837  1.00 47.37  ? 207 GLY A C   1 
ATOM   986  O  O   . GLY A 1 207 ? 9.146   10.463  -4.981  1.00 38.42  ? 207 GLY A O   1 
ATOM   987  N  N   . ASP A 1 208 ? 9.831   12.193  -6.251  1.00 41.39  ? 208 ASP A N   1 
ATOM   988  C  CA  . ASP A 1 208 ? 8.791   13.078  -5.735  1.00 52.28  ? 208 ASP A CA  1 
ATOM   989  C  C   . ASP A 1 208 ? 7.402   12.569  -6.101  1.00 52.62  ? 208 ASP A C   1 
ATOM   990  O  O   . ASP A 1 208 ? 6.491   12.552  -5.258  1.00 46.79  ? 208 ASP A O   1 
ATOM   991  C  CB  . ASP A 1 208 ? 8.997   14.499  -6.268  1.00 52.61  ? 208 ASP A CB  1 
ATOM   992  C  CG  . ASP A 1 208 ? 10.255  15.159  -5.719  1.00 61.57  ? 208 ASP A CG  1 
ATOM   993  O  OD1 . ASP A 1 208 ? 10.899  14.582  -4.816  1.00 60.26  ? 208 ASP A OD1 1 
ATOM   994  O  OD2 . ASP A 1 208 ? 10.594  16.266  -6.189  1.00 69.79  ? 208 ASP A OD2 1 
ATOM   995  N  N   . ALA A 1 209 ? 7.220   12.138  -7.352  1.00 42.42  ? 209 ALA A N   1 
ATOM   996  C  CA  . ALA A 1 209 ? 5.914   11.648  -7.780  1.00 43.55  ? 209 ALA A CA  1 
ATOM   997  C  C   . ALA A 1 209 ? 5.557   10.344  -7.079  1.00 44.44  ? 209 ALA A C   1 
ATOM   998  O  O   . ALA A 1 209 ? 4.389   10.114  -6.749  1.00 40.59  ? 209 ALA A O   1 
ATOM   999  C  CB  . ALA A 1 209 ? 5.886   11.472  -9.299  1.00 42.29  ? 209 ALA A CB  1 
ATOM   1000 N  N   . ALA A 1 210 ? 6.550   9.481   -6.834  1.00 36.44  ? 210 ALA A N   1 
ATOM   1001 C  CA  . ALA A 1 210 ? 6.284   8.238   -6.115  1.00 40.24  ? 210 ALA A CA  1 
ATOM   1002 C  C   . ALA A 1 210 ? 5.894   8.515   -4.667  1.00 31.14  ? 210 ALA A C   1 
ATOM   1003 O  O   . ALA A 1 210 ? 4.971   7.885   -4.131  1.00 33.04  ? 210 ALA A O   1 
ATOM   1004 C  CB  . ALA A 1 210 ? 7.509   7.324   -6.181  1.00 33.76  ? 210 ALA A CB  1 
ATOM   1005 N  N   . GLU A 1 211 ? 6.593   9.451   -4.020  1.00 32.32  ? 211 GLU A N   1 
ATOM   1006 C  CA  . GLU A 1 211 ? 6.219   9.872   -2.675  1.00 38.07  ? 211 GLU A CA  1 
ATOM   1007 C  C   . GLU A 1 211 ? 4.786   10.389  -2.642  1.00 37.47  ? 211 GLU A C   1 
ATOM   1008 O  O   . GLU A 1 211 ? 4.000   10.013  -1.761  1.00 36.12  ? 211 GLU A O   1 
ATOM   1009 C  CB  . GLU A 1 211 ? 7.193   10.945  -2.186  1.00 35.37  ? 211 GLU A CB  1 
ATOM   1010 C  CG  . GLU A 1 211 ? 7.069   11.314  -0.717  1.00 57.06  ? 211 GLU A CG  1 
ATOM   1011 C  CD  . GLU A 1 211 ? 8.107   12.339  -0.293  1.00 76.66  ? 211 GLU A CD  1 
ATOM   1012 O  OE1 . GLU A 1 211 ? 7.940   13.532  -0.627  1.00 86.08  ? 211 GLU A OE1 1 
ATOM   1013 O  OE2 . GLU A 1 211 ? 9.094   11.949  0.365   1.00 80.80  ? 211 GLU A OE2 1 
ATOM   1014 N  N   . GLN A 1 212 ? 4.427   11.243  -3.606  1.00 39.81  ? 212 GLN A N   1 
ATOM   1015 C  CA  . GLN A 1 212 ? 3.078   11.800  -3.643  1.00 42.97  ? 212 GLN A CA  1 
ATOM   1016 C  C   . GLN A 1 212 ? 2.031   10.718  -3.881  1.00 42.16  ? 212 GLN A C   1 
ATOM   1017 O  O   . GLN A 1 212 ? 0.952   10.747  -3.277  1.00 43.95  ? 212 GLN A O   1 
ATOM   1018 C  CB  . GLN A 1 212 ? 2.989   12.879  -4.721  1.00 41.51  ? 212 GLN A CB  1 
ATOM   1019 C  CG  . GLN A 1 212 ? 1.747   13.749  -4.631  1.00 61.98  ? 212 GLN A CG  1 
ATOM   1020 C  CD  . GLN A 1 212 ? 1.663   14.510  -3.321  1.00 76.25  ? 212 GLN A CD  1 
ATOM   1021 O  OE1 . GLN A 1 212 ? 2.670   15.003  -2.812  1.00 80.11  ? 212 GLN A OE1 1 
ATOM   1022 N  NE2 . GLN A 1 212 ? 0.458   14.611  -2.773  1.00 77.25  ? 212 GLN A NE2 1 
ATOM   1023 N  N   . ALA A 1 213 ? 2.327   9.756   -4.759  1.00 36.46  ? 213 ALA A N   1 
ATOM   1024 C  CA  . ALA A 1 213 ? 1.386   8.669   -5.006  1.00 39.00  ? 213 ALA A CA  1 
ATOM   1025 C  C   . ALA A 1 213 ? 1.167   7.831   -3.751  1.00 42.96  ? 213 ALA A C   1 
ATOM   1026 O  O   . ALA A 1 213 ? 0.027   7.459   -3.430  1.00 36.66  ? 213 ALA A O   1 
ATOM   1027 C  CB  . ALA A 1 213 ? 1.888   7.795   -6.157  1.00 40.90  ? 213 ALA A CB  1 
ATOM   1028 N  N   . ALA A 1 214 ? 2.249   7.522   -3.027  1.00 33.12  ? 214 ALA A N   1 
ATOM   1029 C  CA  . ALA A 1 214 ? 2.111   6.783   -1.774  1.00 37.83  ? 214 ALA A CA  1 
ATOM   1030 C  C   . ALA A 1 214 ? 1.282   7.561   -0.757  1.00 33.96  ? 214 ALA A C   1 
ATOM   1031 O  O   . ALA A 1 214 ? 0.406   6.995   -0.086  1.00 36.51  ? 214 ALA A O   1 
ATOM   1032 C  CB  . ALA A 1 214 ? 3.493   6.460   -1.204  1.00 33.89  ? 214 ALA A CB  1 
ATOM   1033 N  N   . LEU A 1 215 ? 1.550   8.864   -0.626  1.00 32.40  ? 215 LEU A N   1 
ATOM   1034 C  CA  . LEU A 1 215 ? 0.798   9.688   0.315   1.00 37.14  ? 215 LEU A CA  1 
ATOM   1035 C  C   . LEU A 1 215 ? -0.683  9.711   -0.038  1.00 45.37  ? 215 LEU A C   1 
ATOM   1036 O  O   . LEU A 1 215 ? -1.544  9.605   0.847   1.00 39.05  ? 215 LEU A O   1 
ATOM   1037 C  CB  . LEU A 1 215 ? 1.370   11.107  0.337   1.00 36.73  ? 215 LEU A CB  1 
ATOM   1038 C  CG  . LEU A 1 215 ? 2.719   11.274  1.040   1.00 33.25  ? 215 LEU A CG  1 
ATOM   1039 C  CD1 . LEU A 1 215 ? 3.316   12.642  0.752   1.00 37.06  ? 215 LEU A CD1 1 
ATOM   1040 C  CD2 . LEU A 1 215 ? 2.562   11.063  2.538   1.00 34.87  ? 215 LEU A CD2 1 
ATOM   1041 N  N   . THR A 1 216 ? -0.997  9.846   -1.330  1.00 41.31  ? 216 THR A N   1 
ATOM   1042 C  CA  . THR A 1 216 ? -2.386  9.815   -1.771  1.00 37.08  ? 216 THR A CA  1 
ATOM   1043 C  C   . THR A 1 216 ? -3.042  8.489   -1.416  1.00 39.69  ? 216 THR A C   1 
ATOM   1044 O  O   . THR A 1 216 ? -4.191  8.460   -0.957  1.00 39.78  ? 216 THR A O   1 
ATOM   1045 C  CB  . THR A 1 216 ? -2.465  10.062  -3.280  1.00 44.23  ? 216 THR A CB  1 
ATOM   1046 O  OG1 . THR A 1 216 ? -1.855  11.319  -3.594  1.00 42.34  ? 216 THR A OG1 1 
ATOM   1047 C  CG2 . THR A 1 216 ? -3.912  10.084  -3.745  1.00 44.35  ? 216 THR A CG2 1 
HETATM 1048 N  N   . MSE A 1 217 ? -2.331  7.383   -1.616  1.00 33.12  ? 217 MSE A N   1 
HETATM 1049 C  CA  . MSE A 1 217 ? -2.904  6.077   -1.295  1.00 35.54  ? 217 MSE A CA  1 
HETATM 1050 C  C   . MSE A 1 217 ? -3.196  5.935   0.201   1.00 45.81  ? 217 MSE A C   1 
HETATM 1051 O  O   . MSE A 1 217 ? -4.233  5.392   0.596   1.00 39.50  ? 217 MSE A O   1 
HETATM 1052 C  CB  . MSE A 1 217 ? -1.981  4.948   -1.753  1.00 35.51  ? 217 MSE A CB  1 
HETATM 1053 C  CG  . MSE A 1 217 ? -1.924  4.778   -3.259  1.00 43.38  ? 217 MSE A CG  1 
HETATM 1054 SE SE  . MSE A 1 217 ? -0.202  4.116   -3.875  0.42 40.85  ? 217 MSE A SE  1 
HETATM 1055 C  CE  . MSE A 1 217 ? -0.458  2.245   -3.416  1.00 36.98  ? 217 MSE A CE  1 
ATOM   1056 N  N   . ILE A 1 218 ? -2.278  6.432   1.033   1.00 36.04  ? 218 ILE A N   1 
ATOM   1057 C  CA  . ILE A 1 218 ? -2.490  6.359   2.479   1.00 37.84  ? 218 ILE A CA  1 
ATOM   1058 C  C   . ILE A 1 218 ? -3.668  7.237   2.891   1.00 40.44  ? 218 ILE A C   1 
ATOM   1059 O  O   . ILE A 1 218 ? -4.487  6.847   3.731   1.00 41.80  ? 218 ILE A O   1 
ATOM   1060 C  CB  . ILE A 1 218 ? -1.205  6.741   3.234   1.00 39.92  ? 218 ILE A CB  1 
ATOM   1061 C  CG1 . ILE A 1 218 ? -0.080  5.763   2.894   1.00 34.93  ? 218 ILE A CG1 1 
ATOM   1062 C  CG2 . ILE A 1 218 ? -1.454  6.756   4.744   1.00 37.62  ? 218 ILE A CG2 1 
ATOM   1063 C  CD1 . ILE A 1 218 ? 1.302   6.278   3.241   1.00 34.51  ? 218 ILE A CD1 1 
ATOM   1064 N  N   . ALA A 1 219 ? -3.779  8.430   2.300   1.00 37.96  ? 219 ALA A N   1 
ATOM   1065 C  CA  . ALA A 1 219 ? -4.896  9.312   2.627   1.00 46.79  ? 219 ALA A CA  1 
ATOM   1066 C  C   . ALA A 1 219 ? -6.228  8.695   2.216   1.00 55.12  ? 219 ALA A C   1 
ATOM   1067 O  O   . ALA A 1 219 ? -7.220  8.801   2.949   1.00 55.92  ? 219 ALA A O   1 
ATOM   1068 C  CB  . ALA A 1 219 ? -4.704  10.673  1.959   1.00 48.30  ? 219 ALA A CB  1 
ATOM   1069 N  N   . SER A 1 220 ? -6.268  8.042   1.052   1.00 43.86  ? 220 SER A N   1 
ATOM   1070 C  CA  . SER A 1 220 ? -7.497  7.393   0.607   1.00 45.81  ? 220 SER A CA  1 
ATOM   1071 C  C   . SER A 1 220 ? -7.833  6.182   1.466   1.00 58.61  ? 220 SER A C   1 
ATOM   1072 O  O   . SER A 1 220 ? -9.012  5.906   1.715   1.00 56.53  ? 220 SER A O   1 
ATOM   1073 C  CB  . SER A 1 220 ? -7.377  6.985   -0.862  1.00 47.76  ? 220 SER A CB  1 
ATOM   1074 O  OG  . SER A 1 220 ? -7.318  8.123   -1.704  1.00 54.23  ? 220 SER A OG  1 
ATOM   1075 N  N   . SER A 1 221 ? -6.817  5.444   1.920   1.00 49.45  ? 221 SER A N   1 
ATOM   1076 C  CA  . SER A 1 221 ? -7.055  4.348   2.850   1.00 48.77  ? 221 SER A CA  1 
ATOM   1077 C  C   . SER A 1 221 ? -7.606  4.866   4.173   1.00 69.47  ? 221 SER A C   1 
ATOM   1078 O  O   . SER A 1 221 ? -8.471  4.229   4.786   1.00 64.64  ? 221 SER A O   1 
ATOM   1079 C  CB  . SER A 1 221 ? -5.760  3.567   3.073   1.00 49.76  ? 221 SER A CB  1 
ATOM   1080 O  OG  . SER A 1 221 ? -5.879  2.682   4.170   1.00 60.32  ? 221 SER A OG  1 
ATOM   1081 N  N   . THR A 1 222 ? -7.124  6.029   4.619   1.00 65.96  ? 222 THR A N   1 
ATOM   1082 C  CA  . THR A 1 222 ? -7.579  6.590   5.887   1.00 72.32  ? 222 THR A CA  1 
ATOM   1083 C  C   . THR A 1 222 ? -9.000  7.134   5.781   1.00 83.42  ? 222 THR A C   1 
ATOM   1084 O  O   . THR A 1 222 ? -9.796  6.986   6.717   1.00 80.77  ? 222 THR A O   1 
ATOM   1085 C  CB  . THR A 1 222 ? -6.617  7.689   6.346   1.00 59.42  ? 222 THR A CB  1 
ATOM   1086 O  OG1 . THR A 1 222 ? -5.312  7.130   6.551   1.00 74.33  ? 222 THR A OG1 1 
ATOM   1087 C  CG2 . THR A 1 222 ? -7.097  8.325   7.645   1.00 76.32  ? 222 THR A CG2 1 
ATOM   1088 N  N   . ARG A 1 223 ? -9.341  7.753   4.644   1.00 75.86  ? 223 ARG A N   1 
ATOM   1089 C  CA  . ARG A 1 223 ? -10.650 8.387   4.494   1.00 77.61  ? 223 ARG A CA  1 
ATOM   1090 C  C   . ARG A 1 223 ? -11.802 7.402   4.643   1.00 86.89  ? 223 ARG A C   1 
ATOM   1091 O  O   . ARG A 1 223 ? -12.929 7.826   4.928   1.00 79.01  ? 223 ARG A O   1 
ATOM   1092 C  CB  . ARG A 1 223 ? -10.747 9.096   3.141   1.00 79.61  ? 223 ARG A CB  1 
ATOM   1093 C  CG  . ARG A 1 223 ? -10.224 10.527  3.154   1.00 85.10  ? 223 ARG A CG  1 
ATOM   1094 C  CD  . ARG A 1 223 ? -11.138 11.473  2.380   1.00 85.54  ? 223 ARG A CD  1 
ATOM   1095 N  NE  . ARG A 1 223 ? -12.531 11.379  2.811   1.00 101.79 ? 223 ARG A NE  1 
ATOM   1096 C  CZ  . ARG A 1 223 ? -13.038 12.014  3.865   1.00 105.26 ? 223 ARG A CZ  1 
ATOM   1097 N  NH1 . ARG A 1 223 ? -14.319 11.866  4.176   1.00 95.48  ? 223 ARG A NH1 1 
ATOM   1098 N  NH2 . ARG A 1 223 ? -12.266 12.797  4.609   1.00 92.06  ? 223 ARG A NH2 1 
ATOM   1099 N  N   . ARG A 1 224 ? -11.555 6.107   4.456   1.00 81.09  ? 224 ARG A N   1 
ATOM   1100 C  CA  . ARG A 1 224 ? -12.571 5.106   4.757   1.00 88.52  ? 224 ARG A CA  1 
ATOM   1101 C  C   . ARG A 1 224 ? -12.747 4.991   6.266   1.00 91.76  ? 224 ARG A C   1 
ATOM   1102 O  O   . ARG A 1 224 ? -13.777 5.402   6.811   1.00 91.95  ? 224 ARG A O   1 
ATOM   1103 C  CB  . ARG A 1 224 ? -12.194 3.754   4.152   1.00 86.01  ? 224 ARG A CB  1 
ATOM   1104 C  CG  . ARG A 1 224 ? -11.795 3.825   2.688   1.00 78.62  ? 224 ARG A CG  1 
ATOM   1105 C  CD  . ARG A 1 224 ? -11.735 2.437   2.077   1.00 84.94  ? 224 ARG A CD  1 
ATOM   1106 N  NE  . ARG A 1 224 ? -10.959 2.413   0.841   1.00 88.69  ? 224 ARG A NE  1 
ATOM   1107 C  CZ  . ARG A 1 224 ? -10.676 1.305   0.165   1.00 98.29  ? 224 ARG A CZ  1 
ATOM   1108 N  NH1 . ARG A 1 224 ? -11.105 0.130   0.608   1.00 94.78  ? 224 ARG A NH1 1 
ATOM   1109 N  NH2 . ARG A 1 224 ? -9.963  1.368   -0.951  1.00 95.94  ? 224 ARG A NH2 1 
HETATM 1110 ZN ZN  . ZN  B 2 .   ? -3.199  -1.616  -2.601  1.00 53.50  ? 301 ZN  A ZN  1 
HETATM 1111 S  S   . SO4 C 3 .   ? -4.871  -0.011  1.559   1.00 52.51  ? 302 SO4 A S   1 
HETATM 1112 O  O1  . SO4 C 3 .   ? -3.985  0.510   2.597   1.00 53.42  ? 302 SO4 A O1  1 
HETATM 1113 O  O2  . SO4 C 3 .   ? -4.419  -1.338  1.155   1.00 53.52  ? 302 SO4 A O2  1 
HETATM 1114 O  O3  . SO4 C 3 .   ? -6.232  -0.097  2.080   1.00 53.22  ? 302 SO4 A O3  1 
HETATM 1115 O  O4  . SO4 C 3 .   ? -4.846  0.885   0.406   1.00 51.32  ? 302 SO4 A O4  1 
HETATM 1116 C  C1  . PGE D 4 .   ? 1.819   2.107   -0.520  1.00 54.01  ? 303 PGE A C1  1 
HETATM 1117 O  O1  . PGE D 4 .   ? 1.524   3.353   0.107   1.00 54.71  ? 303 PGE A O1  1 
HETATM 1118 C  C2  . PGE D 4 .   ? 3.223   2.136   -1.095  1.00 53.53  ? 303 PGE A C2  1 
HETATM 1119 O  O2  . PGE D 4 .   ? 3.646   0.806   -1.339  1.00 61.14  ? 303 PGE A O2  1 
HETATM 1120 C  C3  . PGE D 4 .   ? 4.700   0.388   -0.496  1.00 56.23  ? 303 PGE A C3  1 
HETATM 1121 C  C4  . PGE D 4 .   ? 4.660   -1.122  -0.357  1.00 55.58  ? 303 PGE A C4  1 
HETATM 1122 O  O4  . PGE D 4 .   ? 3.192   -4.313  2.165   1.00 73.22  ? 303 PGE A O4  1 
HETATM 1123 C  C6  . PGE D 4 .   ? 2.637   -3.020  1.959   1.00 60.71  ? 303 PGE A C6  1 
HETATM 1124 C  C5  . PGE D 4 .   ? 3.754   -2.060  1.609   1.00 51.60  ? 303 PGE A C5  1 
HETATM 1125 O  O3  . PGE D 4 .   ? 3.491   -1.490  0.346   1.00 60.23  ? 303 PGE A O3  1 
HETATM 1126 O  O   . HOH E 5 .   ? 2.300   -11.026 -11.221 1.00 69.46  ? 401 HOH A O   1 
HETATM 1127 O  O   . HOH E 5 .   ? 16.301  -6.369  -10.182 1.00 67.04  ? 402 HOH A O   1 
HETATM 1128 O  O   . HOH E 5 .   ? 9.164   9.394   4.568   1.00 44.53  ? 403 HOH A O   1 
HETATM 1129 O  O   . HOH E 5 .   ? 2.265   9.077   -10.687 1.00 60.37  ? 404 HOH A O   1 
HETATM 1130 O  O   . HOH E 5 .   ? 4.762   0.678   -18.385 1.00 51.46  ? 405 HOH A O   1 
HETATM 1131 O  O   . HOH E 5 .   ? 5.213   -5.542  -19.057 1.00 58.81  ? 406 HOH A O   1 
HETATM 1132 O  O   . HOH E 5 .   ? 12.901  -9.209  4.450   1.00 39.05  ? 407 HOH A O   1 
HETATM 1133 O  O   . HOH E 5 .   ? 11.137  13.362  1.193   1.00 63.05  ? 408 HOH A O   1 
HETATM 1134 O  O   . HOH E 5 .   ? 2.329   10.828  -8.283  1.00 50.85  ? 409 HOH A O   1 
HETATM 1135 O  O   . HOH E 5 .   ? 15.076  2.893   -10.575 1.00 47.96  ? 410 HOH A O   1 
HETATM 1136 O  O   . HOH E 5 .   ? -1.144  10.516  3.339   1.00 40.18  ? 411 HOH A O   1 
HETATM 1137 O  O   . HOH E 5 .   ? 4.685   10.739  9.169   1.00 41.42  ? 412 HOH A O   1 
HETATM 1138 O  O   . HOH E 5 .   ? 10.306  -6.393  -7.719  1.00 55.20  ? 413 HOH A O   1 
HETATM 1139 O  O   . HOH E 5 .   ? 3.896   -0.784  5.402   1.00 38.86  ? 414 HOH A O   1 
HETATM 1140 O  O   . HOH E 5 .   ? -8.283  4.618   22.663  1.00 57.04  ? 415 HOH A O   1 
HETATM 1141 O  O   . HOH E 5 .   ? -1.340  7.147   -5.906  1.00 39.40  ? 416 HOH A O   1 
HETATM 1142 O  O   . HOH E 5 .   ? 18.852  5.045   -3.716  1.00 60.57  ? 417 HOH A O   1 
HETATM 1143 O  O   . HOH E 5 .   ? -7.141  3.183   25.816  1.00 54.10  ? 418 HOH A O   1 
HETATM 1144 O  O   . HOH E 5 .   ? -0.130  8.306   -13.638 1.00 55.07  ? 419 HOH A O   1 
HETATM 1145 O  O   . HOH E 5 .   ? 13.293  -5.147  0.223   1.00 47.72  ? 420 HOH A O   1 
HETATM 1146 O  O   . HOH E 5 .   ? -6.026  -10.071 21.185  1.00 81.51  ? 421 HOH A O   1 
HETATM 1147 O  O   . HOH E 5 .   ? -1.151  11.434  11.816  1.00 51.48  ? 422 HOH A O   1 
HETATM 1148 O  O   . HOH E 5 .   ? 4.961   -7.034  -16.881 1.00 54.29  ? 423 HOH A O   1 
HETATM 1149 O  O   . HOH E 5 .   ? 1.209   11.951  9.200   1.00 56.86  ? 424 HOH A O   1 
HETATM 1150 O  O   . HOH E 5 .   ? -13.579 5.349   -7.192  1.00 53.96  ? 425 HOH A O   1 
HETATM 1151 O  O   . HOH E 5 .   ? -4.041  4.582   8.393   1.00 61.22  ? 426 HOH A O   1 
HETATM 1152 O  O   . HOH E 5 .   ? -5.699  4.346   21.244  1.00 53.97  ? 427 HOH A O   1 
HETATM 1153 O  O   . HOH E 5 .   ? 3.225   -10.747 10.336  1.00 72.51  ? 428 HOH A O   1 
HETATM 1154 O  O   . HOH E 5 .   ? -11.280 0.061   16.232  1.00 68.05  ? 429 HOH A O   1 
HETATM 1155 O  O   . HOH E 5 .   ? -2.945  10.491  5.600   1.00 49.09  ? 430 HOH A O   1 
HETATM 1156 O  O   . HOH E 5 .   ? 6.725   11.872  8.001   1.00 55.17  ? 431 HOH A O   1 
HETATM 1157 O  O   . HOH E 5 .   ? 4.681   -9.131  12.082  1.00 66.73  ? 432 HOH A O   1 
# 
